data_7BSM
#
_entry.id   7BSM
#
_cell.length_a   170.359
_cell.length_b   170.359
_cell.length_c   192.499
_cell.angle_alpha   90.000
_cell.angle_beta   90.000
_cell.angle_gamma   90.000
#
_symmetry.space_group_name_H-M   'P 41 21 2'
#
loop_
_entity.id
_entity.type
_entity.pdbx_description
1 polymer lectin
2 branched alpha-D-mannopyranose-(1-2)-alpha-D-mannopyranose
3 non-polymer alpha-D-mannopyranose
4 non-polymer ALANINE
#
_entity_poly.entity_id   1
_entity_poly.type   'polypeptide(L)'
_entity_poly.pdbx_seq_one_letter_code
;MAQNDNYIYSTEVGGVGGTPFTFMQESGTITSIKFNWSDQYKLLHHIEVKFINNANIYATGDPKGNHEVILEIDDDETII
GSVIGYKKGNDGRCTGVKLTTSKGKSIMAGYFEESLITTYTGKLAGIKGGAGSDIDRLGLIFLKK
;
_entity_poly.pdbx_strand_id   A,B,C,D,E,F,G,H,I,J,K,L,M,N
#
# COMPACT_ATOMS: atom_id res chain seq x y z
N ASP A 5 -27.09 37.90 -17.67
CA ASP A 5 -26.53 38.63 -16.49
C ASP A 5 -25.05 38.91 -16.77
N ASN A 6 -24.31 39.36 -15.75
CA ASN A 6 -22.80 39.47 -15.70
C ASN A 6 -22.22 38.23 -14.98
N TYR A 7 -23.05 37.22 -14.71
CA TYR A 7 -22.74 36.08 -13.78
C TYR A 7 -22.73 34.76 -14.56
N ILE A 8 -21.88 33.83 -14.15
CA ILE A 8 -21.81 32.42 -14.62
C ILE A 8 -22.35 31.51 -13.51
N TYR A 9 -23.35 30.70 -13.80
CA TYR A 9 -23.97 29.80 -12.78
C TYR A 9 -23.44 28.37 -13.00
N SER A 10 -22.68 27.85 -12.05
CA SER A 10 -22.26 26.44 -12.15
C SER A 10 -23.44 25.59 -11.71
N THR A 11 -23.56 24.40 -12.27
CA THR A 11 -24.63 23.42 -11.90
C THR A 11 -24.82 23.35 -10.39
N GLU A 12 -26.06 23.53 -9.94
CA GLU A 12 -26.48 23.15 -8.57
C GLU A 12 -26.43 21.63 -8.54
N VAL A 13 -25.62 21.02 -7.66
CA VAL A 13 -25.51 19.55 -7.56
C VAL A 13 -26.10 19.13 -6.21
N GLY A 14 -26.65 17.91 -6.20
CA GLY A 14 -27.26 17.26 -5.04
C GLY A 14 -28.74 17.01 -5.29
N GLY A 15 -29.54 17.08 -4.23
CA GLY A 15 -30.94 16.72 -4.26
C GLY A 15 -31.86 17.94 -4.41
N VAL A 16 -33.15 17.71 -4.28
CA VAL A 16 -34.22 18.70 -4.60
C VAL A 16 -34.82 19.20 -3.26
N GLY A 17 -34.43 18.58 -2.14
CA GLY A 17 -34.90 18.93 -0.79
C GLY A 17 -34.50 20.34 -0.30
N GLY A 18 -34.82 20.62 0.97
CA GLY A 18 -34.44 21.82 1.74
C GLY A 18 -35.07 23.13 1.29
N THR A 19 -34.87 24.16 2.10
CA THR A 19 -35.30 25.56 1.90
C THR A 19 -34.36 26.24 0.91
N PRO A 20 -34.87 26.85 -0.18
CA PRO A 20 -34.02 27.64 -1.09
C PRO A 20 -33.16 28.71 -0.40
N PHE A 21 -32.02 29.03 -0.99
CA PHE A 21 -31.16 30.17 -0.62
C PHE A 21 -30.50 30.70 -1.89
N THR A 22 -30.34 32.02 -1.98
CA THR A 22 -29.52 32.68 -3.01
C THR A 22 -28.81 33.85 -2.36
N PHE A 23 -27.47 33.77 -2.29
CA PHE A 23 -26.58 34.77 -1.68
C PHE A 23 -25.71 35.39 -2.77
N MET A 24 -26.06 36.58 -3.25
CA MET A 24 -25.24 37.40 -4.20
C MET A 24 -25.35 38.87 -3.86
N GLN A 25 -24.42 39.65 -4.41
CA GLN A 25 -24.36 41.12 -4.25
C GLN A 25 -24.11 41.73 -5.62
N GLU A 26 -24.88 42.76 -5.96
CA GLU A 26 -24.79 43.42 -7.28
C GLU A 26 -23.34 43.94 -7.43
N SER A 27 -22.78 44.81 -6.66
CA SER A 27 -21.44 45.20 -7.15
C SER A 27 -20.40 44.63 -6.19
N GLY A 28 -20.57 43.38 -5.74
CA GLY A 28 -19.75 42.79 -4.64
C GLY A 28 -19.36 41.34 -4.94
N THR A 29 -18.37 40.84 -4.19
CA THR A 29 -17.87 39.43 -4.32
C THR A 29 -17.66 38.84 -2.92
N ILE A 30 -17.54 37.51 -2.82
CA ILE A 30 -17.29 36.76 -1.55
C ILE A 30 -15.82 36.97 -1.14
N THR A 31 -15.60 37.35 0.12
CA THR A 31 -14.27 37.45 0.80
C THR A 31 -14.06 36.36 1.82
N SER A 32 -15.12 35.69 2.26
CA SER A 32 -14.98 34.61 3.27
C SER A 32 -16.08 33.58 3.05
N ILE A 33 -15.73 32.29 3.10
CA ILE A 33 -16.74 31.20 2.93
C ILE A 33 -16.39 30.08 3.91
N LYS A 34 -17.39 29.55 4.60
CA LYS A 34 -17.18 28.55 5.67
C LYS A 34 -18.03 27.33 5.38
N PHE A 35 -17.47 26.13 5.55
CA PHE A 35 -18.19 24.84 5.36
C PHE A 35 -18.16 24.07 6.67
N ASN A 36 -19.30 23.55 7.09
CA ASN A 36 -19.50 22.78 8.35
C ASN A 36 -19.95 21.38 7.96
N TRP A 37 -19.29 20.33 8.46
CA TRP A 37 -19.62 18.94 8.04
C TRP A 37 -19.42 17.97 9.20
N SER A 38 -19.94 16.75 9.05
CA SER A 38 -19.88 15.72 10.12
C SER A 38 -19.18 14.46 9.63
N ASP A 39 -18.46 13.77 10.53
CA ASP A 39 -17.95 12.43 10.24
C ASP A 39 -19.12 11.46 10.39
N GLN A 40 -20.14 11.81 11.20
CA GLN A 40 -21.29 10.89 11.45
C GLN A 40 -22.01 10.56 10.15
N TYR A 41 -22.34 11.56 9.31
CA TYR A 41 -23.19 11.37 8.12
C TYR A 41 -22.40 11.57 6.82
N LYS A 42 -21.12 12.02 6.90
CA LYS A 42 -20.26 12.26 5.72
C LYS A 42 -20.98 13.21 4.73
N LEU A 43 -21.59 14.27 5.26
CA LEU A 43 -22.32 15.34 4.54
C LEU A 43 -21.85 16.71 5.00
N LEU A 44 -22.23 17.69 4.20
CA LEU A 44 -22.12 19.14 4.47
C LEU A 44 -23.45 19.50 5.13
N HIS A 45 -23.44 20.21 6.25
CA HIS A 45 -24.67 20.59 6.97
C HIS A 45 -24.94 22.10 6.89
N HIS A 46 -23.92 22.94 6.78
CA HIS A 46 -24.08 24.39 6.99
C HIS A 46 -23.01 25.14 6.20
N ILE A 47 -23.34 26.31 5.66
CA ILE A 47 -22.42 27.18 4.89
C ILE A 47 -22.69 28.61 5.34
N GLU A 48 -21.64 29.44 5.47
CA GLU A 48 -21.70 30.90 5.69
C GLU A 48 -20.87 31.61 4.63
N VAL A 49 -21.26 32.83 4.30
CA VAL A 49 -20.52 33.67 3.31
C VAL A 49 -20.56 35.11 3.81
N LYS A 50 -19.44 35.84 3.72
CA LYS A 50 -19.33 37.31 3.93
C LYS A 50 -18.95 37.89 2.56
N PHE A 51 -19.33 39.12 2.30
CA PHE A 51 -19.05 39.82 1.03
C PHE A 51 -18.18 41.04 1.31
N ILE A 52 -17.34 41.41 0.35
CA ILE A 52 -16.37 42.53 0.48
C ILE A 52 -17.09 43.74 1.07
N ASN A 53 -16.46 44.35 2.10
CA ASN A 53 -16.90 45.61 2.79
C ASN A 53 -18.25 45.43 3.51
N ASN A 54 -18.51 44.27 4.12
CA ASN A 54 -19.80 44.00 4.81
C ASN A 54 -19.60 42.82 5.78
N ALA A 55 -19.57 43.18 7.06
CA ALA A 55 -19.34 42.33 8.23
C ALA A 55 -20.47 41.30 8.42
N ASN A 56 -21.61 41.53 7.77
CA ASN A 56 -22.81 40.64 7.89
C ASN A 56 -22.56 39.28 7.21
N ILE A 57 -23.04 38.25 7.90
CA ILE A 57 -22.84 36.81 7.65
C ILE A 57 -24.18 36.25 7.10
N TYR A 58 -24.13 35.75 5.87
CA TYR A 58 -25.26 35.05 5.24
C TYR A 58 -25.04 33.56 5.47
N ALA A 59 -25.96 32.92 6.18
CA ALA A 59 -25.82 31.49 6.59
C ALA A 59 -27.04 30.67 6.16
N THR A 60 -26.86 29.37 6.00
CA THR A 60 -27.92 28.42 5.59
C THR A 60 -27.56 27.02 6.10
N GLY A 61 -28.56 26.21 6.41
CA GLY A 61 -28.40 24.87 6.99
C GLY A 61 -28.16 24.91 8.47
N ASP A 62 -28.21 23.75 9.13
CA ASP A 62 -28.11 23.56 10.59
C ASP A 62 -26.63 23.34 10.92
N PRO A 63 -25.99 24.21 11.74
CA PRO A 63 -24.56 24.08 12.02
C PRO A 63 -24.21 22.96 13.01
N LYS A 64 -24.49 21.69 12.66
CA LYS A 64 -24.48 20.58 13.64
C LYS A 64 -23.26 19.68 13.44
N GLY A 65 -22.33 20.02 12.55
CA GLY A 65 -21.19 19.14 12.28
C GLY A 65 -20.05 19.37 13.25
N ASN A 66 -19.16 18.38 13.36
CA ASN A 66 -18.01 18.38 14.30
C ASN A 66 -16.80 19.11 13.69
N HIS A 67 -16.82 19.51 12.41
CA HIS A 67 -15.72 20.20 11.68
C HIS A 67 -16.21 21.48 10.95
N GLU A 68 -15.38 22.51 10.85
CA GLU A 68 -15.65 23.81 10.15
C GLU A 68 -14.34 24.19 9.42
N VAL A 69 -14.38 24.64 8.16
CA VAL A 69 -13.18 25.28 7.54
C VAL A 69 -13.60 26.59 6.90
N ILE A 70 -12.71 27.57 6.94
CA ILE A 70 -12.96 28.92 6.41
C ILE A 70 -11.86 29.23 5.42
N LEU A 71 -12.24 29.78 4.27
CA LEU A 71 -11.28 30.33 3.29
C LEU A 71 -11.53 31.83 3.18
N GLU A 72 -10.50 32.64 3.46
CA GLU A 72 -10.53 34.12 3.22
C GLU A 72 -9.98 34.36 1.82
N ILE A 73 -10.51 35.34 1.09
CA ILE A 73 -10.17 35.58 -0.33
C ILE A 73 -9.78 37.05 -0.52
N ASP A 74 -8.50 37.29 -0.83
CA ASP A 74 -7.92 38.62 -1.11
C ASP A 74 -8.76 39.17 -2.26
N ASP A 75 -8.82 40.49 -2.40
CA ASP A 75 -9.77 41.19 -3.29
C ASP A 75 -9.42 40.85 -4.77
N ASP A 76 -8.17 40.56 -5.12
CA ASP A 76 -7.75 40.29 -6.52
C ASP A 76 -7.64 38.78 -6.79
N GLU A 77 -8.12 37.92 -5.89
CA GLU A 77 -7.80 36.46 -5.84
C GLU A 77 -8.97 35.67 -6.45
N THR A 78 -8.65 34.76 -7.39
CA THR A 78 -9.66 33.95 -8.13
C THR A 78 -9.65 32.51 -7.65
N ILE A 79 -10.73 31.78 -7.91
CA ILE A 79 -10.76 30.29 -7.78
C ILE A 79 -10.26 29.72 -9.10
N ILE A 80 -9.16 28.98 -9.08
CA ILE A 80 -8.58 28.34 -10.30
C ILE A 80 -8.92 26.85 -10.33
N GLY A 81 -9.49 26.30 -9.27
CA GLY A 81 -9.87 24.89 -9.22
C GLY A 81 -10.90 24.65 -8.15
N SER A 82 -11.95 23.93 -8.48
CA SER A 82 -13.11 23.79 -7.56
C SER A 82 -13.77 22.45 -7.80
N VAL A 83 -13.93 21.68 -6.76
CA VAL A 83 -14.56 20.33 -6.81
C VAL A 83 -15.61 20.23 -5.71
N ILE A 84 -16.83 19.85 -6.08
CA ILE A 84 -17.90 19.57 -5.08
C ILE A 84 -18.26 18.09 -5.21
N GLY A 85 -18.27 17.41 -4.08
CA GLY A 85 -18.76 16.04 -3.98
C GLY A 85 -20.21 16.06 -3.58
N TYR A 86 -20.99 15.10 -4.07
CA TYR A 86 -22.44 15.01 -3.80
C TYR A 86 -22.93 13.59 -4.01
N LYS A 87 -24.06 13.26 -3.37
CA LYS A 87 -24.93 12.11 -3.71
C LYS A 87 -25.94 12.57 -4.74
N LYS A 88 -26.01 11.86 -5.88
CA LYS A 88 -26.91 12.19 -7.02
C LYS A 88 -28.29 11.68 -6.67
N GLY A 89 -29.32 12.12 -7.39
CA GLY A 89 -30.73 11.70 -7.17
C GLY A 89 -31.57 12.88 -6.73
N ASN A 90 -32.90 12.78 -6.83
CA ASN A 90 -33.87 13.74 -6.24
C ASN A 90 -33.64 13.75 -4.72
N ASP A 91 -33.30 12.62 -4.07
CA ASP A 91 -33.04 12.52 -2.62
C ASP A 91 -31.56 12.84 -2.31
N GLY A 92 -30.89 13.54 -3.20
CA GLY A 92 -29.44 13.82 -3.11
C GLY A 92 -29.05 14.79 -2.01
N ARG A 93 -27.75 15.03 -1.87
CA ARG A 93 -27.08 15.84 -0.83
C ARG A 93 -25.70 16.29 -1.32
N CYS A 94 -25.19 17.36 -0.77
CA CYS A 94 -23.79 17.83 -0.96
C CYS A 94 -22.87 17.24 0.11
N THR A 95 -21.74 16.66 -0.28
CA THR A 95 -20.90 15.76 0.53
C THR A 95 -19.58 16.43 0.91
N GLY A 96 -19.02 17.27 0.04
CA GLY A 96 -17.68 17.87 0.24
C GLY A 96 -17.39 18.98 -0.74
N VAL A 97 -16.44 19.85 -0.41
CA VAL A 97 -15.92 20.93 -1.30
C VAL A 97 -14.40 20.99 -1.13
N LYS A 98 -13.65 21.06 -2.25
CA LYS A 98 -12.21 21.41 -2.38
C LYS A 98 -12.19 22.70 -3.22
N LEU A 99 -11.57 23.77 -2.73
CA LEU A 99 -11.28 24.99 -3.55
C LEU A 99 -9.79 25.27 -3.52
N THR A 100 -9.26 25.78 -4.62
CA THR A 100 -7.85 26.22 -4.77
C THR A 100 -7.86 27.59 -5.43
N THR A 101 -7.09 28.53 -4.92
CA THR A 101 -7.11 29.93 -5.39
C THR A 101 -5.89 30.21 -6.26
N SER A 102 -5.90 31.40 -6.87
CA SER A 102 -4.85 31.93 -7.76
C SER A 102 -3.60 32.25 -6.97
N LYS A 103 -3.63 32.16 -5.63
CA LYS A 103 -2.46 32.46 -4.77
C LYS A 103 -2.01 31.19 -4.06
N GLY A 104 -2.55 30.03 -4.45
CA GLY A 104 -2.13 28.73 -3.91
C GLY A 104 -2.73 28.42 -2.56
N LYS A 105 -3.68 29.23 -2.09
CA LYS A 105 -4.47 28.89 -0.87
C LYS A 105 -5.40 27.76 -1.26
N SER A 106 -5.76 26.90 -0.33
CA SER A 106 -6.76 25.86 -0.62
C SER A 106 -7.46 25.38 0.65
N ILE A 107 -8.63 24.78 0.50
CA ILE A 107 -9.37 24.14 1.62
C ILE A 107 -10.02 22.87 1.11
N MET A 108 -10.33 21.98 2.02
CA MET A 108 -10.88 20.64 1.74
C MET A 108 -11.87 20.35 2.88
N ALA A 109 -13.12 20.08 2.56
CA ALA A 109 -14.21 19.96 3.54
C ALA A 109 -15.03 18.74 3.18
N GLY A 110 -15.24 17.86 4.17
CA GLY A 110 -16.13 16.68 4.00
C GLY A 110 -15.54 15.64 3.08
N TYR A 111 -16.39 14.91 2.35
CA TYR A 111 -16.11 13.58 1.77
C TYR A 111 -16.38 13.63 0.26
N PHE A 112 -15.79 12.68 -0.47
CA PHE A 112 -15.83 12.65 -1.95
C PHE A 112 -15.98 11.21 -2.42
N GLU A 113 -16.87 10.46 -1.79
CA GLU A 113 -17.02 9.00 -2.01
C GLU A 113 -17.98 8.71 -3.17
N GLU A 114 -18.91 9.58 -3.57
CA GLU A 114 -19.93 9.18 -4.60
C GLU A 114 -19.69 9.92 -5.92
N SER A 115 -20.12 11.18 -6.04
CA SER A 115 -20.12 11.92 -7.33
C SER A 115 -19.37 13.25 -7.18
N LEU A 116 -18.80 13.76 -8.27
CA LEU A 116 -17.91 14.96 -8.29
C LEU A 116 -18.34 15.88 -9.41
N ILE A 117 -18.20 17.18 -9.22
CA ILE A 117 -18.24 18.17 -10.34
C ILE A 117 -16.98 19.00 -10.18
N THR A 118 -16.24 19.18 -11.27
CA THR A 118 -15.18 20.20 -11.37
C THR A 118 -15.87 21.36 -12.05
N THR A 119 -15.99 22.47 -11.35
CA THR A 119 -16.78 23.61 -11.83
C THR A 119 -15.92 24.53 -12.70
N TYR A 120 -16.63 25.46 -13.32
CA TYR A 120 -16.12 26.72 -13.88
C TYR A 120 -15.25 27.41 -12.84
N THR A 121 -14.33 28.23 -13.34
CA THR A 121 -13.37 28.99 -12.52
C THR A 121 -13.67 30.48 -12.68
N GLY A 122 -13.05 31.31 -11.86
CA GLY A 122 -13.18 32.76 -11.93
C GLY A 122 -13.34 33.36 -10.55
N LYS A 123 -13.75 34.62 -10.48
CA LYS A 123 -13.93 35.37 -9.21
C LYS A 123 -15.24 34.88 -8.57
N LEU A 124 -15.17 34.22 -7.41
CA LEU A 124 -16.38 33.68 -6.74
C LEU A 124 -17.19 34.85 -6.15
N ALA A 125 -18.46 34.92 -6.57
CA ALA A 125 -19.41 36.06 -6.43
C ALA A 125 -20.62 35.68 -5.57
N GLY A 126 -21.04 34.42 -5.60
CA GLY A 126 -22.17 33.99 -4.77
C GLY A 126 -22.37 32.48 -4.79
N ILE A 127 -23.38 32.02 -4.08
CA ILE A 127 -23.81 30.61 -4.00
C ILE A 127 -25.35 30.56 -4.01
N LYS A 128 -25.92 29.46 -4.50
CA LYS A 128 -27.37 29.23 -4.48
C LYS A 128 -27.57 27.72 -4.30
N GLY A 129 -28.68 27.34 -3.69
CA GLY A 129 -29.04 25.92 -3.59
C GLY A 129 -30.16 25.74 -2.59
N GLY A 130 -30.17 24.60 -1.91
CA GLY A 130 -31.14 24.36 -0.83
C GLY A 130 -30.47 23.67 0.35
N ALA A 131 -30.96 23.97 1.55
CA ALA A 131 -30.44 23.46 2.83
C ALA A 131 -31.57 23.29 3.84
N GLY A 132 -31.41 22.33 4.75
CA GLY A 132 -32.26 22.12 5.93
C GLY A 132 -31.42 21.65 7.09
N SER A 133 -31.56 20.38 7.47
CA SER A 133 -30.62 19.69 8.39
C SER A 133 -29.24 19.55 7.71
N ASP A 134 -29.22 19.45 6.38
CA ASP A 134 -28.04 19.15 5.55
C ASP A 134 -27.97 20.19 4.44
N ILE A 135 -26.88 20.28 3.70
CA ILE A 135 -26.89 21.03 2.40
C ILE A 135 -27.42 20.07 1.36
N ASP A 136 -28.63 20.31 0.86
CA ASP A 136 -29.29 19.40 -0.11
C ASP A 136 -28.58 19.54 -1.45
N ARG A 137 -28.31 20.77 -1.83
CA ARG A 137 -27.89 21.11 -3.21
C ARG A 137 -27.09 22.41 -3.15
N LEU A 138 -26.03 22.52 -3.95
CA LEU A 138 -25.14 23.71 -3.93
C LEU A 138 -24.65 23.96 -5.34
N GLY A 139 -24.67 25.23 -5.75
CA GLY A 139 -24.11 25.70 -7.03
C GLY A 139 -23.35 27.00 -6.79
N LEU A 140 -22.15 27.08 -7.35
CA LEU A 140 -21.30 28.27 -7.18
C LEU A 140 -21.67 29.25 -8.31
N ILE A 141 -21.36 30.53 -8.09
CA ILE A 141 -21.65 31.64 -9.04
C ILE A 141 -20.41 32.54 -9.15
N PHE A 142 -19.97 32.79 -10.38
CA PHE A 142 -18.72 33.52 -10.71
C PHE A 142 -19.04 34.79 -11.50
N LEU A 143 -18.09 35.73 -11.61
CA LEU A 143 -18.16 36.94 -12.48
C LEU A 143 -17.70 36.60 -13.89
N LYS A 144 -17.44 37.61 -14.75
CA LYS A 144 -16.82 37.51 -16.12
C LYS A 144 -15.77 38.62 -16.25
N TYR B 7 -13.75 20.56 -38.12
CA TYR B 7 -13.91 19.46 -37.07
C TYR B 7 -12.85 18.36 -37.27
N ILE B 8 -12.29 17.84 -36.19
CA ILE B 8 -11.38 16.66 -36.12
C ILE B 8 -12.14 15.53 -35.41
N TYR B 9 -12.24 14.34 -36.00
CA TYR B 9 -12.94 13.17 -35.39
C TYR B 9 -11.92 12.21 -34.77
N SER B 10 -11.94 12.07 -33.46
CA SER B 10 -11.06 11.10 -32.79
C SER B 10 -11.70 9.71 -32.95
N THR B 11 -10.88 8.67 -33.08
CA THR B 11 -11.37 7.26 -33.14
C THR B 11 -12.49 6.99 -32.12
N GLU B 12 -13.61 6.51 -32.62
CA GLU B 12 -14.66 5.88 -31.80
C GLU B 12 -14.05 4.59 -31.28
N VAL B 13 -13.95 4.38 -29.97
CA VAL B 13 -13.42 3.10 -29.41
C VAL B 13 -14.56 2.37 -28.69
N GLY B 14 -14.44 1.05 -28.65
CA GLY B 14 -15.38 0.12 -27.98
C GLY B 14 -15.97 -0.84 -29.00
N GLY B 15 -17.24 -1.21 -28.78
CA GLY B 15 -17.93 -2.21 -29.59
C GLY B 15 -18.76 -1.57 -30.69
N VAL B 16 -19.50 -2.41 -31.40
CA VAL B 16 -20.30 -2.03 -32.60
C VAL B 16 -21.78 -1.98 -32.18
N GLY B 17 -22.11 -2.40 -30.95
CA GLY B 17 -23.47 -2.42 -30.40
C GLY B 17 -24.11 -1.03 -30.26
N GLY B 18 -25.33 -1.02 -29.68
CA GLY B 18 -26.10 0.18 -29.28
C GLY B 18 -26.61 1.06 -30.43
N THR B 19 -27.46 2.01 -30.08
CA THR B 19 -28.08 3.00 -30.97
C THR B 19 -27.08 4.13 -31.22
N PRO B 20 -26.75 4.47 -32.49
CA PRO B 20 -25.93 5.65 -32.78
C PRO B 20 -26.39 6.94 -32.12
N PHE B 21 -25.43 7.84 -31.85
CA PHE B 21 -25.66 9.21 -31.37
C PHE B 21 -24.56 10.09 -31.95
N THR B 22 -24.91 11.33 -32.28
CA THR B 22 -23.95 12.40 -32.64
C THR B 22 -24.47 13.69 -32.02
N PHE B 23 -23.68 14.26 -31.12
CA PHE B 23 -23.96 15.55 -30.43
C PHE B 23 -22.91 16.57 -30.89
N MET B 24 -23.24 17.44 -31.84
CA MET B 24 -22.45 18.66 -32.24
C MET B 24 -23.44 19.73 -32.71
N GLN B 25 -23.08 21.02 -32.58
CA GLN B 25 -24.01 22.18 -32.80
C GLN B 25 -23.29 23.32 -33.52
N GLU B 26 -23.83 23.74 -34.68
CA GLU B 26 -23.22 24.78 -35.55
C GLU B 26 -22.81 25.97 -34.67
N SER B 27 -21.58 26.45 -34.90
CA SER B 27 -20.91 27.62 -34.28
C SER B 27 -20.95 27.53 -32.74
N GLY B 28 -20.95 26.33 -32.16
CA GLY B 28 -21.01 26.13 -30.68
C GLY B 28 -20.03 25.02 -30.24
N THR B 29 -19.72 24.97 -28.94
CA THR B 29 -18.79 23.98 -28.31
C THR B 29 -19.39 23.50 -26.98
N ILE B 30 -18.88 22.39 -26.44
CA ILE B 30 -19.35 21.79 -25.14
C ILE B 30 -18.87 22.66 -23.96
N THR B 31 -19.80 23.02 -23.06
CA THR B 31 -19.53 23.71 -21.76
C THR B 31 -19.73 22.76 -20.57
N SER B 32 -20.43 21.65 -20.75
CA SER B 32 -20.62 20.70 -19.62
C SER B 32 -20.74 19.28 -20.17
N ILE B 33 -20.09 18.32 -19.52
CA ILE B 33 -20.18 16.88 -19.90
C ILE B 33 -20.25 16.05 -18.62
N LYS B 34 -21.12 15.06 -18.58
CA LYS B 34 -21.33 14.22 -17.38
C LYS B 34 -21.16 12.75 -17.76
N PHE B 35 -20.46 11.96 -16.96
CA PHE B 35 -20.22 10.53 -17.17
C PHE B 35 -20.78 9.76 -15.98
N ASN B 36 -21.55 8.72 -16.25
CA ASN B 36 -22.22 7.87 -15.23
C ASN B 36 -21.67 6.45 -15.37
N TRP B 37 -21.20 5.84 -14.28
CA TRP B 37 -20.56 4.51 -14.37
C TRP B 37 -20.86 3.67 -13.12
N SER B 38 -20.59 2.37 -13.19
CA SER B 38 -20.89 1.43 -12.08
C SER B 38 -19.63 0.70 -11.63
N ASP B 39 -19.53 0.39 -10.34
CA ASP B 39 -18.49 -0.55 -9.84
C ASP B 39 -18.98 -1.96 -10.17
N GLN B 40 -20.29 -2.17 -10.33
CA GLN B 40 -20.85 -3.53 -10.60
C GLN B 40 -20.27 -4.08 -11.91
N TYR B 41 -20.29 -3.32 -13.00
CA TYR B 41 -19.91 -3.80 -14.34
C TYR B 41 -18.58 -3.16 -14.83
N LYS B 42 -18.02 -2.19 -14.09
CA LYS B 42 -16.77 -1.48 -14.47
C LYS B 42 -16.90 -0.91 -15.91
N LEU B 43 -18.05 -0.31 -16.22
CA LEU B 43 -18.40 0.32 -17.50
C LEU B 43 -18.97 1.73 -17.31
N LEU B 44 -18.85 2.57 -18.31
CA LEU B 44 -19.73 3.75 -18.52
C LEU B 44 -21.11 3.28 -19.00
N HIS B 45 -22.18 3.88 -18.47
CA HIS B 45 -23.58 3.59 -18.84
C HIS B 45 -24.25 4.78 -19.52
N HIS B 46 -23.90 6.02 -19.19
CA HIS B 46 -24.71 7.19 -19.62
C HIS B 46 -23.81 8.41 -19.73
N ILE B 47 -24.09 9.29 -20.69
CA ILE B 47 -23.35 10.56 -20.90
C ILE B 47 -24.41 11.64 -21.17
N GLU B 48 -24.23 12.85 -20.63
CA GLU B 48 -25.01 14.06 -20.99
C GLU B 48 -24.05 15.19 -21.38
N VAL B 49 -24.49 16.08 -22.25
CA VAL B 49 -23.66 17.18 -22.80
C VAL B 49 -24.56 18.42 -22.92
N LYS B 50 -24.07 19.61 -22.56
CA LYS B 50 -24.71 20.93 -22.84
C LYS B 50 -23.73 21.72 -23.70
N PHE B 51 -24.23 22.62 -24.52
CA PHE B 51 -23.40 23.44 -25.43
C PHE B 51 -23.56 24.91 -25.05
N ILE B 52 -22.53 25.72 -25.28
CA ILE B 52 -22.60 27.19 -25.06
C ILE B 52 -23.85 27.70 -25.81
N ASN B 53 -24.64 28.59 -25.17
CA ASN B 53 -25.84 29.26 -25.73
C ASN B 53 -26.97 28.27 -26.02
N ASN B 54 -27.16 27.23 -25.20
CA ASN B 54 -28.20 26.20 -25.46
C ASN B 54 -28.48 25.42 -24.18
N ALA B 55 -29.62 25.75 -23.57
CA ALA B 55 -30.10 25.23 -22.27
C ALA B 55 -30.51 23.76 -22.38
N ASN B 56 -30.62 23.22 -23.59
CA ASN B 56 -30.95 21.78 -23.81
C ASN B 56 -29.81 20.86 -23.34
N ILE B 57 -30.22 19.74 -22.74
CA ILE B 57 -29.38 18.60 -22.27
C ILE B 57 -29.49 17.44 -23.26
N TYR B 58 -28.43 17.14 -24.01
CA TYR B 58 -28.34 15.97 -24.92
C TYR B 58 -27.79 14.76 -24.16
N ALA B 59 -28.59 13.70 -24.05
CA ALA B 59 -28.27 12.49 -23.25
C ALA B 59 -28.33 11.23 -24.10
N THR B 60 -27.61 10.19 -23.68
CA THR B 60 -27.59 8.87 -24.35
C THR B 60 -27.22 7.81 -23.31
N GLY B 61 -27.73 6.60 -23.49
CA GLY B 61 -27.48 5.51 -22.52
C GLY B 61 -28.39 5.59 -21.31
N ASP B 62 -28.43 4.51 -20.53
CA ASP B 62 -29.32 4.29 -19.36
C ASP B 62 -28.56 4.77 -18.12
N PRO B 63 -29.05 5.78 -17.37
CA PRO B 63 -28.31 6.33 -16.23
C PRO B 63 -28.34 5.43 -14.97
N LYS B 64 -27.76 4.24 -15.03
CA LYS B 64 -27.99 3.17 -14.02
C LYS B 64 -26.80 3.00 -13.06
N GLY B 65 -25.76 3.82 -13.16
CA GLY B 65 -24.54 3.61 -12.37
C GLY B 65 -24.60 4.27 -11.00
N ASN B 66 -23.75 3.82 -10.08
CA ASN B 66 -23.69 4.31 -8.68
C ASN B 66 -22.81 5.57 -8.58
N HIS B 67 -22.08 6.00 -9.64
CA HIS B 67 -21.18 7.20 -9.67
C HIS B 67 -21.50 8.13 -10.86
N GLU B 68 -21.19 9.42 -10.73
CA GLU B 68 -21.38 10.39 -11.85
C GLU B 68 -20.45 11.61 -11.67
N VAL B 69 -19.65 11.95 -12.70
CA VAL B 69 -18.77 13.14 -12.62
C VAL B 69 -19.21 14.13 -13.67
N ILE B 70 -19.08 15.43 -13.35
CA ILE B 70 -19.35 16.52 -14.30
C ILE B 70 -18.08 17.34 -14.46
N LEU B 71 -17.76 17.70 -15.70
CA LEU B 71 -16.70 18.70 -16.00
C LEU B 71 -17.36 19.90 -16.66
N GLU B 72 -17.16 21.08 -16.09
CA GLU B 72 -17.67 22.34 -16.68
C GLU B 72 -16.47 22.99 -17.35
N ILE B 73 -16.67 23.60 -18.53
CA ILE B 73 -15.55 24.05 -19.39
C ILE B 73 -15.73 25.54 -19.72
N ASP B 74 -14.79 26.34 -19.20
CA ASP B 74 -14.73 27.82 -19.46
C ASP B 74 -14.67 27.96 -20.99
N ASP B 75 -15.09 29.09 -21.53
CA ASP B 75 -15.26 29.31 -22.99
C ASP B 75 -13.89 29.25 -23.69
N ASP B 76 -12.79 29.62 -23.03
CA ASP B 76 -11.43 29.65 -23.67
C ASP B 76 -10.61 28.41 -23.30
N GLU B 77 -11.23 27.37 -22.74
CA GLU B 77 -10.56 26.23 -22.08
C GLU B 77 -10.51 25.02 -23.02
N THR B 78 -9.31 24.44 -23.23
CA THR B 78 -9.09 23.32 -24.18
C THR B 78 -8.83 22.03 -23.41
N ILE B 79 -9.01 20.89 -24.07
CA ILE B 79 -8.54 19.58 -23.58
C ILE B 79 -7.08 19.42 -24.03
N ILE B 80 -6.15 19.30 -23.09
CA ILE B 80 -4.72 19.11 -23.41
C ILE B 80 -4.31 17.66 -23.20
N GLY B 81 -5.17 16.83 -22.63
CA GLY B 81 -4.87 15.41 -22.36
C GLY B 81 -6.16 14.64 -22.21
N SER B 82 -6.29 13.53 -22.89
CA SER B 82 -7.56 12.78 -22.93
C SER B 82 -7.25 11.31 -23.10
N VAL B 83 -7.81 10.49 -22.22
CA VAL B 83 -7.67 9.02 -22.25
C VAL B 83 -9.04 8.38 -22.11
N ILE B 84 -9.39 7.49 -23.03
CA ILE B 84 -10.61 6.66 -22.92
C ILE B 84 -10.19 5.21 -22.80
N GLY B 85 -10.74 4.56 -21.78
CA GLY B 85 -10.56 3.12 -21.56
C GLY B 85 -11.70 2.39 -22.19
N TYR B 86 -11.45 1.19 -22.72
CA TYR B 86 -12.48 0.39 -23.41
C TYR B 86 -12.10 -1.08 -23.42
N LYS B 87 -13.11 -1.94 -23.58
CA LYS B 87 -12.97 -3.35 -24.01
C LYS B 87 -13.03 -3.38 -25.53
N LYS B 88 -12.01 -3.98 -26.18
CA LYS B 88 -11.90 -4.08 -27.65
C LYS B 88 -12.82 -5.21 -28.10
N GLY B 89 -13.11 -5.32 -29.39
CA GLY B 89 -13.94 -6.38 -29.98
C GLY B 89 -15.22 -5.80 -30.58
N ASN B 90 -15.91 -6.53 -31.44
CA ASN B 90 -17.30 -6.24 -31.90
C ASN B 90 -18.21 -6.13 -30.67
N ASP B 91 -18.02 -6.97 -29.63
CA ASP B 91 -18.85 -6.99 -28.41
C ASP B 91 -18.26 -6.01 -27.37
N GLY B 92 -17.48 -5.03 -27.81
CA GLY B 92 -16.78 -4.09 -26.93
C GLY B 92 -17.68 -3.10 -26.21
N ARG B 93 -17.08 -2.26 -25.36
CA ARG B 93 -17.72 -1.29 -24.46
C ARG B 93 -16.71 -0.21 -24.07
N CYS B 94 -17.20 0.95 -23.70
CA CYS B 94 -16.39 2.07 -23.15
C CYS B 94 -16.38 1.99 -21.61
N THR B 95 -15.20 2.05 -21.02
CA THR B 95 -14.92 1.60 -19.65
C THR B 95 -14.63 2.79 -18.74
N GLY B 96 -14.00 3.85 -19.26
CA GLY B 96 -13.61 5.01 -18.45
C GLY B 96 -13.17 6.17 -19.33
N VAL B 97 -13.14 7.37 -18.73
CA VAL B 97 -12.63 8.60 -19.38
C VAL B 97 -11.84 9.39 -18.34
N LYS B 98 -10.65 9.86 -18.70
CA LYS B 98 -9.76 10.81 -17.97
C LYS B 98 -9.62 12.01 -18.91
N LEU B 99 -9.97 13.22 -18.49
CA LEU B 99 -9.72 14.47 -19.25
C LEU B 99 -8.94 15.43 -18.35
N THR B 100 -8.03 16.18 -18.97
CA THR B 100 -7.26 17.26 -18.32
C THR B 100 -7.33 18.48 -19.23
N THR B 101 -7.60 19.65 -18.65
CA THR B 101 -7.84 20.89 -19.44
C THR B 101 -6.62 21.79 -19.38
N SER B 102 -6.66 22.85 -20.17
CA SER B 102 -5.61 23.90 -20.31
C SER B 102 -5.55 24.74 -19.04
N LYS B 103 -6.47 24.55 -18.08
CA LYS B 103 -6.49 25.31 -16.81
C LYS B 103 -6.19 24.38 -15.65
N GLY B 104 -5.79 23.13 -15.92
CA GLY B 104 -5.37 22.16 -14.90
C GLY B 104 -6.56 21.51 -14.22
N LYS B 105 -7.79 21.73 -14.69
CA LYS B 105 -8.95 20.98 -14.21
C LYS B 105 -8.82 19.55 -14.74
N SER B 106 -9.34 18.58 -14.02
CA SER B 106 -9.36 17.21 -14.54
C SER B 106 -10.49 16.39 -13.92
N ILE B 107 -10.88 15.30 -14.59
CA ILE B 107 -11.87 14.33 -14.09
C ILE B 107 -11.40 12.95 -14.48
N MET B 108 -11.86 11.97 -13.73
CA MET B 108 -11.50 10.55 -13.92
C MET B 108 -12.78 9.76 -13.64
N ALA B 109 -13.24 8.97 -14.59
CA ALA B 109 -14.55 8.29 -14.53
C ALA B 109 -14.34 6.85 -14.93
N GLY B 110 -14.81 5.92 -14.11
CA GLY B 110 -14.78 4.47 -14.43
C GLY B 110 -13.38 3.90 -14.39
N TYR B 111 -13.12 2.89 -15.24
CA TYR B 111 -12.02 1.92 -15.08
C TYR B 111 -11.16 1.92 -16.34
N PHE B 112 -9.93 1.44 -16.23
CA PHE B 112 -8.92 1.49 -17.31
C PHE B 112 -8.12 0.19 -17.35
N GLU B 113 -8.79 -0.96 -17.16
CA GLU B 113 -8.08 -2.24 -16.92
C GLU B 113 -7.74 -2.96 -18.24
N GLU B 114 -8.40 -2.68 -19.38
CA GLU B 114 -8.12 -3.44 -20.63
C GLU B 114 -7.37 -2.59 -21.66
N SER B 115 -8.03 -1.68 -22.38
CA SER B 115 -7.43 -0.95 -23.52
C SER B 115 -7.59 0.56 -23.34
N LEU B 116 -6.69 1.36 -23.93
CA LEU B 116 -6.62 2.83 -23.76
C LEU B 116 -6.42 3.48 -25.12
N ILE B 117 -6.97 4.66 -25.30
CA ILE B 117 -6.56 5.57 -26.42
C ILE B 117 -6.23 6.90 -25.75
N THR B 118 -5.10 7.49 -26.11
CA THR B 118 -4.79 8.91 -25.85
C THR B 118 -5.18 9.62 -27.13
N THR B 119 -6.17 10.49 -27.05
CA THR B 119 -6.76 11.12 -28.25
C THR B 119 -6.01 12.39 -28.64
N TYR B 120 -6.40 12.90 -29.79
CA TYR B 120 -6.18 14.29 -30.26
C TYR B 120 -6.57 15.25 -29.15
N THR B 121 -5.98 16.44 -29.18
CA THR B 121 -6.28 17.53 -28.22
C THR B 121 -6.94 18.67 -28.97
N GLY B 122 -7.46 19.66 -28.24
CA GLY B 122 -8.04 20.88 -28.81
C GLY B 122 -9.33 21.25 -28.09
N LYS B 123 -10.09 22.17 -28.67
CA LYS B 123 -11.37 22.66 -28.10
C LYS B 123 -12.44 21.57 -28.30
N LEU B 124 -12.94 20.97 -27.23
CA LEU B 124 -13.94 19.88 -27.33
C LEU B 124 -15.29 20.48 -27.77
N ALA B 125 -15.79 19.95 -28.90
CA ALA B 125 -16.90 20.45 -29.74
C ALA B 125 -18.08 19.48 -29.79
N GLY B 126 -17.81 18.18 -29.66
CA GLY B 126 -18.90 17.19 -29.59
C GLY B 126 -18.42 15.80 -29.27
N ILE B 127 -19.35 14.85 -29.25
CA ILE B 127 -19.06 13.40 -29.07
C ILE B 127 -19.96 12.61 -30.02
N LYS B 128 -19.53 11.42 -30.43
CA LYS B 128 -20.32 10.50 -31.26
C LYS B 128 -20.01 9.08 -30.80
N GLY B 129 -20.95 8.17 -30.96
CA GLY B 129 -20.70 6.75 -30.71
C GLY B 129 -22.00 5.98 -30.68
N GLY B 130 -22.07 4.93 -29.87
CA GLY B 130 -23.31 4.18 -29.66
C GLY B 130 -23.53 3.83 -28.20
N ALA B 131 -24.79 3.77 -27.80
CA ALA B 131 -25.20 3.48 -26.40
C ALA B 131 -26.51 2.69 -26.40
N GLY B 132 -26.72 1.92 -25.33
CA GLY B 132 -27.99 1.31 -24.94
C GLY B 132 -28.11 1.26 -23.43
N SER B 133 -28.01 0.09 -22.84
CA SER B 133 -27.83 -0.09 -21.38
C SER B 133 -26.47 0.47 -20.94
N ASP B 134 -25.50 0.42 -21.85
CA ASP B 134 -24.08 0.79 -21.57
C ASP B 134 -23.64 1.78 -22.65
N ILE B 135 -22.50 2.43 -22.50
CA ILE B 135 -21.87 3.15 -23.63
C ILE B 135 -21.07 2.11 -24.42
N ASP B 136 -21.53 1.75 -25.62
CA ASP B 136 -20.88 0.69 -26.43
C ASP B 136 -19.57 1.25 -26.98
N ARG B 137 -19.65 2.43 -27.60
CA ARG B 137 -18.45 3.07 -28.22
C ARG B 137 -18.52 4.58 -27.99
N LEU B 138 -17.37 5.23 -27.98
CA LEU B 138 -17.29 6.70 -27.78
C LEU B 138 -16.09 7.25 -28.54
N GLY B 139 -16.31 8.38 -29.21
CA GLY B 139 -15.26 9.14 -29.91
C GLY B 139 -15.48 10.63 -29.74
N LEU B 140 -14.42 11.36 -29.47
CA LEU B 140 -14.48 12.81 -29.20
C LEU B 140 -14.38 13.54 -30.53
N ILE B 141 -14.82 14.80 -30.54
CA ILE B 141 -14.78 15.71 -31.72
C ILE B 141 -14.27 17.07 -31.28
N PHE B 142 -13.25 17.58 -31.98
CA PHE B 142 -12.55 18.84 -31.65
C PHE B 142 -12.71 19.86 -32.79
N LEU B 143 -12.50 21.16 -32.56
CA LEU B 143 -12.43 22.24 -33.59
C LEU B 143 -11.04 22.25 -34.30
N LYS B 144 -10.78 23.04 -35.36
CA LYS B 144 -9.62 22.80 -36.30
C LYS B 144 -8.85 24.12 -36.59
N ASP C 5 47.93 34.61 -1.66
CA ASP C 5 48.08 33.84 -2.91
C ASP C 5 46.88 34.20 -3.82
N ASN C 6 46.74 33.49 -4.97
CA ASN C 6 45.50 33.47 -5.82
C ASN C 6 44.65 32.24 -5.49
N TYR C 7 44.93 31.57 -4.38
CA TYR C 7 44.36 30.26 -3.99
C TYR C 7 43.55 30.38 -2.70
N ILE C 8 42.48 29.60 -2.57
CA ILE C 8 41.68 29.42 -1.33
C ILE C 8 41.95 28.03 -0.78
N TYR C 9 42.37 27.92 0.48
CA TYR C 9 42.72 26.60 1.08
C TYR C 9 41.56 26.14 1.99
N SER C 10 40.75 25.14 1.60
CA SER C 10 39.81 24.46 2.53
C SER C 10 40.62 23.81 3.66
N THR C 11 40.03 23.70 4.82
CA THR C 11 40.52 22.92 5.99
C THR C 11 40.98 21.53 5.57
N GLU C 12 42.22 21.21 5.92
CA GLU C 12 42.71 19.81 5.92
C GLU C 12 41.96 19.11 7.02
N VAL C 13 41.21 18.04 6.74
CA VAL C 13 40.49 17.27 7.77
C VAL C 13 41.11 15.90 7.89
N GLY C 14 40.99 15.31 9.08
CA GLY C 14 41.52 13.99 9.43
C GLY C 14 42.57 14.07 10.53
N GLY C 15 43.53 13.16 10.49
CA GLY C 15 44.57 13.02 11.51
C GLY C 15 45.83 13.74 11.13
N VAL C 16 46.86 13.56 11.96
CA VAL C 16 48.15 14.29 11.87
C VAL C 16 49.19 13.30 11.31
N GLY C 17 48.83 12.03 11.15
CA GLY C 17 49.71 10.97 10.59
C GLY C 17 50.15 11.20 9.13
N GLY C 18 50.88 10.21 8.60
CA GLY C 18 51.30 10.09 7.19
C GLY C 18 52.31 11.13 6.73
N THR C 19 52.84 10.88 5.53
CA THR C 19 53.82 11.71 4.80
C THR C 19 53.10 12.84 4.12
N PRO C 20 53.49 14.12 4.32
CA PRO C 20 52.90 15.24 3.59
C PRO C 20 52.88 15.08 2.07
N PHE C 21 51.92 15.75 1.44
CA PHE C 21 51.82 15.95 -0.03
C PHE C 21 51.16 17.31 -0.30
N THR C 22 51.59 17.99 -1.34
CA THR C 22 50.97 19.21 -1.89
C THR C 22 51.07 19.18 -3.41
N PHE C 23 49.94 19.08 -4.10
CA PHE C 23 49.81 18.95 -5.57
C PHE C 23 49.11 20.20 -6.10
N MET C 24 49.88 21.15 -6.67
CA MET C 24 49.34 22.36 -7.37
C MET C 24 50.21 22.68 -8.59
N GLN C 25 49.73 23.49 -9.53
CA GLN C 25 50.50 24.03 -10.69
C GLN C 25 50.09 25.48 -10.94
N GLU C 26 51.03 26.43 -10.91
CA GLU C 26 50.81 27.83 -11.35
C GLU C 26 50.12 27.78 -12.73
N SER C 27 49.08 28.62 -12.87
CA SER C 27 48.27 28.86 -14.08
C SER C 27 47.66 27.54 -14.59
N GLY C 28 47.41 26.57 -13.72
CA GLY C 28 46.83 25.26 -14.06
C GLY C 28 45.76 24.81 -13.06
N THR C 29 44.87 23.90 -13.46
CA THR C 29 43.76 23.38 -12.65
C THR C 29 43.64 21.86 -12.84
N ILE C 30 42.97 21.17 -11.92
CA ILE C 30 42.73 19.69 -11.96
C ILE C 30 41.66 19.39 -13.03
N THR C 31 41.99 18.43 -13.92
CA THR C 31 41.07 17.86 -14.97
C THR C 31 40.68 16.43 -14.62
N SER C 32 41.40 15.75 -13.74
CA SER C 32 41.00 14.37 -13.35
C SER C 32 41.41 14.11 -11.90
N ILE C 33 40.54 13.47 -11.12
CA ILE C 33 40.84 13.11 -9.72
C ILE C 33 40.27 11.72 -9.45
N LYS C 34 41.04 10.87 -8.79
CA LYS C 34 40.65 9.47 -8.53
C LYS C 34 40.73 9.19 -7.03
N PHE C 35 39.72 8.52 -6.46
CA PHE C 35 39.70 8.11 -5.04
C PHE C 35 39.60 6.60 -4.96
N ASN C 36 40.47 5.98 -4.17
CA ASN C 36 40.55 4.52 -3.95
C ASN C 36 40.20 4.23 -2.48
N TRP C 37 39.27 3.33 -2.20
CA TRP C 37 38.82 3.07 -0.81
C TRP C 37 38.46 1.61 -0.60
N SER C 38 38.31 1.19 0.66
CA SER C 38 38.03 -0.22 1.02
C SER C 38 36.74 -0.33 1.83
N ASP C 39 36.01 -1.43 1.66
CA ASP C 39 34.89 -1.78 2.57
C ASP C 39 35.53 -2.37 3.83
N GLN C 40 36.74 -2.94 3.74
CA GLN C 40 37.39 -3.58 4.92
C GLN C 40 37.58 -2.55 6.05
N TYR C 41 38.14 -1.36 5.76
CA TYR C 41 38.51 -0.37 6.79
C TYR C 41 37.61 0.88 6.74
N LYS C 42 36.73 1.00 5.74
CA LYS C 42 35.82 2.16 5.59
C LYS C 42 36.62 3.47 5.57
N LEU C 43 37.74 3.48 4.84
CA LEU C 43 38.67 4.64 4.66
C LEU C 43 39.01 4.84 3.18
N LEU C 44 39.39 6.06 2.81
CA LEU C 44 40.21 6.34 1.60
C LEU C 44 41.65 5.89 1.85
N HIS C 45 42.28 5.27 0.85
CA HIS C 45 43.69 4.79 0.90
C HIS C 45 44.58 5.55 -0.08
N HIS C 46 44.07 6.01 -1.21
CA HIS C 46 44.94 6.51 -2.32
C HIS C 46 44.17 7.56 -3.13
N ILE C 47 44.88 8.57 -3.62
CA ILE C 47 44.30 9.64 -4.48
C ILE C 47 45.30 9.88 -5.61
N GLU C 48 44.81 10.11 -6.84
CA GLU C 48 45.61 10.58 -8.00
C GLU C 48 44.96 11.82 -8.59
N VAL C 49 45.75 12.69 -9.20
CA VAL C 49 45.30 13.98 -9.78
C VAL C 49 46.10 14.21 -11.06
N LYS C 50 45.47 14.68 -12.14
CA LYS C 50 46.09 15.16 -13.41
C LYS C 50 45.74 16.64 -13.55
N PHE C 51 46.58 17.43 -14.20
CA PHE C 51 46.31 18.89 -14.37
C PHE C 51 46.21 19.20 -15.87
N ILE C 52 45.41 20.20 -16.24
CA ILE C 52 45.33 20.72 -17.62
C ILE C 52 46.78 20.96 -18.12
N ASN C 53 47.08 20.53 -19.34
CA ASN C 53 48.39 20.75 -20.05
C ASN C 53 49.52 19.99 -19.35
N ASN C 54 49.29 18.79 -18.81
CA ASN C 54 50.35 18.04 -18.07
C ASN C 54 49.92 16.58 -17.94
N ALA C 55 50.58 15.74 -18.72
CA ALA C 55 50.31 14.30 -18.89
C ALA C 55 50.69 13.51 -17.63
N ASN C 56 51.39 14.13 -16.70
CA ASN C 56 51.79 13.48 -15.42
C ASN C 56 50.57 13.25 -14.51
N ILE C 57 50.63 12.11 -13.83
CA ILE C 57 49.75 11.65 -12.71
C ILE C 57 50.46 11.86 -11.35
N TYR C 58 49.98 12.79 -10.53
CA TYR C 58 50.43 12.99 -9.13
C TYR C 58 49.61 12.10 -8.17
N ALA C 59 50.26 11.13 -7.52
CA ALA C 59 49.60 10.10 -6.69
C ALA C 59 50.17 10.12 -5.27
N THR C 60 49.39 9.66 -4.29
CA THR C 60 49.78 9.59 -2.87
C THR C 60 48.95 8.49 -2.21
N GLY C 61 49.51 7.84 -1.18
CA GLY C 61 48.84 6.73 -0.47
C GLY C 61 49.01 5.43 -1.21
N ASP C 62 48.66 4.33 -0.55
CA ASP C 62 48.82 2.94 -1.02
C ASP C 62 47.52 2.53 -1.72
N PRO C 63 47.55 2.19 -3.04
CA PRO C 63 46.32 1.89 -3.78
C PRO C 63 45.73 0.49 -3.49
N LYS C 64 45.33 0.21 -2.25
CA LYS C 64 45.05 -1.16 -1.78
C LYS C 64 43.55 -1.41 -1.61
N GLY C 65 42.67 -0.48 -1.99
CA GLY C 65 41.22 -0.63 -1.77
C GLY C 65 40.54 -1.43 -2.87
N ASN C 66 39.35 -1.97 -2.58
CA ASN C 66 38.54 -2.79 -3.53
C ASN C 66 37.71 -1.91 -4.48
N HIS C 67 37.63 -0.58 -4.29
CA HIS C 67 36.84 0.39 -5.12
C HIS C 67 37.71 1.59 -5.60
N GLU C 68 37.44 2.14 -6.77
CA GLU C 68 38.13 3.36 -7.37
C GLU C 68 37.01 4.18 -8.04
N VAL C 69 36.93 5.51 -7.87
CA VAL C 69 36.09 6.35 -8.76
C VAL C 69 36.94 7.48 -9.34
N ILE C 70 36.65 7.86 -10.56
CA ILE C 70 37.36 8.93 -11.29
C ILE C 70 36.34 9.97 -11.70
N LEU C 71 36.64 11.24 -11.47
CA LEU C 71 35.87 12.37 -12.01
C LEU C 71 36.76 13.15 -12.97
N GLU C 72 36.36 13.23 -14.24
CA GLU C 72 37.02 14.08 -15.26
C GLU C 72 36.28 15.42 -15.25
N ILE C 73 36.99 16.53 -15.43
CA ILE C 73 36.45 17.90 -15.28
C ILE C 73 36.74 18.71 -16.53
N ASP C 74 35.68 19.09 -17.23
CA ASP C 74 35.72 19.97 -18.43
C ASP C 74 36.45 21.24 -17.98
N ASP C 75 37.07 21.96 -18.92
CA ASP C 75 37.98 23.10 -18.60
C ASP C 75 37.16 24.25 -17.96
N ASP C 76 35.89 24.41 -18.27
CA ASP C 76 35.04 25.53 -17.75
C ASP C 76 34.16 25.06 -16.57
N GLU C 77 34.42 23.88 -16.00
CA GLU C 77 33.52 23.18 -15.05
C GLU C 77 33.99 23.39 -13.60
N THR C 78 33.09 23.83 -12.72
CA THR C 78 33.39 24.16 -11.30
C THR C 78 32.84 23.08 -10.36
N ILE C 79 33.37 23.01 -9.14
CA ILE C 79 32.76 22.23 -8.05
C ILE C 79 31.76 23.15 -7.35
N ILE C 80 30.48 22.79 -7.36
CA ILE C 80 29.41 23.61 -6.71
C ILE C 80 28.99 22.96 -5.38
N GLY C 81 29.45 21.73 -5.10
CA GLY C 81 29.11 21.03 -3.86
C GLY C 81 30.19 20.01 -3.54
N SER C 82 30.70 20.04 -2.32
CA SER C 82 31.83 19.19 -1.95
C SER C 82 31.71 18.82 -0.49
N VAL C 83 31.77 17.54 -0.20
CA VAL C 83 31.66 16.97 1.17
C VAL C 83 32.78 15.96 1.37
N ILE C 84 33.55 16.12 2.45
CA ILE C 84 34.56 15.12 2.85
C ILE C 84 34.17 14.57 4.22
N GLY C 85 34.17 13.27 4.33
CA GLY C 85 33.94 12.55 5.59
C GLY C 85 35.26 12.18 6.19
N TYR C 86 35.36 12.17 7.51
CA TYR C 86 36.63 11.90 8.23
C TYR C 86 36.35 11.47 9.66
N LYS C 87 37.30 10.76 10.25
CA LYS C 87 37.45 10.58 11.73
C LYS C 87 38.30 11.73 12.27
N LYS C 88 37.80 12.45 13.26
CA LYS C 88 38.50 13.62 13.89
C LYS C 88 39.51 13.05 14.86
N GLY C 89 40.45 13.87 15.35
CA GLY C 89 41.48 13.47 16.33
C GLY C 89 42.87 13.52 15.74
N ASN C 90 43.92 13.50 16.58
CA ASN C 90 45.32 13.34 16.15
C ASN C 90 45.45 12.02 15.37
N ASP C 91 44.75 10.94 15.80
CA ASP C 91 44.86 9.61 15.11
C ASP C 91 43.80 9.48 14.02
N GLY C 92 43.31 10.62 13.51
CA GLY C 92 42.22 10.68 12.51
C GLY C 92 42.59 10.14 11.13
N ARG C 93 41.63 10.15 10.23
CA ARG C 93 41.69 9.59 8.85
C ARG C 93 40.60 10.22 8.00
N CYS C 94 40.81 10.24 6.69
CA CYS C 94 39.82 10.71 5.70
C CYS C 94 39.02 9.50 5.17
N THR C 95 37.71 9.61 5.17
CA THR C 95 36.78 8.43 5.18
C THR C 95 36.00 8.39 3.87
N GLY C 96 35.72 9.53 3.24
CA GLY C 96 34.90 9.62 2.01
C GLY C 96 34.92 10.98 1.39
N VAL C 97 34.58 11.08 0.09
CA VAL C 97 34.42 12.34 -0.66
C VAL C 97 33.19 12.22 -1.56
N LYS C 98 32.33 13.23 -1.59
CA LYS C 98 31.22 13.51 -2.53
C LYS C 98 31.60 14.82 -3.22
N LEU C 99 31.67 14.84 -4.56
CA LEU C 99 31.79 16.10 -5.35
C LEU C 99 30.64 16.18 -6.35
N THR C 100 30.16 17.38 -6.61
CA THR C 100 29.09 17.69 -7.58
C THR C 100 29.55 18.91 -8.38
N THR C 101 29.42 18.87 -9.70
CA THR C 101 29.99 19.90 -10.58
C THR C 101 28.88 20.81 -11.10
N SER C 102 29.30 21.88 -11.78
CA SER C 102 28.44 22.91 -12.39
C SER C 102 27.70 22.33 -13.60
N LYS C 103 28.00 21.10 -14.01
CA LYS C 103 27.34 20.43 -15.17
C LYS C 103 26.54 19.24 -14.67
N GLY C 104 26.38 19.07 -13.38
CA GLY C 104 25.55 18.02 -12.77
C GLY C 104 26.23 16.69 -12.71
N LYS C 105 27.51 16.61 -13.06
CA LYS C 105 28.29 15.37 -12.84
C LYS C 105 28.51 15.21 -11.34
N SER C 106 28.61 13.97 -10.86
CA SER C 106 28.95 13.79 -9.43
C SER C 106 29.63 12.43 -9.19
N ILE C 107 30.33 12.32 -8.07
CA ILE C 107 30.96 11.05 -7.61
C ILE C 107 30.81 10.99 -6.10
N MET C 108 30.89 9.78 -5.57
CA MET C 108 30.65 9.47 -4.15
C MET C 108 31.62 8.33 -3.85
N ALA C 109 32.49 8.50 -2.87
CA ALA C 109 33.62 7.58 -2.60
C ALA C 109 33.69 7.37 -1.11
N GLY C 110 33.72 6.10 -0.68
CA GLY C 110 33.89 5.72 0.73
C GLY C 110 32.67 6.09 1.59
N TYR C 111 32.90 6.42 2.86
CA TYR C 111 31.89 6.38 3.95
C TYR C 111 31.81 7.74 4.63
N PHE C 112 30.70 8.00 5.32
CA PHE C 112 30.40 9.31 5.92
C PHE C 112 29.80 9.11 7.33
N GLU C 113 30.31 8.17 8.12
CA GLU C 113 29.63 7.82 9.39
C GLU C 113 29.99 8.71 10.57
N GLU C 114 31.17 9.34 10.59
CA GLU C 114 31.59 10.10 11.81
C GLU C 114 31.44 11.61 11.59
N SER C 115 32.36 12.26 10.87
CA SER C 115 32.38 13.74 10.74
C SER C 115 32.38 14.14 9.25
N LEU C 116 31.85 15.33 8.94
CA LEU C 116 31.69 15.83 7.56
C LEU C 116 32.15 17.30 7.53
N ILE C 117 32.70 17.72 6.40
CA ILE C 117 32.91 19.15 6.11
C ILE C 117 32.27 19.38 4.74
N THR C 118 31.48 20.42 4.62
CA THR C 118 31.05 20.99 3.33
C THR C 118 32.02 22.10 3.07
N THR C 119 32.81 21.98 2.02
CA THR C 119 33.90 22.92 1.73
C THR C 119 33.37 24.10 0.91
N TYR C 120 34.35 24.95 0.64
CA TYR C 120 34.27 26.11 -0.24
C TYR C 120 34.14 25.54 -1.65
N THR C 121 33.53 26.32 -2.50
CA THR C 121 33.25 25.93 -3.88
C THR C 121 34.16 26.75 -4.80
N GLY C 122 34.20 26.38 -6.08
CA GLY C 122 34.94 27.12 -7.10
C GLY C 122 35.67 26.15 -8.01
N LYS C 123 36.63 26.68 -8.77
CA LYS C 123 37.44 25.89 -9.74
C LYS C 123 38.48 25.10 -8.95
N LEU C 124 38.38 23.77 -8.92
CA LEU C 124 39.33 22.95 -8.12
C LEU C 124 40.70 22.95 -8.81
N ALA C 125 41.72 23.36 -8.05
CA ALA C 125 43.09 23.75 -8.47
C ALA C 125 44.16 22.83 -7.88
N GLY C 126 43.92 22.27 -6.69
CA GLY C 126 44.88 21.30 -6.11
C GLY C 126 44.39 20.64 -4.85
N ILE C 127 45.21 19.81 -4.25
CA ILE C 127 44.92 19.11 -2.96
C ILE C 127 46.19 19.09 -2.11
N LYS C 128 46.06 19.03 -0.79
CA LYS C 128 47.20 18.91 0.14
C LYS C 128 46.72 18.08 1.33
N GLY C 129 47.63 17.35 1.98
CA GLY C 129 47.31 16.61 3.20
C GLY C 129 48.44 15.66 3.56
N GLY C 130 48.10 14.52 4.17
CA GLY C 130 49.07 13.46 4.45
C GLY C 130 48.48 12.09 4.15
N ALA C 131 49.34 11.16 3.74
CA ALA C 131 48.99 9.79 3.36
C ALA C 131 50.12 8.83 3.74
N GLY C 132 49.76 7.58 3.99
CA GLY C 132 50.67 6.44 4.11
C GLY C 132 50.00 5.21 3.53
N SER C 133 49.62 4.27 4.40
CA SER C 133 48.70 3.15 4.08
C SER C 133 47.30 3.69 3.73
N ASP C 134 46.93 4.81 4.33
CA ASP C 134 45.58 5.41 4.28
C ASP C 134 45.74 6.88 3.90
N ILE C 135 44.66 7.58 3.55
CA ILE C 135 44.71 9.06 3.49
C ILE C 135 44.46 9.56 4.91
N ASP C 136 45.49 10.11 5.57
CA ASP C 136 45.38 10.53 6.98
C ASP C 136 44.55 11.81 7.04
N ARG C 137 44.89 12.78 6.19
CA ARG C 137 44.19 14.08 6.14
C ARG C 137 44.11 14.55 4.69
N LEU C 138 43.13 15.38 4.38
CA LEU C 138 42.91 15.90 3.01
C LEU C 138 42.28 17.29 3.10
N GLY C 139 42.78 18.23 2.30
CA GLY C 139 42.21 19.58 2.13
C GLY C 139 42.23 19.96 0.67
N LEU C 140 41.12 20.51 0.17
CA LEU C 140 41.01 20.91 -1.24
C LEU C 140 41.51 22.33 -1.38
N ILE C 141 41.85 22.71 -2.61
CA ILE C 141 42.38 24.06 -2.96
C ILE C 141 41.70 24.55 -4.22
N PHE C 142 41.17 25.77 -4.18
CA PHE C 142 40.36 26.39 -5.27
C PHE C 142 41.04 27.68 -5.75
N LEU C 143 40.67 28.18 -6.94
CA LEU C 143 41.09 29.49 -7.49
C LEU C 143 40.23 30.62 -6.95
N LYS C 144 40.32 31.83 -7.56
CA LYS C 144 39.48 33.03 -7.28
C LYS C 144 39.10 33.70 -8.62
N ASP D 5 23.00 49.24 15.50
CA ASP D 5 24.28 48.96 14.79
C ASP D 5 23.96 48.81 13.29
N ASN D 6 24.90 48.25 12.49
CA ASN D 6 24.72 47.74 11.10
C ASN D 6 24.49 46.21 11.13
N TYR D 7 24.17 45.64 12.30
CA TYR D 7 24.02 44.18 12.54
C TYR D 7 22.57 43.84 12.94
N ILE D 8 22.09 42.65 12.59
CA ILE D 8 20.79 42.06 13.01
C ILE D 8 21.04 40.93 14.01
N TYR D 9 20.46 40.96 15.18
CA TYR D 9 20.70 39.96 16.25
C TYR D 9 19.52 38.99 16.31
N SER D 10 19.63 37.74 15.82
CA SER D 10 18.63 36.66 16.11
C SER D 10 18.61 36.43 17.62
N THR D 11 17.45 36.03 18.14
CA THR D 11 17.28 35.57 19.55
C THR D 11 18.35 34.56 19.95
N GLU D 12 19.03 34.84 21.05
CA GLU D 12 19.82 33.82 21.78
C GLU D 12 18.82 32.84 22.35
N VAL D 13 18.89 31.57 21.99
CA VAL D 13 17.93 30.54 22.51
C VAL D 13 18.72 29.55 23.38
N GLY D 14 18.02 29.01 24.36
CA GLY D 14 18.59 28.06 25.33
C GLY D 14 18.50 28.57 26.75
N GLY D 15 19.44 28.18 27.58
CA GLY D 15 19.46 28.51 29.02
C GLY D 15 20.30 29.73 29.32
N VAL D 16 20.43 30.05 30.59
CA VAL D 16 21.06 31.28 31.11
C VAL D 16 22.45 30.92 31.66
N GLY D 17 22.77 29.63 31.74
CA GLY D 17 24.05 29.07 32.22
C GLY D 17 25.24 29.47 31.36
N GLY D 18 26.41 28.92 31.75
CA GLY D 18 27.70 29.06 31.05
C GLY D 18 28.30 30.47 31.04
N THR D 19 29.53 30.55 30.55
CA THR D 19 30.31 31.80 30.37
C THR D 19 29.89 32.47 29.07
N PRO D 20 29.47 33.75 29.07
CA PRO D 20 29.23 34.46 27.81
C PRO D 20 30.37 34.41 26.79
N PHE D 21 30.04 34.51 25.52
CA PHE D 21 30.97 34.61 24.37
C PHE D 21 30.32 35.51 23.31
N THR D 22 31.13 36.30 22.61
CA THR D 22 30.71 37.05 21.40
C THR D 22 31.86 36.95 20.40
N PHE D 23 31.59 36.37 19.23
CA PHE D 23 32.53 36.21 18.10
C PHE D 23 32.05 37.09 16.94
N MET D 24 32.65 38.29 16.76
CA MET D 24 32.54 39.19 15.62
C MET D 24 33.89 39.84 15.30
N GLN D 25 34.07 40.44 14.12
CA GLN D 25 35.22 41.31 13.73
C GLN D 25 34.70 42.48 12.87
N GLU D 26 35.00 43.74 13.23
CA GLU D 26 34.66 44.92 12.38
C GLU D 26 35.19 44.63 10.97
N SER D 27 34.37 44.96 9.97
CA SER D 27 34.62 44.86 8.50
C SER D 27 35.00 43.41 8.12
N GLY D 28 34.49 42.40 8.85
CA GLY D 28 34.73 40.97 8.58
C GLY D 28 33.46 40.12 8.72
N THR D 29 33.43 38.90 8.18
CA THR D 29 32.30 37.94 8.27
C THR D 29 32.84 36.53 8.49
N ILE D 30 31.98 35.58 8.94
CA ILE D 30 32.46 34.18 9.21
C ILE D 30 32.63 33.40 7.90
N THR D 31 33.79 32.75 7.72
CA THR D 31 34.12 31.86 6.57
C THR D 31 34.13 30.38 6.97
N SER D 32 34.23 30.05 8.25
CA SER D 32 34.16 28.64 8.67
C SER D 32 33.50 28.56 10.06
N ILE D 33 32.62 27.59 10.26
CA ILE D 33 31.98 27.34 11.58
C ILE D 33 31.91 25.82 11.79
N LYS D 34 32.26 25.38 12.98
CA LYS D 34 32.31 23.94 13.32
C LYS D 34 31.43 23.70 14.54
N PHE D 35 30.61 22.65 14.50
CA PHE D 35 29.70 22.24 15.59
C PHE D 35 30.08 20.84 16.04
N ASN D 36 30.21 20.67 17.33
CA ASN D 36 30.60 19.40 17.98
C ASN D 36 29.46 18.97 18.89
N TRP D 37 28.96 17.74 18.75
CA TRP D 37 27.77 17.30 19.52
C TRP D 37 27.88 15.83 19.88
N SER D 38 27.05 15.36 20.78
CA SER D 38 27.08 13.95 21.28
C SER D 38 25.72 13.28 21.05
N ASP D 39 25.72 11.98 20.78
CA ASP D 39 24.47 11.17 20.82
C ASP D 39 24.17 10.89 22.30
N GLN D 40 25.17 10.92 23.17
CA GLN D 40 24.98 10.62 24.62
C GLN D 40 23.99 11.62 25.25
N TYR D 41 24.16 12.92 25.03
CA TYR D 41 23.35 13.99 25.70
C TYR D 41 22.43 14.70 24.71
N LYS D 42 22.52 14.44 23.41
CA LYS D 42 21.68 15.08 22.36
C LYS D 42 21.75 16.62 22.49
N LEU D 43 22.96 17.13 22.66
CA LEU D 43 23.30 18.57 22.84
C LEU D 43 24.49 18.91 21.95
N LEU D 44 24.61 20.18 21.57
CA LEU D 44 25.88 20.82 21.14
C LEU D 44 26.76 21.02 22.38
N HIS D 45 28.05 20.75 22.26
CA HIS D 45 29.06 20.95 23.34
C HIS D 45 30.07 22.04 22.99
N HIS D 46 30.39 22.25 21.72
CA HIS D 46 31.56 23.08 21.34
C HIS D 46 31.31 23.68 19.97
N ILE D 47 31.78 24.91 19.77
CA ILE D 47 31.69 25.64 18.48
C ILE D 47 33.05 26.29 18.26
N GLU D 48 33.55 26.30 17.03
CA GLU D 48 34.74 27.07 16.55
C GLU D 48 34.34 27.91 15.33
N VAL D 49 34.97 29.04 15.14
CA VAL D 49 34.61 30.04 14.10
C VAL D 49 35.92 30.65 13.61
N LYS D 50 36.08 30.84 12.29
CA LYS D 50 37.19 31.60 11.64
C LYS D 50 36.53 32.72 10.86
N PHE D 51 37.22 33.83 10.67
CA PHE D 51 36.67 35.01 9.95
C PHE D 51 37.54 35.28 8.72
N ILE D 52 36.96 35.84 7.66
CA ILE D 52 37.71 36.25 6.44
C ILE D 52 38.91 37.09 6.93
N ASN D 53 40.10 36.87 6.38
CA ASN D 53 41.36 37.64 6.63
C ASN D 53 41.83 37.50 8.09
N ASN D 54 41.70 36.32 8.70
CA ASN D 54 42.09 36.12 10.11
C ASN D 54 42.22 34.61 10.40
N ALA D 55 43.49 34.18 10.47
CA ALA D 55 43.95 32.80 10.65
C ALA D 55 43.62 32.28 12.05
N ASN D 56 43.22 33.16 12.99
CA ASN D 56 42.82 32.74 14.35
C ASN D 56 41.51 31.93 14.32
N ILE D 57 41.48 30.90 15.19
CA ILE D 57 40.32 30.05 15.54
C ILE D 57 39.73 30.49 16.89
N TYR D 58 38.53 31.07 16.89
CA TYR D 58 37.74 31.40 18.10
C TYR D 58 36.87 30.19 18.50
N ALA D 59 37.06 29.66 19.68
CA ALA D 59 36.38 28.46 20.22
C ALA D 59 35.65 28.74 21.54
N THR D 60 34.62 27.95 21.84
CA THR D 60 33.84 28.02 23.11
C THR D 60 33.23 26.64 23.38
N GLY D 61 33.07 26.29 24.64
CA GLY D 61 32.56 24.99 25.07
C GLY D 61 33.63 23.91 25.07
N ASP D 62 33.32 22.76 25.66
CA ASP D 62 34.21 21.60 25.85
C ASP D 62 34.04 20.67 24.64
N PRO D 63 35.11 20.42 23.85
CA PRO D 63 34.99 19.61 22.62
C PRO D 63 34.85 18.10 22.86
N LYS D 64 33.81 17.64 23.52
CA LYS D 64 33.75 16.25 24.06
C LYS D 64 32.82 15.34 23.25
N GLY D 65 32.25 15.79 22.14
CA GLY D 65 31.20 15.02 21.44
C GLY D 65 31.78 14.03 20.43
N ASN D 66 30.99 13.02 20.02
CA ASN D 66 31.41 11.96 19.08
C ASN D 66 31.24 12.41 17.61
N HIS D 67 30.62 13.56 17.33
CA HIS D 67 30.36 14.10 15.95
C HIS D 67 30.84 15.56 15.81
N GLU D 68 31.19 15.95 14.59
CA GLU D 68 31.63 17.32 14.33
C GLU D 68 31.34 17.59 12.87
N VAL D 69 30.84 18.76 12.54
CA VAL D 69 30.57 19.07 11.12
C VAL D 69 31.07 20.49 10.88
N ILE D 70 31.65 20.74 9.72
CA ILE D 70 32.19 22.09 9.42
C ILE D 70 31.51 22.62 8.16
N LEU D 71 31.10 23.87 8.20
CA LEU D 71 30.56 24.56 7.01
C LEU D 71 31.53 25.69 6.64
N GLU D 72 32.10 25.64 5.45
CA GLU D 72 32.90 26.73 4.86
C GLU D 72 31.94 27.63 4.06
N ILE D 73 32.17 28.94 4.08
CA ILE D 73 31.26 29.92 3.44
C ILE D 73 32.05 30.82 2.49
N ASP D 74 31.75 30.66 1.19
CA ASP D 74 32.34 31.50 0.11
C ASP D 74 32.04 32.95 0.49
N ASP D 75 32.82 33.90 0.01
CA ASP D 75 32.78 35.31 0.45
C ASP D 75 31.44 35.95 0.02
N ASP D 76 30.80 35.49 -1.06
CA ASP D 76 29.52 36.11 -1.57
C ASP D 76 28.31 35.26 -1.15
N GLU D 77 28.56 34.22 -0.35
CA GLU D 77 27.57 33.20 0.11
C GLU D 77 26.74 33.76 1.26
N THR D 78 25.44 33.44 1.26
CA THR D 78 24.47 34.00 2.24
C THR D 78 23.68 32.86 2.86
N ILE D 79 23.20 33.01 4.09
CA ILE D 79 22.33 31.99 4.73
C ILE D 79 20.89 32.31 4.31
N ILE D 80 20.23 31.37 3.63
CA ILE D 80 18.84 31.59 3.16
C ILE D 80 17.85 30.80 4.04
N GLY D 81 18.33 29.93 4.90
CA GLY D 81 17.46 29.23 5.85
C GLY D 81 18.24 28.69 7.03
N SER D 82 17.71 28.87 8.22
CA SER D 82 18.45 28.59 9.46
C SER D 82 17.45 28.16 10.53
N VAL D 83 17.74 27.03 11.16
CA VAL D 83 16.97 26.51 12.31
C VAL D 83 17.92 26.14 13.45
N ILE D 84 17.62 26.60 14.66
CA ILE D 84 18.32 26.16 15.88
C ILE D 84 17.33 25.42 16.77
N GLY D 85 17.72 24.24 17.20
CA GLY D 85 16.98 23.46 18.20
C GLY D 85 17.51 23.78 19.58
N TYR D 86 16.65 23.77 20.60
CA TYR D 86 17.04 24.08 22.00
C TYR D 86 16.03 23.50 22.99
N LYS D 87 16.47 23.28 24.22
CA LYS D 87 15.64 23.09 25.42
C LYS D 87 15.38 24.48 26.02
N LYS D 88 14.10 24.81 26.23
CA LYS D 88 13.60 26.04 26.84
C LYS D 88 13.89 25.96 28.34
N GLY D 89 13.88 27.08 29.03
CA GLY D 89 14.03 27.16 30.50
C GLY D 89 15.27 27.96 30.86
N ASN D 90 15.36 28.42 32.12
CA ASN D 90 16.59 29.00 32.71
C ASN D 90 17.71 27.93 32.63
N ASP D 91 17.38 26.64 32.85
CA ASP D 91 18.35 25.51 32.82
C ASP D 91 18.46 24.94 31.40
N GLY D 92 18.12 25.74 30.38
CA GLY D 92 18.08 25.33 28.96
C GLY D 92 19.44 25.06 28.36
N ARG D 93 19.45 24.65 27.08
CA ARG D 93 20.63 24.20 26.30
C ARG D 93 20.32 24.32 24.81
N CYS D 94 21.35 24.45 23.99
CA CYS D 94 21.25 24.47 22.52
C CYS D 94 21.51 23.05 22.01
N THR D 95 20.61 22.55 21.16
CA THR D 95 20.46 21.11 20.86
C THR D 95 20.95 20.80 19.46
N GLY D 96 20.81 21.73 18.50
CA GLY D 96 21.15 21.48 17.10
C GLY D 96 21.11 22.74 16.26
N VAL D 97 21.78 22.71 15.11
CA VAL D 97 21.75 23.81 14.10
C VAL D 97 21.68 23.18 12.71
N LYS D 98 20.78 23.71 11.86
CA LYS D 98 20.55 23.33 10.44
C LYS D 98 20.72 24.66 9.72
N LEU D 99 21.66 24.75 8.78
CA LEU D 99 21.86 25.96 7.92
C LEU D 99 21.82 25.51 6.47
N THR D 100 21.25 26.36 5.62
CA THR D 100 21.22 26.18 4.15
C THR D 100 21.65 27.50 3.54
N THR D 101 22.55 27.45 2.56
CA THR D 101 23.17 28.65 1.98
C THR D 101 22.55 28.97 0.63
N SER D 102 22.92 30.13 0.11
CA SER D 102 22.49 30.68 -1.18
C SER D 102 23.10 29.87 -2.33
N LYS D 103 24.01 28.94 -2.06
CA LYS D 103 24.66 28.09 -3.10
C LYS D 103 24.23 26.65 -2.93
N GLY D 104 23.25 26.37 -2.07
CA GLY D 104 22.68 25.03 -1.91
C GLY D 104 23.52 24.14 -1.03
N LYS D 105 24.54 24.68 -0.38
CA LYS D 105 25.30 23.92 0.67
C LYS D 105 24.35 23.82 1.86
N SER D 106 24.50 22.76 2.64
CA SER D 106 23.79 22.72 3.93
C SER D 106 24.54 21.85 4.94
N ILE D 107 24.21 22.02 6.23
CA ILE D 107 24.70 21.14 7.31
C ILE D 107 23.56 20.95 8.28
N MET D 108 23.68 19.88 9.06
CA MET D 108 22.66 19.52 10.09
C MET D 108 23.46 18.94 11.24
N ALA D 109 23.31 19.50 12.42
CA ALA D 109 24.25 19.19 13.56
C ALA D 109 23.40 19.05 14.80
N GLY D 110 23.51 17.90 15.49
CA GLY D 110 22.76 17.59 16.71
C GLY D 110 21.32 17.31 16.42
N TYR D 111 20.45 17.66 17.36
CA TYR D 111 19.08 17.12 17.51
C TYR D 111 18.10 18.27 17.51
N PHE D 112 16.85 17.93 17.21
CA PHE D 112 15.73 18.87 17.00
C PHE D 112 14.48 18.21 17.57
N GLU D 113 14.62 17.45 18.66
CA GLU D 113 13.47 16.79 19.32
C GLU D 113 12.96 17.69 20.46
N GLU D 114 13.02 19.01 20.26
CA GLU D 114 12.56 19.97 21.31
C GLU D 114 12.11 21.28 20.64
N SER D 115 12.36 22.42 21.30
CA SER D 115 11.97 23.76 20.78
C SER D 115 12.81 24.12 19.55
N LEU D 116 12.25 24.93 18.64
CA LEU D 116 12.96 25.32 17.41
C LEU D 116 12.75 26.80 17.08
N ILE D 117 13.75 27.46 16.51
CA ILE D 117 13.58 28.84 16.01
C ILE D 117 14.03 28.81 14.56
N THR D 118 13.23 29.40 13.67
CA THR D 118 13.65 29.72 12.29
C THR D 118 14.08 31.17 12.37
N THR D 119 15.36 31.42 12.14
CA THR D 119 15.95 32.76 12.32
C THR D 119 15.80 33.59 11.06
N TYR D 120 16.34 34.79 11.22
CA TYR D 120 16.54 35.81 10.18
C TYR D 120 17.63 35.26 9.28
N THR D 121 17.58 35.71 8.06
CA THR D 121 18.54 35.26 7.02
C THR D 121 19.45 36.44 6.66
N GLY D 122 20.49 36.20 5.88
CA GLY D 122 21.43 37.22 5.40
C GLY D 122 22.87 36.71 5.48
N LYS D 123 23.85 37.59 5.32
CA LYS D 123 25.29 37.27 5.42
C LYS D 123 25.64 37.04 6.90
N LEU D 124 26.02 35.81 7.25
CA LEU D 124 26.34 35.48 8.67
C LEU D 124 27.69 36.11 9.03
N ALA D 125 27.65 36.91 10.10
CA ALA D 125 28.68 37.89 10.55
C ALA D 125 29.26 37.50 11.92
N GLY D 126 28.45 36.89 12.78
CA GLY D 126 29.02 36.24 13.97
C GLY D 126 27.98 35.51 14.79
N ILE D 127 28.38 35.06 15.96
CA ILE D 127 27.54 34.30 16.91
C ILE D 127 27.79 34.83 18.32
N LYS D 128 26.81 34.68 19.21
CA LYS D 128 26.95 35.08 20.64
C LYS D 128 26.12 34.08 21.43
N GLY D 129 26.49 33.84 22.67
CA GLY D 129 25.68 33.05 23.61
C GLY D 129 26.45 32.73 24.84
N GLY D 130 26.21 31.56 25.44
CA GLY D 130 26.97 31.06 26.58
C GLY D 130 27.30 29.60 26.45
N ALA D 131 28.45 29.19 27.00
CA ALA D 131 28.95 27.80 26.92
C ALA D 131 29.74 27.46 28.18
N GLY D 132 29.76 26.17 28.52
CA GLY D 132 30.65 25.56 29.52
C GLY D 132 31.02 24.16 29.08
N SER D 133 30.50 23.14 29.76
CA SER D 133 30.53 21.73 29.29
C SER D 133 29.71 21.58 27.99
N ASP D 134 28.68 22.39 27.84
CA ASP D 134 27.67 22.31 26.77
C ASP D 134 27.53 23.70 26.15
N ILE D 135 26.88 23.84 25.01
CA ILE D 135 26.45 25.18 24.54
C ILE D 135 25.13 25.48 25.25
N ASP D 136 25.13 26.43 26.17
CA ASP D 136 23.91 26.77 26.95
C ASP D 136 22.94 27.54 26.07
N ARG D 137 23.40 28.52 25.33
CA ARG D 137 22.47 29.27 24.46
C ARG D 137 23.22 29.70 23.20
N LEU D 138 22.50 30.05 22.16
CA LEU D 138 23.21 30.46 20.94
C LEU D 138 22.29 31.37 20.15
N GLY D 139 22.86 32.45 19.64
CA GLY D 139 22.16 33.44 18.79
C GLY D 139 23.04 33.80 17.59
N LEU D 140 22.47 33.83 16.39
CA LEU D 140 23.21 34.19 15.18
C LEU D 140 23.16 35.70 15.00
N ILE D 141 24.12 36.24 14.24
CA ILE D 141 24.25 37.70 13.94
C ILE D 141 24.53 37.87 12.46
N PHE D 142 23.75 38.72 11.79
CA PHE D 142 23.80 38.94 10.31
C PHE D 142 24.15 40.41 10.01
N LEU D 143 24.55 40.74 8.79
CA LEU D 143 24.73 42.15 8.28
C LEU D 143 23.41 42.75 7.82
N LYS D 144 23.40 43.87 7.08
CA LYS D 144 22.21 44.49 6.41
C LYS D 144 22.53 44.87 4.96
N ASP E 5 -9.08 51.38 7.93
CA ASP E 5 -7.67 51.66 8.24
C ASP E 5 -6.83 51.36 6.97
N ASN E 6 -5.48 51.31 7.10
CA ASN E 6 -4.55 50.73 6.08
C ASN E 6 -4.17 49.29 6.46
N TYR E 7 -4.97 48.64 7.29
CA TYR E 7 -4.81 47.26 7.82
C TYR E 7 -5.97 46.35 7.34
N ILE E 8 -5.68 45.06 7.14
CA ILE E 8 -6.65 43.97 6.80
C ILE E 8 -6.79 43.06 8.02
N TYR E 9 -8.00 42.85 8.52
CA TYR E 9 -8.24 42.04 9.76
C TYR E 9 -8.74 40.65 9.35
N SER E 10 -7.95 39.60 9.54
CA SER E 10 -8.44 38.23 9.27
C SER E 10 -9.30 37.78 10.46
N THR E 11 -10.38 37.03 10.20
CA THR E 11 -11.31 36.49 11.20
C THR E 11 -10.56 36.02 12.46
N GLU E 12 -10.99 36.53 13.60
CA GLU E 12 -10.63 35.97 14.92
C GLU E 12 -11.35 34.64 15.00
N VAL E 13 -10.63 33.53 15.17
CA VAL E 13 -11.27 32.19 15.30
C VAL E 13 -11.07 31.68 16.71
N GLY E 14 -12.00 30.85 17.16
CA GLY E 14 -11.99 30.17 18.48
C GLY E 14 -13.24 30.56 19.27
N GLY E 15 -13.09 30.66 20.59
CA GLY E 15 -14.20 30.92 21.50
C GLY E 15 -14.27 32.37 21.87
N VAL E 16 -15.20 32.67 22.78
CA VAL E 16 -15.58 34.05 23.16
C VAL E 16 -14.95 34.36 24.53
N GLY E 17 -14.33 33.35 25.18
CA GLY E 17 -13.67 33.48 26.49
C GLY E 17 -12.46 34.44 26.49
N GLY E 18 -11.79 34.51 27.66
CA GLY E 18 -10.54 35.22 27.91
C GLY E 18 -10.59 36.75 27.83
N THR E 19 -9.50 37.36 28.26
CA THR E 19 -9.25 38.82 28.27
C THR E 19 -8.84 39.26 26.89
N PRO E 20 -9.50 40.26 26.28
CA PRO E 20 -9.05 40.85 25.01
C PRO E 20 -7.57 41.26 24.98
N PHE E 21 -6.98 41.22 23.79
CA PHE E 21 -5.63 41.76 23.51
C PHE E 21 -5.64 42.28 22.06
N THR E 22 -4.92 43.36 21.81
CA THR E 22 -4.63 43.86 20.45
C THR E 22 -3.21 44.38 20.43
N PHE E 23 -2.36 43.77 19.60
CA PHE E 23 -0.92 44.11 19.45
C PHE E 23 -0.72 44.66 18.03
N MET E 24 -0.59 45.99 17.89
CA MET E 24 -0.18 46.70 16.64
C MET E 24 0.69 47.89 17.02
N GLN E 25 1.45 48.47 16.06
CA GLN E 25 2.25 49.71 16.20
C GLN E 25 2.15 50.52 14.91
N GLU E 26 1.72 51.78 14.96
CA GLU E 26 1.75 52.70 13.79
C GLU E 26 3.16 52.64 13.19
N SER E 27 3.21 52.56 11.85
CA SER E 27 4.41 52.53 10.97
C SER E 27 5.40 51.42 11.41
N GLY E 28 4.89 50.32 11.98
CA GLY E 28 5.70 49.16 12.42
C GLY E 28 5.07 47.83 12.00
N THR E 29 5.85 46.75 11.93
CA THR E 29 5.40 45.37 11.58
C THR E 29 6.05 44.35 12.52
N ILE E 30 5.53 43.12 12.58
CA ILE E 30 6.06 42.01 13.44
C ILE E 30 7.35 41.47 12.82
N THR E 31 8.41 41.38 13.65
CA THR E 31 9.71 40.75 13.31
C THR E 31 9.90 39.43 14.05
N SER E 32 9.15 39.18 15.12
CA SER E 32 9.28 37.89 15.84
C SER E 32 7.93 37.51 16.44
N ILE E 33 7.57 36.23 16.35
CA ILE E 33 6.35 35.70 17.01
C ILE E 33 6.69 34.33 17.62
N LYS E 34 6.23 34.09 18.83
CA LYS E 34 6.52 32.85 19.56
C LYS E 34 5.19 32.21 19.98
N PHE E 35 5.07 30.90 19.81
CA PHE E 35 3.86 30.14 20.18
C PHE E 35 4.25 29.07 21.20
N ASN E 36 3.47 28.99 22.26
CA ASN E 36 3.68 28.03 23.36
C ASN E 36 2.45 27.13 23.44
N TRP E 37 2.61 25.81 23.43
CA TRP E 37 1.45 24.88 23.38
C TRP E 37 1.75 23.60 24.15
N SER E 38 0.72 22.81 24.44
CA SER E 38 0.84 21.56 25.24
C SER E 38 0.34 20.35 24.48
N ASP E 39 0.96 19.19 24.69
CA ASP E 39 0.40 17.90 24.24
C ASP E 39 -0.73 17.52 25.20
N GLN E 40 -0.71 18.02 26.44
CA GLN E 40 -1.73 17.65 27.45
C GLN E 40 -3.12 18.09 26.99
N TYR E 41 -3.28 19.33 26.53
CA TYR E 41 -4.60 19.93 26.17
C TYR E 41 -4.76 20.12 24.65
N LYS E 42 -3.71 19.91 23.86
CA LYS E 42 -3.74 20.11 22.37
C LYS E 42 -4.26 21.51 22.02
N LEU E 43 -3.79 22.53 22.74
CA LEU E 43 -4.13 23.96 22.61
C LEU E 43 -2.86 24.81 22.59
N LEU E 44 -2.93 26.00 21.99
CA LEU E 44 -2.04 27.15 22.27
C LEU E 44 -2.40 27.71 23.65
N HIS E 45 -1.38 28.07 24.44
CA HIS E 45 -1.58 28.71 25.77
C HIS E 45 -1.03 30.13 25.81
N HIS E 46 -0.02 30.46 25.03
CA HIS E 46 0.72 31.73 25.20
C HIS E 46 1.32 32.15 23.87
N ILE E 47 1.34 33.45 23.59
CA ILE E 47 1.91 34.05 22.35
C ILE E 47 2.67 35.30 22.79
N GLU E 48 3.85 35.54 22.20
CA GLU E 48 4.65 36.76 22.34
C GLU E 48 4.96 37.31 20.94
N VAL E 49 5.10 38.62 20.82
CA VAL E 49 5.32 39.32 19.54
C VAL E 49 6.29 40.47 19.81
N LYS E 50 7.26 40.71 18.93
CA LYS E 50 8.16 41.90 18.94
C LYS E 50 7.93 42.62 17.63
N PHE E 51 8.13 43.94 17.61
CA PHE E 51 7.91 44.74 16.38
C PHE E 51 9.24 45.38 15.97
N ILE E 52 9.44 45.61 14.67
CA ILE E 52 10.63 46.32 14.15
C ILE E 52 10.77 47.63 14.96
N ASN E 53 11.99 47.97 15.39
CA ASN E 53 12.35 49.24 16.09
C ASN E 53 11.69 49.31 17.48
N ASN E 54 11.58 48.20 18.21
CA ASN E 54 10.89 48.21 19.53
C ASN E 54 11.26 46.94 20.30
N ALA E 55 12.13 47.13 21.29
CA ALA E 55 12.75 46.07 22.12
C ALA E 55 11.73 45.45 23.07
N ASN E 56 10.53 46.06 23.21
CA ASN E 56 9.44 45.47 24.03
C ASN E 56 8.89 44.17 23.43
N ILE E 57 8.59 43.24 24.34
CA ILE E 57 7.90 41.94 24.13
C ILE E 57 6.44 42.06 24.59
N TYR E 58 5.49 42.03 23.66
CA TYR E 58 4.03 41.98 23.94
C TYR E 58 3.57 40.51 24.05
N ALA E 59 3.09 40.11 25.21
CA ALA E 59 2.72 38.73 25.56
C ALA E 59 1.26 38.64 26.02
N THR E 60 0.66 37.48 25.88
CA THR E 60 -0.72 37.18 26.31
C THR E 60 -0.85 35.68 26.57
N GLY E 61 -1.70 35.31 27.51
CA GLY E 61 -1.92 33.92 27.93
C GLY E 61 -0.85 33.44 28.91
N ASP E 62 -1.09 32.27 29.50
CA ASP E 62 -0.27 31.64 30.56
C ASP E 62 0.77 30.75 29.89
N PRO E 63 2.10 31.00 30.05
CA PRO E 63 3.13 30.22 29.34
C PRO E 63 3.36 28.82 29.92
N LYS E 64 2.39 27.92 29.84
CA LYS E 64 2.40 26.65 30.63
C LYS E 64 2.77 25.42 29.79
N GLY E 65 3.05 25.57 28.50
CA GLY E 65 3.09 24.41 27.57
C GLY E 65 4.47 23.76 27.51
N ASN E 66 4.57 22.50 27.06
CA ASN E 66 5.84 21.74 26.94
C ASN E 66 6.59 22.06 25.62
N HIS E 67 5.99 22.82 24.67
CA HIS E 67 6.60 23.20 23.36
C HIS E 67 6.57 24.71 23.09
N GLU E 68 7.59 25.23 22.38
CA GLU E 68 7.78 26.64 21.99
C GLU E 68 8.29 26.65 20.53
N VAL E 69 7.76 27.49 19.64
CA VAL E 69 8.47 27.77 18.35
C VAL E 69 8.55 29.28 18.21
N ILE E 70 9.66 29.73 17.60
CA ILE E 70 9.82 31.17 17.27
C ILE E 70 10.02 31.31 15.78
N LEU E 71 9.35 32.26 15.15
CA LEU E 71 9.58 32.62 13.74
C LEU E 71 10.08 34.06 13.71
N GLU E 72 11.31 34.29 13.22
CA GLU E 72 11.85 35.63 12.95
C GLU E 72 11.49 35.99 11.51
N ILE E 73 11.20 37.26 11.24
CA ILE E 73 10.71 37.73 9.92
C ILE E 73 11.59 38.89 9.45
N ASP E 74 12.33 38.64 8.35
CA ASP E 74 13.18 39.66 7.68
C ASP E 74 12.25 40.82 7.34
N ASP E 75 12.79 42.03 7.20
CA ASP E 75 11.99 43.27 7.05
C ASP E 75 11.20 43.23 5.73
N ASP E 76 11.66 42.56 4.69
CA ASP E 76 10.99 42.53 3.35
C ASP E 76 10.22 41.22 3.16
N GLU E 77 9.99 40.44 4.22
CA GLU E 77 9.46 39.05 4.16
C GLU E 77 7.96 39.02 4.46
N THR E 78 7.17 38.39 3.58
CA THR E 78 5.69 38.32 3.69
C THR E 78 5.22 36.93 4.12
N ILE E 79 4.01 36.82 4.63
CA ILE E 79 3.31 35.51 4.83
C ILE E 79 2.60 35.19 3.53
N ILE E 80 2.95 34.10 2.86
CA ILE E 80 2.30 33.68 1.59
C ILE E 80 1.34 32.53 1.84
N GLY E 81 1.34 31.94 3.04
CA GLY E 81 0.41 30.85 3.39
C GLY E 81 0.18 30.79 4.88
N SER E 82 -1.06 30.72 5.35
CA SER E 82 -1.33 30.83 6.78
C SER E 82 -2.57 30.02 7.12
N VAL E 83 -2.47 29.16 8.11
CA VAL E 83 -3.58 28.27 8.58
C VAL E 83 -3.63 28.31 10.10
N ILE E 84 -4.81 28.57 10.65
CA ILE E 84 -5.04 28.54 12.12
C ILE E 84 -6.06 27.47 12.42
N GLY E 85 -5.72 26.57 13.33
CA GLY E 85 -6.61 25.52 13.79
C GLY E 85 -7.28 25.98 15.05
N TYR E 86 -8.53 25.54 15.26
CA TYR E 86 -9.34 25.97 16.41
C TYR E 86 -10.45 24.96 16.68
N LYS E 87 -10.94 24.95 17.91
CA LYS E 87 -12.26 24.38 18.29
C LYS E 87 -13.31 25.47 18.13
N LYS E 88 -14.37 25.19 17.38
CA LYS E 88 -15.48 26.15 17.10
C LYS E 88 -16.38 26.17 18.32
N GLY E 89 -17.23 27.18 18.44
CA GLY E 89 -18.23 27.30 19.52
C GLY E 89 -17.96 28.52 20.37
N ASN E 90 -18.93 28.92 21.20
CA ASN E 90 -18.76 29.96 22.25
C ASN E 90 -17.62 29.50 23.20
N ASP E 91 -17.55 28.19 23.51
CA ASP E 91 -16.61 27.52 24.41
C ASP E 91 -15.30 27.19 23.66
N GLY E 92 -15.06 27.81 22.50
CA GLY E 92 -13.95 27.46 21.61
C GLY E 92 -12.59 27.88 22.14
N ARG E 93 -11.54 27.53 21.38
CA ARG E 93 -10.12 27.72 21.71
C ARG E 93 -9.31 27.66 20.41
N CYS E 94 -8.13 28.28 20.44
CA CYS E 94 -7.19 28.30 19.30
C CYS E 94 -6.17 27.17 19.52
N THR E 95 -5.98 26.33 18.51
CA THR E 95 -5.44 24.96 18.68
C THR E 95 -4.05 24.91 18.03
N GLY E 96 -3.77 25.67 16.97
CA GLY E 96 -2.54 25.60 16.22
C GLY E 96 -2.40 26.71 15.18
N VAL E 97 -1.16 26.96 14.74
CA VAL E 97 -0.84 27.94 13.66
C VAL E 97 0.26 27.32 12.79
N LYS E 98 0.09 27.39 11.47
CA LYS E 98 1.03 26.96 10.39
C LYS E 98 1.23 28.24 9.57
N LEU E 99 2.44 28.74 9.43
CA LEU E 99 2.78 29.90 8.58
C LEU E 99 3.90 29.49 7.63
N THR E 100 3.87 30.02 6.41
CA THR E 100 4.91 29.88 5.38
C THR E 100 5.19 31.27 4.82
N THR E 101 6.47 31.63 4.68
CA THR E 101 6.89 32.99 4.29
C THR E 101 7.32 33.02 2.85
N SER E 102 7.56 34.22 2.35
CA SER E 102 8.00 34.52 0.97
C SER E 102 9.45 34.06 0.77
N LYS E 103 10.14 33.61 1.82
CA LYS E 103 11.56 33.15 1.74
C LYS E 103 11.62 31.66 2.05
N GLY E 104 10.48 30.98 2.14
CA GLY E 104 10.44 29.51 2.31
C GLY E 104 10.67 29.09 3.75
N LYS E 105 10.68 30.04 4.68
CA LYS E 105 10.66 29.71 6.14
C LYS E 105 9.27 29.20 6.44
N SER E 106 9.15 28.31 7.41
CA SER E 106 7.80 27.90 7.87
C SER E 106 7.85 27.39 9.32
N ILE E 107 6.71 27.43 9.99
CA ILE E 107 6.55 26.89 11.37
C ILE E 107 5.19 26.23 11.45
N MET E 108 5.07 25.32 12.39
CA MET E 108 3.86 24.52 12.68
C MET E 108 3.82 24.42 14.20
N ALA E 109 2.73 24.87 14.81
CA ALA E 109 2.63 24.98 16.28
C ALA E 109 1.27 24.43 16.67
N GLY E 110 1.23 23.50 17.63
CA GLY E 110 0.03 22.86 18.13
C GLY E 110 -0.62 21.94 17.11
N TYR E 111 -1.95 21.86 17.16
CA TYR E 111 -2.78 20.76 16.59
C TYR E 111 -3.80 21.35 15.64
N PHE E 112 -4.31 20.50 14.75
CA PHE E 112 -5.22 20.88 13.65
C PHE E 112 -6.23 19.74 13.50
N GLU E 113 -6.82 19.28 14.60
CA GLU E 113 -7.72 18.10 14.61
C GLU E 113 -9.17 18.52 14.27
N GLU E 114 -9.61 19.75 14.54
CA GLU E 114 -11.06 20.08 14.45
C GLU E 114 -11.33 21.01 13.27
N SER E 115 -11.06 22.32 13.39
CA SER E 115 -11.45 23.33 12.39
C SER E 115 -10.23 24.14 11.95
N LEU E 116 -10.27 24.70 10.74
CA LEU E 116 -9.14 25.38 10.08
C LEU E 116 -9.67 26.66 9.44
N ILE E 117 -8.83 27.69 9.39
CA ILE E 117 -9.05 28.84 8.49
C ILE E 117 -7.77 29.00 7.70
N THR E 118 -7.85 29.16 6.39
CA THR E 118 -6.74 29.66 5.55
C THR E 118 -6.99 31.14 5.43
N THR E 119 -6.11 31.95 5.98
CA THR E 119 -6.31 33.41 6.08
C THR E 119 -5.80 34.10 4.83
N TYR E 120 -6.14 35.38 4.78
CA TYR E 120 -5.51 36.42 3.93
C TYR E 120 -4.00 36.33 4.12
N THR E 121 -3.27 36.78 3.11
CA THR E 121 -1.79 36.80 3.09
C THR E 121 -1.33 38.25 3.03
N GLY E 122 -0.04 38.49 3.17
CA GLY E 122 0.58 39.83 3.08
C GLY E 122 1.60 40.03 4.18
N LYS E 123 2.01 41.29 4.40
CA LYS E 123 3.00 41.66 5.44
C LYS E 123 2.33 41.59 6.81
N LEU E 124 2.74 40.66 7.67
CA LEU E 124 2.10 40.52 9.00
C LEU E 124 2.51 41.68 9.90
N ALA E 125 1.48 42.38 10.41
CA ALA E 125 1.52 43.69 11.11
C ALA E 125 1.07 43.59 12.57
N GLY E 126 0.18 42.66 12.89
CA GLY E 126 -0.24 42.49 14.30
C GLY E 126 -1.14 41.28 14.51
N ILE E 127 -1.56 41.08 15.75
CA ILE E 127 -2.52 40.01 16.14
C ILE E 127 -3.53 40.57 17.14
N LYS E 128 -4.74 40.00 17.19
CA LYS E 128 -5.78 40.41 18.16
C LYS E 128 -6.57 39.15 18.52
N GLY E 129 -7.13 39.09 19.72
CA GLY E 129 -8.01 37.98 20.13
C GLY E 129 -8.27 38.02 21.62
N GLY E 130 -8.45 36.86 22.23
CA GLY E 130 -8.57 36.74 23.69
C GLY E 130 -7.78 35.56 24.23
N ALA E 131 -7.27 35.71 25.46
CA ALA E 131 -6.45 34.70 26.16
C ALA E 131 -6.72 34.74 27.66
N GLY E 132 -6.50 33.60 28.32
CA GLY E 132 -6.43 33.45 29.78
C GLY E 132 -5.41 32.39 30.13
N SER E 133 -5.85 31.24 30.59
CA SER E 133 -5.06 29.99 30.73
C SER E 133 -4.64 29.49 29.35
N ASP E 134 -5.47 29.76 28.34
CA ASP E 134 -5.31 29.24 26.95
C ASP E 134 -5.43 30.44 26.01
N ILE E 135 -5.29 30.19 24.72
CA ILE E 135 -5.58 31.25 23.74
C ILE E 135 -7.02 30.95 23.28
N ASP E 136 -7.96 31.75 23.76
CA ASP E 136 -9.40 31.56 23.48
C ASP E 136 -9.66 31.74 21.99
N ARG E 137 -9.29 32.88 21.41
CA ARG E 137 -9.49 33.07 19.96
C ARG E 137 -8.32 33.88 19.42
N LEU E 138 -8.03 33.80 18.12
CA LEU E 138 -6.90 34.58 17.56
C LEU E 138 -7.18 34.97 16.11
N GLY E 139 -6.78 36.18 15.73
CA GLY E 139 -6.94 36.71 14.37
C GLY E 139 -5.70 37.49 13.96
N LEU E 140 -5.24 37.29 12.74
CA LEU E 140 -4.03 37.97 12.22
C LEU E 140 -4.44 39.30 11.62
N ILE E 141 -3.46 40.21 11.50
CA ILE E 141 -3.63 41.57 10.91
C ILE E 141 -2.48 41.85 9.95
N PHE E 142 -2.81 42.21 8.71
CA PHE E 142 -1.81 42.47 7.66
C PHE E 142 -1.88 43.92 7.22
N LEU E 143 -1.00 44.30 6.31
CA LEU E 143 -0.91 45.67 5.76
C LEU E 143 -1.47 45.66 4.35
N LYS E 144 -1.84 46.83 3.84
CA LYS E 144 -2.36 46.94 2.46
C LYS E 144 -1.28 47.52 1.54
N ASP F 5 44.90 17.24 -31.24
CA ASP F 5 43.89 17.03 -32.30
C ASP F 5 42.76 18.06 -32.10
N ASN F 6 41.60 17.87 -32.74
CA ASN F 6 40.31 18.58 -32.44
C ASN F 6 39.42 17.71 -31.51
N TYR F 7 40.00 16.68 -30.90
CA TYR F 7 39.32 15.63 -30.10
C TYR F 7 39.78 15.66 -28.63
N ILE F 8 38.89 15.29 -27.70
CA ILE F 8 39.17 15.10 -26.25
C ILE F 8 39.11 13.60 -25.94
N TYR F 9 40.15 13.02 -25.36
CA TYR F 9 40.21 11.56 -25.08
C TYR F 9 39.93 11.32 -23.59
N SER F 10 38.78 10.73 -23.26
CA SER F 10 38.50 10.38 -21.84
C SER F 10 39.27 9.10 -21.51
N THR F 11 39.78 8.99 -20.28
CA THR F 11 40.52 7.82 -19.75
C THR F 11 39.93 6.51 -20.26
N GLU F 12 40.77 5.69 -20.87
CA GLU F 12 40.45 4.26 -21.10
C GLU F 12 40.45 3.61 -19.73
N VAL F 13 39.35 2.99 -19.31
CA VAL F 13 39.28 2.29 -18.00
C VAL F 13 39.15 0.79 -18.23
N GLY F 14 39.66 0.01 -17.29
CA GLY F 14 39.64 -1.46 -17.28
C GLY F 14 41.04 -2.03 -17.27
N GLY F 15 41.23 -3.18 -17.92
CA GLY F 15 42.49 -3.92 -17.90
C GLY F 15 43.34 -3.63 -19.13
N VAL F 16 44.50 -4.28 -19.21
CA VAL F 16 45.54 -3.99 -20.25
C VAL F 16 45.53 -5.04 -21.37
N GLY F 17 44.65 -6.02 -21.28
CA GLY F 17 44.56 -7.09 -22.29
C GLY F 17 43.61 -6.75 -23.42
N GLY F 18 43.28 -7.75 -24.24
CA GLY F 18 42.38 -7.57 -25.39
C GLY F 18 43.10 -7.07 -26.62
N THR F 19 42.41 -7.01 -27.76
CA THR F 19 43.11 -6.52 -28.96
C THR F 19 42.74 -5.05 -29.15
N PRO F 20 43.70 -4.12 -29.25
CA PRO F 20 43.37 -2.72 -29.45
C PRO F 20 42.40 -2.40 -30.59
N PHE F 21 41.56 -1.40 -30.36
CA PHE F 21 40.59 -0.87 -31.35
C PHE F 21 40.55 0.64 -31.20
N THR F 22 40.39 1.35 -32.32
CA THR F 22 40.12 2.80 -32.35
C THR F 22 39.12 3.07 -33.48
N PHE F 23 37.93 3.57 -33.14
CA PHE F 23 36.83 3.89 -34.07
C PHE F 23 36.63 5.40 -34.08
N MET F 24 37.12 6.09 -35.13
CA MET F 24 36.85 7.53 -35.42
C MET F 24 36.74 7.74 -36.94
N GLN F 25 36.18 8.86 -37.40
CA GLN F 25 36.11 9.28 -38.84
C GLN F 25 36.30 10.79 -38.93
N GLU F 26 37.27 11.27 -39.73
CA GLU F 26 37.42 12.73 -40.03
C GLU F 26 36.05 13.27 -40.46
N SER F 27 35.70 14.45 -39.92
CA SER F 27 34.46 15.24 -40.16
C SER F 27 33.20 14.39 -39.95
N GLY F 28 33.23 13.38 -39.07
CA GLY F 28 32.08 12.50 -38.76
C GLY F 28 31.93 12.28 -37.25
N THR F 29 30.72 11.91 -36.80
CA THR F 29 30.40 11.65 -35.36
C THR F 29 29.52 10.40 -35.27
N ILE F 30 29.41 9.80 -34.07
CA ILE F 30 28.62 8.56 -33.81
C ILE F 30 27.12 8.91 -33.82
N THR F 31 26.33 8.15 -34.60
CA THR F 31 24.84 8.20 -34.64
C THR F 31 24.21 6.97 -33.99
N SER F 32 24.94 5.88 -33.81
CA SER F 32 24.37 4.70 -33.12
C SER F 32 25.49 3.96 -32.38
N ILE F 33 25.21 3.50 -31.16
CA ILE F 33 26.16 2.65 -30.39
C ILE F 33 25.36 1.54 -29.71
N LYS F 34 25.88 0.32 -29.71
CA LYS F 34 25.22 -0.84 -29.13
C LYS F 34 26.13 -1.51 -28.10
N PHE F 35 25.61 -1.89 -26.94
CA PHE F 35 26.37 -2.56 -25.86
C PHE F 35 25.74 -3.91 -25.57
N ASN F 36 26.57 -4.94 -25.52
CA ASN F 36 26.14 -6.35 -25.32
C ASN F 36 26.77 -6.82 -24.02
N TRP F 37 25.99 -7.37 -23.09
CA TRP F 37 26.54 -7.79 -21.77
C TRP F 37 25.83 -9.04 -21.27
N SER F 38 26.41 -9.68 -20.24
CA SER F 38 25.88 -10.93 -19.68
C SER F 38 25.58 -10.77 -18.19
N ASP F 39 24.55 -11.44 -17.69
CA ASP F 39 24.34 -11.59 -16.23
C ASP F 39 25.34 -12.65 -15.74
N GLN F 40 25.79 -13.57 -16.61
CA GLN F 40 26.70 -14.68 -16.21
C GLN F 40 28.02 -14.10 -15.67
N TYR F 41 28.65 -13.15 -16.34
CA TYR F 41 30.00 -12.63 -15.98
C TYR F 41 29.92 -11.18 -15.48
N LYS F 42 28.77 -10.51 -15.56
CA LYS F 42 28.57 -9.10 -15.13
C LYS F 42 29.63 -8.20 -15.80
N LEU F 43 29.83 -8.41 -17.10
CA LEU F 43 30.78 -7.68 -17.99
C LEU F 43 30.08 -7.27 -19.29
N LEU F 44 30.59 -6.21 -19.91
CA LEU F 44 30.41 -5.94 -21.35
C LEU F 44 31.27 -6.93 -22.15
N HIS F 45 30.71 -7.47 -23.24
CA HIS F 45 31.43 -8.41 -24.15
C HIS F 45 31.63 -7.80 -25.55
N HIS F 46 30.76 -6.92 -26.02
CA HIS F 46 30.77 -6.53 -27.44
C HIS F 46 30.19 -5.13 -27.58
N ILE F 47 30.72 -4.34 -28.52
CA ILE F 47 30.24 -2.97 -28.83
C ILE F 47 30.22 -2.86 -30.35
N GLU F 48 29.19 -2.19 -30.90
CA GLU F 48 29.12 -1.77 -32.31
C GLU F 48 28.84 -0.28 -32.40
N VAL F 49 29.33 0.38 -33.45
CA VAL F 49 29.21 1.85 -33.63
C VAL F 49 28.97 2.11 -35.12
N LYS F 50 28.06 3.02 -35.46
CA LYS F 50 27.85 3.54 -36.84
C LYS F 50 28.12 5.05 -36.78
N PHE F 51 28.56 5.63 -37.88
CA PHE F 51 28.89 7.08 -37.94
C PHE F 51 27.96 7.74 -38.96
N ILE F 52 27.65 9.03 -38.76
CA ILE F 52 26.86 9.82 -39.73
C ILE F 52 27.53 9.64 -41.11
N ASN F 53 26.73 9.43 -42.17
CA ASN F 53 27.17 9.33 -43.60
C ASN F 53 28.06 8.09 -43.83
N ASN F 54 27.78 6.96 -43.18
CA ASN F 54 28.63 5.75 -43.31
C ASN F 54 27.86 4.52 -42.81
N ALA F 55 27.38 3.74 -43.78
CA ALA F 55 26.52 2.55 -43.62
C ALA F 55 27.31 1.39 -42.99
N ASN F 56 28.64 1.49 -42.89
CA ASN F 56 29.46 0.46 -42.20
C ASN F 56 29.19 0.45 -40.67
N ILE F 57 29.21 -0.77 -40.15
CA ILE F 57 29.14 -1.15 -38.71
C ILE F 57 30.53 -1.54 -38.20
N TYR F 58 31.15 -0.74 -37.35
CA TYR F 58 32.43 -1.03 -36.67
C TYR F 58 32.16 -1.75 -35.33
N ALA F 59 32.65 -2.98 -35.21
CA ALA F 59 32.39 -3.89 -34.07
C ALA F 59 33.70 -4.36 -33.44
N THR F 60 33.64 -4.76 -32.17
CA THR F 60 34.79 -5.30 -31.41
C THR F 60 34.23 -6.17 -30.29
N GLY F 61 34.98 -7.19 -29.90
CA GLY F 61 34.55 -8.15 -28.86
C GLY F 61 33.60 -9.20 -29.38
N ASP F 62 33.37 -10.23 -28.58
CA ASP F 62 32.56 -11.45 -28.91
C ASP F 62 31.12 -11.19 -28.48
N PRO F 63 30.13 -11.19 -29.39
CA PRO F 63 28.74 -10.84 -29.03
C PRO F 63 27.99 -11.93 -28.28
N LYS F 64 28.43 -12.33 -27.09
CA LYS F 64 27.97 -13.58 -26.43
C LYS F 64 27.00 -13.33 -25.27
N GLY F 65 26.60 -12.10 -25.01
CA GLY F 65 25.76 -11.78 -23.84
C GLY F 65 24.28 -11.96 -24.07
N ASN F 66 23.50 -12.08 -23.00
CA ASN F 66 22.04 -12.31 -23.02
C ASN F 66 21.27 -10.97 -23.15
N HIS F 67 21.92 -9.80 -23.06
CA HIS F 67 21.28 -8.45 -23.18
C HIS F 67 22.00 -7.54 -24.22
N GLU F 68 21.26 -6.63 -24.82
CA GLU F 68 21.85 -5.66 -25.77
C GLU F 68 21.06 -4.36 -25.65
N VAL F 69 21.75 -3.23 -25.75
CA VAL F 69 21.07 -1.90 -25.66
C VAL F 69 21.58 -1.05 -26.81
N ILE F 70 20.70 -0.28 -27.44
CA ILE F 70 21.14 0.58 -28.56
C ILE F 70 20.72 2.01 -28.26
N LEU F 71 21.64 2.96 -28.41
CA LEU F 71 21.30 4.40 -28.33
C LEU F 71 21.52 5.04 -29.71
N GLU F 72 20.48 5.59 -30.31
CA GLU F 72 20.57 6.39 -31.56
C GLU F 72 20.75 7.85 -31.15
N ILE F 73 21.53 8.61 -31.90
CA ILE F 73 21.90 10.01 -31.52
C ILE F 73 21.61 10.95 -32.69
N ASP F 74 20.63 11.84 -32.47
CA ASP F 74 20.24 12.90 -33.42
C ASP F 74 21.52 13.70 -33.70
N ASP F 75 21.58 14.36 -34.85
CA ASP F 75 22.82 15.02 -35.36
C ASP F 75 23.24 16.17 -34.42
N ASP F 76 22.29 16.83 -33.73
CA ASP F 76 22.58 18.01 -32.86
C ASP F 76 22.64 17.60 -31.37
N GLU F 77 22.72 16.30 -31.07
CA GLU F 77 22.49 15.74 -29.71
C GLU F 77 23.83 15.41 -29.05
N THR F 78 24.05 15.90 -27.82
CA THR F 78 25.33 15.74 -27.07
C THR F 78 25.12 14.76 -25.92
N ILE F 79 26.22 14.19 -25.42
CA ILE F 79 26.24 13.45 -24.12
C ILE F 79 26.46 14.47 -23.01
N ILE F 80 25.50 14.60 -22.09
CA ILE F 80 25.59 15.55 -20.95
C ILE F 80 25.93 14.79 -19.66
N GLY F 81 25.96 13.46 -19.72
CA GLY F 81 26.31 12.64 -18.56
C GLY F 81 26.78 11.28 -19.04
N SER F 82 27.96 10.84 -18.62
CA SER F 82 28.50 9.53 -19.04
C SER F 82 29.10 8.84 -17.82
N VAL F 83 28.85 7.55 -17.65
CA VAL F 83 29.39 6.81 -16.48
C VAL F 83 29.78 5.41 -16.95
N ILE F 84 31.04 5.02 -16.78
CA ILE F 84 31.50 3.66 -17.17
C ILE F 84 31.91 2.94 -15.89
N GLY F 85 31.40 1.74 -15.71
CA GLY F 85 31.80 0.85 -14.62
C GLY F 85 32.87 -0.08 -15.10
N TYR F 86 33.80 -0.45 -14.22
CA TYR F 86 34.94 -1.33 -14.58
C TYR F 86 35.50 -2.03 -13.34
N LYS F 87 36.16 -3.15 -13.55
CA LYS F 87 37.11 -3.77 -12.59
C LYS F 87 38.50 -3.18 -12.86
N LYS F 88 39.14 -2.63 -11.83
CA LYS F 88 40.50 -2.01 -11.93
C LYS F 88 41.50 -3.16 -11.91
N GLY F 89 42.73 -2.88 -12.30
CA GLY F 89 43.84 -3.85 -12.29
C GLY F 89 44.37 -4.04 -13.69
N ASN F 90 45.58 -4.63 -13.84
CA ASN F 90 46.10 -5.08 -15.16
C ASN F 90 45.13 -6.13 -15.73
N ASP F 91 44.53 -6.99 -14.89
CA ASP F 91 43.58 -8.06 -15.30
C ASP F 91 42.14 -7.50 -15.32
N GLY F 92 41.99 -6.18 -15.45
CA GLY F 92 40.69 -5.49 -15.41
C GLY F 92 39.80 -5.75 -16.60
N ARG F 93 38.59 -5.18 -16.57
CA ARG F 93 37.51 -5.35 -17.55
C ARG F 93 36.53 -4.19 -17.42
N CYS F 94 35.81 -3.90 -18.49
CA CYS F 94 34.73 -2.90 -18.54
C CYS F 94 33.38 -3.58 -18.25
N THR F 95 32.61 -3.03 -17.33
CA THR F 95 31.51 -3.74 -16.61
C THR F 95 30.16 -3.18 -17.02
N GLY F 96 30.07 -1.88 -17.33
CA GLY F 96 28.76 -1.23 -17.63
C GLY F 96 28.95 0.16 -18.19
N VAL F 97 27.92 0.70 -18.82
CA VAL F 97 27.88 2.08 -19.34
C VAL F 97 26.47 2.64 -19.09
N LYS F 98 26.38 3.87 -18.56
CA LYS F 98 25.18 4.73 -18.42
C LYS F 98 25.49 5.98 -19.25
N LEU F 99 24.67 6.35 -20.22
CA LEU F 99 24.77 7.62 -20.98
C LEU F 99 23.43 8.35 -20.87
N THR F 100 23.48 9.68 -20.83
CA THR F 100 22.30 10.56 -20.85
C THR F 100 22.61 11.68 -21.85
N THR F 101 21.65 12.01 -22.70
CA THR F 101 21.88 12.97 -23.81
C THR F 101 21.22 14.31 -23.48
N SER F 102 21.50 15.29 -24.35
CA SER F 102 21.01 16.68 -24.26
C SER F 102 19.52 16.71 -24.57
N LYS F 103 18.90 15.60 -24.98
CA LYS F 103 17.45 15.55 -25.33
C LYS F 103 16.73 14.65 -24.32
N GLY F 104 17.42 14.24 -23.25
CA GLY F 104 16.80 13.46 -22.17
C GLY F 104 16.67 12.00 -22.50
N LYS F 105 17.27 11.54 -23.61
CA LYS F 105 17.38 10.08 -23.88
C LYS F 105 18.40 9.53 -22.90
N SER F 106 18.26 8.26 -22.53
CA SER F 106 19.34 7.60 -21.77
C SER F 106 19.37 6.08 -21.98
N ILE F 107 20.46 5.42 -21.63
CA ILE F 107 20.59 3.94 -21.63
C ILE F 107 21.43 3.54 -20.44
N MET F 108 21.29 2.29 -20.03
CA MET F 108 21.99 1.71 -18.88
C MET F 108 22.31 0.27 -19.31
N ALA F 109 23.56 -0.13 -19.27
CA ALA F 109 24.00 -1.43 -19.77
C ALA F 109 24.96 -2.03 -18.75
N GLY F 110 24.72 -3.27 -18.35
CA GLY F 110 25.63 -4.03 -17.48
C GLY F 110 25.63 -3.53 -16.06
N TYR F 111 26.75 -3.64 -15.37
CA TYR F 111 26.85 -3.64 -13.89
C TYR F 111 27.82 -2.54 -13.46
N PHE F 112 27.71 -2.11 -12.21
CA PHE F 112 28.46 -0.96 -11.64
C PHE F 112 28.88 -1.29 -10.22
N GLU F 113 29.34 -2.52 -9.96
CA GLU F 113 29.56 -3.04 -8.58
C GLU F 113 30.96 -2.67 -8.08
N GLU F 114 31.96 -2.39 -8.90
CA GLU F 114 33.36 -2.19 -8.38
C GLU F 114 33.77 -0.71 -8.53
N SER F 115 34.14 -0.24 -9.73
CA SER F 115 34.71 1.10 -9.94
C SER F 115 33.95 1.87 -11.01
N LEU F 116 33.97 3.19 -10.96
CA LEU F 116 33.18 4.12 -11.82
C LEU F 116 34.09 5.23 -12.33
N ILE F 117 33.84 5.71 -13.53
CA ILE F 117 34.38 7.03 -13.95
C ILE F 117 33.20 7.82 -14.46
N THR F 118 33.12 9.08 -14.05
CA THR F 118 32.16 10.04 -14.62
C THR F 118 33.06 10.83 -15.55
N THR F 119 32.99 10.54 -16.85
CA THR F 119 33.88 11.10 -17.89
C THR F 119 33.47 12.50 -18.33
N TYR F 120 34.17 12.99 -19.34
CA TYR F 120 33.94 14.31 -19.96
C TYR F 120 32.66 14.23 -20.79
N THR F 121 32.09 15.37 -21.07
CA THR F 121 30.83 15.45 -21.84
C THR F 121 31.13 16.14 -23.16
N GLY F 122 30.17 16.15 -24.08
CA GLY F 122 30.27 16.81 -25.39
C GLY F 122 29.71 15.92 -26.48
N LYS F 123 29.97 16.26 -27.75
CA LYS F 123 29.50 15.51 -28.93
C LYS F 123 30.34 14.24 -29.06
N LEU F 124 29.71 13.07 -28.88
CA LEU F 124 30.45 11.78 -28.93
C LEU F 124 30.83 11.48 -30.37
N ALA F 125 32.14 11.29 -30.57
CA ALA F 125 32.88 11.27 -31.87
C ALA F 125 33.52 9.91 -32.12
N GLY F 126 33.93 9.20 -31.07
CA GLY F 126 34.46 7.84 -31.24
C GLY F 126 34.70 7.12 -29.95
N ILE F 127 35.23 5.91 -30.03
CA ILE F 127 35.63 5.09 -28.84
C ILE F 127 36.96 4.41 -29.13
N LYS F 128 37.74 4.09 -28.12
CA LYS F 128 39.02 3.35 -28.24
C LYS F 128 39.16 2.47 -27.00
N GLY F 129 39.84 1.34 -27.12
CA GLY F 129 40.17 0.49 -25.96
C GLY F 129 40.71 -0.85 -26.43
N GLY F 130 40.44 -1.90 -25.67
CA GLY F 130 40.78 -3.28 -26.07
C GLY F 130 39.67 -4.25 -25.79
N ALA F 131 39.55 -5.28 -26.62
CA ALA F 131 38.49 -6.32 -26.52
C ALA F 131 39.04 -7.66 -26.99
N GLY F 132 38.44 -8.74 -26.46
CA GLY F 132 38.58 -10.12 -26.96
C GLY F 132 37.28 -10.86 -26.75
N SER F 133 37.24 -11.80 -25.80
CA SER F 133 36.00 -12.42 -25.29
C SER F 133 35.12 -11.36 -24.60
N ASP F 134 35.76 -10.39 -23.96
CA ASP F 134 35.04 -9.32 -23.24
C ASP F 134 35.65 -7.98 -23.62
N ILE F 135 35.08 -6.90 -23.09
CA ILE F 135 35.68 -5.56 -23.36
C ILE F 135 36.74 -5.34 -22.30
N ASP F 136 38.01 -5.55 -22.62
CA ASP F 136 39.06 -5.38 -21.60
C ASP F 136 39.01 -3.95 -21.02
N ARG F 137 39.12 -2.93 -21.85
CA ARG F 137 39.06 -1.54 -21.36
C ARG F 137 38.31 -0.67 -22.36
N LEU F 138 37.88 0.52 -21.95
CA LEU F 138 37.12 1.38 -22.89
C LEU F 138 37.28 2.86 -22.53
N GLY F 139 37.38 3.73 -23.52
CA GLY F 139 37.52 5.17 -23.36
C GLY F 139 36.72 5.90 -24.43
N LEU F 140 35.97 6.92 -24.06
CA LEU F 140 35.15 7.68 -25.03
C LEU F 140 36.01 8.80 -25.61
N ILE F 141 35.56 9.33 -26.76
CA ILE F 141 36.24 10.43 -27.49
C ILE F 141 35.18 11.45 -27.93
N PHE F 142 35.41 12.73 -27.62
CA PHE F 142 34.46 13.85 -27.86
C PHE F 142 35.09 14.89 -28.79
N LEU F 143 34.31 15.78 -29.38
CA LEU F 143 34.75 16.98 -30.16
C LEU F 143 35.09 18.15 -29.23
N LYS F 144 35.27 19.38 -29.79
CA LYS F 144 35.46 20.68 -29.11
C LYS F 144 34.71 21.74 -29.94
N ASP G 5 17.18 10.00 -48.56
CA ASP G 5 15.73 10.30 -48.90
C ASP G 5 15.37 11.62 -48.18
N ASN G 6 14.10 11.86 -47.81
CA ASN G 6 13.64 12.87 -46.80
C ASN G 6 13.46 12.20 -45.42
N TYR G 7 13.86 10.92 -45.27
CA TYR G 7 13.47 10.05 -44.13
C TYR G 7 14.71 9.61 -43.32
N ILE G 8 14.57 9.45 -42.00
CA ILE G 8 15.56 8.85 -41.09
C ILE G 8 15.05 7.47 -40.65
N TYR G 9 15.84 6.40 -40.85
CA TYR G 9 15.37 5.03 -40.54
C TYR G 9 16.01 4.56 -39.23
N SER G 10 15.22 4.39 -38.17
CA SER G 10 15.79 3.83 -36.92
C SER G 10 15.87 2.30 -37.06
N THR G 11 16.94 1.69 -36.53
CA THR G 11 17.18 0.23 -36.52
C THR G 11 15.88 -0.56 -36.35
N GLU G 12 15.61 -1.48 -37.25
CA GLU G 12 14.63 -2.57 -37.05
C GLU G 12 15.20 -3.46 -35.97
N VAL G 13 14.51 -3.65 -34.85
CA VAL G 13 14.99 -4.55 -33.77
C VAL G 13 14.06 -5.75 -33.68
N GLY G 14 14.61 -6.87 -33.25
CA GLY G 14 13.91 -8.16 -33.06
C GLY G 14 14.53 -9.24 -33.94
N GLY G 15 13.70 -10.18 -34.38
CA GLY G 15 14.11 -11.35 -35.17
C GLY G 15 13.99 -11.12 -36.66
N VAL G 16 14.32 -12.19 -37.41
CA VAL G 16 14.34 -12.22 -38.90
C VAL G 16 13.10 -12.93 -39.44
N GLY G 17 12.20 -13.40 -38.58
CA GLY G 17 10.92 -14.08 -38.89
C GLY G 17 9.87 -13.15 -39.47
N GLY G 18 8.67 -13.72 -39.71
CA GLY G 18 7.44 -13.03 -40.16
C GLY G 18 7.50 -12.44 -41.56
N THR G 19 6.35 -12.00 -42.03
CA THR G 19 6.12 -11.36 -43.34
C THR G 19 6.52 -9.90 -43.26
N PRO G 20 7.44 -9.40 -44.14
CA PRO G 20 7.76 -7.97 -44.17
C PRO G 20 6.53 -7.06 -44.31
N PHE G 21 6.67 -5.85 -43.81
CA PHE G 21 5.69 -4.73 -43.94
C PHE G 21 6.47 -3.43 -43.99
N THR G 22 5.99 -2.48 -44.81
CA THR G 22 6.49 -1.10 -44.87
C THR G 22 5.28 -0.20 -45.03
N PHE G 23 5.06 0.67 -44.04
CA PHE G 23 3.91 1.62 -43.99
C PHE G 23 4.51 3.03 -44.08
N MET G 24 4.47 3.66 -45.27
CA MET G 24 4.85 5.08 -45.51
C MET G 24 3.89 5.66 -46.58
N GLN G 25 3.93 6.97 -46.70
CA GLN G 25 3.13 7.66 -47.73
C GLN G 25 3.92 8.88 -48.14
N GLU G 26 3.91 9.18 -49.43
CA GLU G 26 4.50 10.45 -49.98
C GLU G 26 3.69 11.61 -49.38
N SER G 27 4.42 12.66 -48.96
CA SER G 27 3.92 13.94 -48.42
C SER G 27 2.99 13.70 -47.21
N GLY G 28 3.16 12.61 -46.45
CA GLY G 28 2.24 12.26 -45.33
C GLY G 28 2.95 11.74 -44.10
N THR G 29 2.28 11.79 -42.95
CA THR G 29 2.83 11.33 -41.63
C THR G 29 1.74 10.53 -40.88
N ILE G 30 2.12 9.78 -39.84
CA ILE G 30 1.20 8.97 -39.00
C ILE G 30 0.42 9.90 -38.06
N THR G 31 -0.91 9.74 -38.03
CA THR G 31 -1.84 10.41 -37.06
C THR G 31 -2.39 9.42 -36.04
N SER G 32 -2.30 8.13 -36.26
CA SER G 32 -2.80 7.12 -35.29
C SER G 32 -1.98 5.85 -35.37
N ILE G 33 -1.60 5.28 -34.24
CA ILE G 33 -0.85 3.99 -34.18
C ILE G 33 -1.40 3.18 -33.01
N LYS G 34 -1.64 1.90 -33.22
CA LYS G 34 -2.20 0.99 -32.20
C LYS G 34 -1.27 -0.19 -31.98
N PHE G 35 -1.03 -0.56 -30.73
CA PHE G 35 -0.22 -1.74 -30.34
C PHE G 35 -1.11 -2.72 -29.57
N ASN G 36 -1.05 -3.98 -29.93
CA ASN G 36 -1.82 -5.10 -29.32
C ASN G 36 -0.81 -6.08 -28.73
N TRP G 37 -0.95 -6.49 -27.46
CA TRP G 37 0.04 -7.36 -26.78
C TRP G 37 -0.64 -8.27 -25.78
N SER G 38 0.08 -9.29 -25.30
CA SER G 38 -0.48 -10.29 -24.36
C SER G 38 0.33 -10.32 -23.06
N ASP G 39 -0.32 -10.57 -21.93
CA ASP G 39 0.39 -10.92 -20.68
C ASP G 39 0.86 -12.38 -20.80
N GLN G 40 0.15 -13.20 -21.61
CA GLN G 40 0.49 -14.64 -21.71
C GLN G 40 1.91 -14.82 -22.25
N TYR G 41 2.29 -14.14 -23.33
CA TYR G 41 3.59 -14.36 -24.04
C TYR G 41 4.54 -13.16 -23.86
N LYS G 42 4.08 -12.05 -23.25
CA LYS G 42 4.92 -10.85 -22.99
C LYS G 42 5.58 -10.37 -24.30
N LEU G 43 4.80 -10.34 -25.38
CA LEU G 43 5.17 -9.89 -26.75
C LEU G 43 4.11 -8.92 -27.29
N LEU G 44 4.51 -8.07 -28.22
CA LEU G 44 3.58 -7.41 -29.18
C LEU G 44 3.13 -8.44 -30.22
N HIS G 45 1.86 -8.44 -30.60
CA HIS G 45 1.28 -9.35 -31.63
C HIS G 45 0.79 -8.60 -32.88
N HIS G 46 0.34 -7.36 -32.78
CA HIS G 46 -0.38 -6.69 -33.92
C HIS G 46 -0.18 -5.16 -33.82
N ILE G 47 -0.09 -4.49 -34.96
CA ILE G 47 0.07 -3.02 -35.06
C ILE G 47 -0.86 -2.54 -36.18
N GLU G 48 -1.53 -1.40 -35.99
CA GLU G 48 -2.32 -0.67 -37.02
C GLU G 48 -1.86 0.78 -37.08
N VAL G 49 -1.96 1.42 -38.23
CA VAL G 49 -1.44 2.79 -38.51
C VAL G 49 -2.43 3.46 -39.45
N LYS G 50 -2.77 4.74 -39.23
CA LYS G 50 -3.54 5.62 -40.14
C LYS G 50 -2.63 6.80 -40.46
N PHE G 51 -2.76 7.39 -41.63
CA PHE G 51 -1.91 8.53 -42.06
C PHE G 51 -2.81 9.74 -42.28
N ILE G 52 -2.26 10.95 -42.07
CA ILE G 52 -3.00 12.21 -42.34
C ILE G 52 -3.56 12.11 -43.78
N ASN G 53 -4.82 12.51 -43.98
CA ASN G 53 -5.51 12.61 -45.30
C ASN G 53 -5.73 11.22 -45.91
N ASN G 54 -6.02 10.18 -45.11
CA ASN G 54 -6.21 8.81 -45.64
C ASN G 54 -6.89 7.93 -44.58
N ALA G 55 -8.18 7.69 -44.83
CA ALA G 55 -9.12 6.96 -43.95
C ALA G 55 -8.80 5.46 -43.91
N ASN G 56 -7.89 4.98 -44.75
CA ASN G 56 -7.40 3.56 -44.69
C ASN G 56 -6.60 3.28 -43.40
N ILE G 57 -6.83 2.08 -42.88
CA ILE G 57 -6.12 1.42 -41.75
C ILE G 57 -5.13 0.36 -42.30
N TYR G 58 -3.83 0.61 -42.18
CA TYR G 58 -2.74 -0.35 -42.49
C TYR G 58 -2.42 -1.20 -41.26
N ALA G 59 -2.59 -2.51 -41.37
CA ALA G 59 -2.41 -3.48 -40.24
C ALA G 59 -1.40 -4.57 -40.57
N THR G 60 -0.85 -5.21 -39.56
CA THR G 60 0.11 -6.34 -39.66
C THR G 60 0.08 -7.12 -38.35
N GLY G 61 0.34 -8.41 -38.40
CA GLY G 61 0.33 -9.32 -37.23
C GLY G 61 -1.07 -9.76 -36.87
N ASP G 62 -1.16 -10.76 -35.99
CA ASP G 62 -2.41 -11.43 -35.56
C ASP G 62 -2.94 -10.70 -34.32
N PRO G 63 -4.15 -10.10 -34.35
CA PRO G 63 -4.63 -9.30 -33.21
C PRO G 63 -5.13 -10.14 -32.02
N LYS G 64 -4.28 -10.94 -31.40
CA LYS G 64 -4.70 -12.00 -30.45
C LYS G 64 -4.41 -11.64 -29.00
N GLY G 65 -3.93 -10.42 -28.70
CA GLY G 65 -3.53 -10.08 -27.33
C GLY G 65 -4.72 -9.57 -26.50
N ASN G 66 -4.57 -9.60 -25.17
CA ASN G 66 -5.64 -9.19 -24.22
C ASN G 66 -5.60 -7.66 -23.98
N HIS G 67 -4.60 -6.92 -24.48
CA HIS G 67 -4.45 -5.44 -24.33
C HIS G 67 -4.22 -4.73 -25.67
N GLU G 68 -4.69 -3.49 -25.81
CA GLU G 68 -4.57 -2.61 -27.02
C GLU G 68 -4.31 -1.19 -26.49
N VAL G 69 -3.39 -0.42 -27.06
CA VAL G 69 -3.31 1.06 -26.79
C VAL G 69 -3.26 1.76 -28.13
N ILE G 70 -3.86 2.93 -28.20
CA ILE G 70 -3.87 3.80 -29.39
C ILE G 70 -3.27 5.14 -28.98
N LEU G 71 -2.35 5.66 -29.79
CA LEU G 71 -1.87 7.04 -29.70
C LEU G 71 -2.30 7.81 -30.94
N GLU G 72 -3.11 8.84 -30.77
CA GLU G 72 -3.51 9.80 -31.82
C GLU G 72 -2.51 10.96 -31.75
N ILE G 73 -2.12 11.50 -32.90
CA ILE G 73 -1.00 12.49 -33.01
C ILE G 73 -1.51 13.72 -33.76
N ASP G 74 -1.56 14.84 -33.04
CA ASP G 74 -1.94 16.17 -33.59
C ASP G 74 -0.96 16.42 -34.75
N ASP G 75 -1.35 17.24 -35.73
CA ASP G 75 -0.59 17.44 -36.99
C ASP G 75 0.79 18.07 -36.69
N ASP G 76 0.94 18.87 -35.64
CA ASP G 76 2.21 19.58 -35.31
C ASP G 76 2.98 18.85 -34.18
N GLU G 77 2.62 17.62 -33.85
CA GLU G 77 3.11 16.88 -32.65
C GLU G 77 4.24 15.90 -33.02
N THR G 78 5.37 15.97 -32.30
CA THR G 78 6.56 15.13 -32.55
C THR G 78 6.75 14.07 -31.47
N ILE G 79 7.51 13.03 -31.76
CA ILE G 79 8.00 12.06 -30.74
C ILE G 79 9.30 12.61 -30.17
N ILE G 80 9.34 12.89 -28.87
CA ILE G 80 10.56 13.41 -28.21
C ILE G 80 11.24 12.31 -27.41
N GLY G 81 10.63 11.14 -27.26
CA GLY G 81 11.22 10.02 -26.52
C GLY G 81 10.61 8.72 -26.97
N SER G 82 11.44 7.73 -27.29
CA SER G 82 10.93 6.48 -27.86
C SER G 82 11.84 5.33 -27.44
N VAL G 83 11.24 4.28 -26.88
CA VAL G 83 11.97 3.07 -26.42
C VAL G 83 11.23 1.83 -26.92
N ILE G 84 11.94 0.92 -27.56
CA ILE G 84 11.37 -0.38 -27.98
C ILE G 84 12.15 -1.48 -27.27
N GLY G 85 11.40 -2.38 -26.66
CA GLY G 85 11.97 -3.58 -26.03
C GLY G 85 11.86 -4.74 -26.98
N TYR G 86 12.82 -5.66 -26.95
CA TYR G 86 12.88 -6.80 -27.89
C TYR G 86 13.75 -7.92 -27.32
N LYS G 87 13.53 -9.14 -27.81
CA LYS G 87 14.48 -10.28 -27.71
C LYS G 87 15.37 -10.24 -28.94
N LYS G 88 16.69 -10.24 -28.75
CA LYS G 88 17.71 -10.21 -29.84
C LYS G 88 17.82 -11.64 -30.37
N GLY G 89 18.47 -11.84 -31.52
CA GLY G 89 18.70 -13.17 -32.14
C GLY G 89 17.95 -13.27 -33.46
N ASN G 90 18.30 -14.25 -34.32
CA ASN G 90 17.54 -14.54 -35.57
C ASN G 90 16.09 -14.92 -35.19
N ASP G 91 15.89 -15.63 -34.08
CA ASP G 91 14.56 -16.07 -33.58
C ASP G 91 13.96 -14.98 -32.67
N GLY G 92 14.39 -13.73 -32.83
CA GLY G 92 13.96 -12.60 -31.95
C GLY G 92 12.52 -12.19 -32.15
N ARG G 93 12.08 -11.21 -31.36
CA ARG G 93 10.68 -10.69 -31.27
C ARG G 93 10.70 -9.30 -30.66
N CYS G 94 9.68 -8.51 -30.95
CA CYS G 94 9.48 -7.16 -30.40
C CYS G 94 8.53 -7.27 -29.20
N THR G 95 8.91 -6.69 -28.07
CA THR G 95 8.38 -7.05 -26.73
C THR G 95 7.51 -5.92 -26.19
N GLY G 96 7.87 -4.67 -26.49
CA GLY G 96 7.16 -3.47 -25.93
C GLY G 96 7.58 -2.20 -26.61
N VAL G 97 6.77 -1.17 -26.49
CA VAL G 97 7.03 0.20 -27.00
C VAL G 97 6.57 1.21 -25.94
N LYS G 98 7.40 2.20 -25.64
CA LYS G 98 7.09 3.42 -24.82
C LYS G 98 7.32 4.59 -25.78
N LEU G 99 6.33 5.45 -26.01
CA LEU G 99 6.48 6.69 -26.79
C LEU G 99 6.00 7.86 -25.95
N THR G 100 6.65 9.01 -26.09
CA THR G 100 6.29 10.27 -25.42
C THR G 100 6.36 11.38 -26.48
N THR G 101 5.34 12.23 -26.53
CA THR G 101 5.22 13.27 -27.57
C THR G 101 5.62 14.64 -27.04
N SER G 102 5.69 15.60 -27.95
CA SER G 102 6.04 17.01 -27.71
C SER G 102 4.90 17.71 -26.96
N LYS G 103 3.76 17.05 -26.74
CA LYS G 103 2.60 17.64 -26.01
C LYS G 103 2.38 16.88 -24.71
N GLY G 104 3.32 16.01 -24.32
CA GLY G 104 3.28 15.30 -23.03
C GLY G 104 2.35 14.12 -23.05
N LYS G 105 1.81 13.75 -24.21
CA LYS G 105 1.01 12.51 -24.37
C LYS G 105 2.01 11.37 -24.28
N SER G 106 1.59 10.21 -23.79
CA SER G 106 2.48 9.04 -23.84
C SER G 106 1.67 7.74 -23.85
N ILE G 107 2.29 6.64 -24.28
CA ILE G 107 1.71 5.29 -24.21
C ILE G 107 2.83 4.33 -23.86
N MET G 108 2.45 3.19 -23.31
CA MET G 108 3.38 2.17 -22.79
C MET G 108 2.68 0.84 -23.11
N ALA G 109 3.35 -0.03 -23.85
CA ALA G 109 2.70 -1.22 -24.42
C ALA G 109 3.66 -2.38 -24.21
N GLY G 110 3.15 -3.44 -23.60
CA GLY G 110 3.93 -4.68 -23.44
C GLY G 110 5.10 -4.53 -22.45
N TYR G 111 6.18 -5.27 -22.66
CA TYR G 111 7.18 -5.66 -21.63
C TYR G 111 8.58 -5.22 -22.08
N PHE G 112 9.53 -5.13 -21.17
CA PHE G 112 10.88 -4.57 -21.43
C PHE G 112 11.95 -5.43 -20.72
N GLU G 113 11.84 -6.74 -20.80
CA GLU G 113 12.62 -7.66 -19.93
C GLU G 113 14.02 -7.97 -20.51
N GLU G 114 14.28 -7.89 -21.81
CA GLU G 114 15.60 -8.36 -22.36
C GLU G 114 16.43 -7.18 -22.87
N SER G 115 16.11 -6.63 -24.05
CA SER G 115 16.94 -5.61 -24.75
C SER G 115 16.10 -4.38 -25.08
N LEU G 116 16.74 -3.21 -25.21
CA LEU G 116 16.09 -1.89 -25.37
C LEU G 116 16.82 -1.13 -26.48
N ILE G 117 16.10 -0.33 -27.24
CA ILE G 117 16.73 0.72 -28.08
C ILE G 117 16.01 2.02 -27.71
N THR G 118 16.76 3.08 -27.49
CA THR G 118 16.22 4.46 -27.46
C THR G 118 16.48 5.00 -28.85
N THR G 119 15.44 5.30 -29.58
CA THR G 119 15.55 5.67 -31.00
C THR G 119 15.79 7.17 -31.14
N TYR G 120 15.91 7.52 -32.42
CA TYR G 120 15.98 8.89 -32.95
C TYR G 120 14.59 9.48 -32.73
N THR G 121 14.56 10.78 -32.61
CA THR G 121 13.30 11.52 -32.34
C THR G 121 12.93 12.30 -33.60
N GLY G 122 11.74 12.87 -33.63
CA GLY G 122 11.27 13.71 -34.75
C GLY G 122 9.82 13.41 -35.06
N LYS G 123 9.34 13.89 -36.21
CA LYS G 123 7.94 13.69 -36.67
C LYS G 123 7.82 12.25 -37.18
N LEU G 124 7.08 11.39 -36.49
CA LEU G 124 6.99 9.98 -36.93
C LEU G 124 6.28 9.92 -38.29
N ALA G 125 6.92 9.33 -39.29
CA ALA G 125 6.35 9.30 -40.65
C ALA G 125 5.95 7.89 -41.06
N GLY G 126 6.49 6.86 -40.42
CA GLY G 126 6.09 5.50 -40.82
C GLY G 126 6.78 4.43 -40.00
N ILE G 127 6.50 3.17 -40.29
CA ILE G 127 7.15 2.03 -39.57
C ILE G 127 7.44 0.93 -40.59
N LYS G 128 8.32 0.01 -40.24
CA LYS G 128 8.66 -1.10 -41.14
C LYS G 128 9.24 -2.21 -40.29
N GLY G 129 9.00 -3.45 -40.65
CA GLY G 129 9.55 -4.62 -39.92
C GLY G 129 8.93 -5.90 -40.43
N GLY G 130 8.77 -6.88 -39.57
CA GLY G 130 8.07 -8.13 -39.92
C GLY G 130 7.17 -8.63 -38.81
N ALA G 131 6.08 -9.27 -39.19
CA ALA G 131 5.04 -9.78 -38.28
C ALA G 131 4.43 -11.06 -38.84
N GLY G 132 3.96 -11.92 -37.95
CA GLY G 132 3.21 -13.15 -38.22
C GLY G 132 2.17 -13.35 -37.13
N SER G 133 2.35 -14.36 -36.28
CA SER G 133 1.61 -14.52 -35.01
C SER G 133 1.96 -13.39 -34.04
N ASP G 134 3.19 -12.92 -34.14
CA ASP G 134 3.69 -11.84 -33.26
C ASP G 134 4.37 -10.76 -34.10
N ILE G 135 4.82 -9.69 -33.46
CA ILE G 135 5.62 -8.67 -34.18
C ILE G 135 7.05 -9.14 -34.02
N ASP G 136 7.66 -9.63 -35.09
CA ASP G 136 9.03 -10.19 -35.04
C ASP G 136 10.07 -9.08 -34.95
N ARG G 137 9.95 -8.04 -35.76
CA ARG G 137 10.94 -6.96 -35.73
C ARG G 137 10.24 -5.65 -36.05
N LEU G 138 10.73 -4.53 -35.52
CA LEU G 138 10.06 -3.24 -35.78
C LEU G 138 11.10 -2.13 -35.80
N GLY G 139 10.95 -1.19 -36.71
CA GLY G 139 11.80 -0.01 -36.85
C GLY G 139 10.97 1.22 -37.17
N LEU G 140 11.21 2.33 -36.47
CA LEU G 140 10.45 3.57 -36.69
C LEU G 140 11.13 4.36 -37.81
N ILE G 141 10.37 5.27 -38.43
CA ILE G 141 10.83 6.15 -39.54
C ILE G 141 10.34 7.57 -39.27
N PHE G 142 11.26 8.54 -39.34
CA PHE G 142 10.99 9.97 -39.02
C PHE G 142 11.29 10.85 -40.25
N LEU G 143 10.84 12.11 -40.26
CA LEU G 143 11.17 13.17 -41.24
C LEU G 143 12.56 13.80 -40.94
N LYS G 144 12.92 14.88 -41.63
CA LYS G 144 14.22 15.62 -41.52
C LYS G 144 13.93 17.11 -41.75
N ASP H 5 -26.88 -50.51 -13.15
CA ASP H 5 -25.39 -50.55 -13.10
C ASP H 5 -24.98 -50.26 -11.64
N ASN H 6 -23.66 -50.28 -11.38
CA ASN H 6 -23.00 -49.80 -10.12
C ASN H 6 -22.47 -48.37 -10.32
N TYR H 7 -22.89 -47.69 -11.39
CA TYR H 7 -22.31 -46.39 -11.84
C TYR H 7 -23.37 -45.27 -11.75
N ILE H 8 -22.92 -44.05 -11.44
CA ILE H 8 -23.73 -42.80 -11.51
C ILE H 8 -23.26 -41.98 -12.72
N TYR H 9 -24.15 -41.60 -13.61
CA TYR H 9 -23.78 -40.84 -14.85
C TYR H 9 -24.14 -39.37 -14.64
N SER H 10 -23.17 -38.48 -14.54
CA SER H 10 -23.48 -37.03 -14.46
C SER H 10 -23.75 -36.54 -15.90
N THR H 11 -24.71 -35.62 -16.06
CA THR H 11 -25.11 -35.02 -17.35
C THR H 11 -23.89 -34.78 -18.25
N GLU H 12 -23.96 -35.31 -19.47
CA GLU H 12 -23.07 -34.91 -20.57
C GLU H 12 -23.47 -33.48 -20.92
N VAL H 13 -22.55 -32.52 -20.83
CA VAL H 13 -22.85 -31.10 -21.17
C VAL H 13 -22.07 -30.74 -22.44
N GLY H 14 -22.65 -29.87 -23.26
CA GLY H 14 -21.97 -29.46 -24.49
C GLY H 14 -22.85 -29.57 -25.71
N GLY H 15 -22.27 -29.84 -26.87
CA GLY H 15 -23.05 -29.93 -28.12
C GLY H 15 -23.32 -31.36 -28.50
N VAL H 16 -23.91 -31.56 -29.68
CA VAL H 16 -24.27 -32.93 -30.16
C VAL H 16 -23.23 -33.41 -31.15
N GLY H 17 -22.23 -32.60 -31.44
CA GLY H 17 -21.19 -32.94 -32.44
C GLY H 17 -20.10 -33.87 -31.94
N GLY H 18 -19.15 -34.16 -32.82
CA GLY H 18 -18.00 -35.06 -32.60
C GLY H 18 -18.32 -36.55 -32.56
N THR H 19 -17.26 -37.35 -32.56
CA THR H 19 -17.26 -38.82 -32.48
C THR H 19 -17.46 -39.24 -31.03
N PRO H 20 -18.45 -40.10 -30.72
CA PRO H 20 -18.61 -40.67 -29.39
C PRO H 20 -17.33 -41.27 -28.79
N PHE H 21 -17.27 -41.24 -27.47
CA PHE H 21 -16.26 -41.97 -26.65
C PHE H 21 -16.92 -42.39 -25.34
N THR H 22 -16.57 -43.58 -24.84
CA THR H 22 -16.94 -44.06 -23.50
C THR H 22 -15.75 -44.83 -22.93
N PHE H 23 -15.16 -44.32 -21.85
CA PHE H 23 -13.96 -44.87 -21.16
C PHE H 23 -14.39 -45.30 -19.77
N MET H 24 -14.60 -46.60 -19.55
CA MET H 24 -14.78 -47.25 -18.21
C MET H 24 -14.03 -48.60 -18.16
N GLN H 25 -13.83 -49.16 -16.97
CA GLN H 25 -13.30 -50.54 -16.72
C GLN H 25 -14.05 -51.15 -15.55
N GLU H 26 -14.73 -52.31 -15.71
CA GLU H 26 -15.34 -53.08 -14.58
C GLU H 26 -14.25 -53.23 -13.51
N SER H 27 -14.65 -53.01 -12.25
CA SER H 27 -13.84 -53.16 -11.01
C SER H 27 -12.56 -52.31 -11.08
N GLY H 28 -12.56 -51.19 -11.81
CA GLY H 28 -11.43 -50.25 -11.93
C GLY H 28 -11.88 -48.79 -11.83
N THR H 29 -10.98 -47.86 -11.51
CA THR H 29 -11.27 -46.40 -11.38
C THR H 29 -10.15 -45.59 -12.02
N ILE H 30 -10.39 -44.30 -12.31
CA ILE H 30 -9.40 -43.35 -12.90
C ILE H 30 -8.37 -42.96 -11.84
N THR H 31 -7.08 -43.09 -12.21
CA THR H 31 -5.88 -42.67 -11.42
C THR H 31 -5.21 -41.45 -12.06
N SER H 32 -5.48 -41.16 -13.33
CA SER H 32 -4.89 -39.97 -13.96
C SER H 32 -5.84 -39.39 -15.01
N ILE H 33 -5.99 -38.07 -15.04
CA ILE H 33 -6.81 -37.40 -16.09
C ILE H 33 -6.10 -36.14 -16.57
N LYS H 34 -6.08 -35.90 -17.88
CA LYS H 34 -5.37 -34.75 -18.46
C LYS H 34 -6.35 -33.94 -19.30
N PHE H 35 -6.31 -32.61 -19.20
CA PHE H 35 -7.12 -31.69 -20.03
C PHE H 35 -6.20 -30.79 -20.83
N ASN H 36 -6.44 -30.65 -22.12
CA ASN H 36 -5.67 -29.84 -23.08
C ASN H 36 -6.62 -28.76 -23.61
N TRP H 37 -6.22 -27.49 -23.58
CA TRP H 37 -7.14 -26.38 -24.00
C TRP H 37 -6.35 -25.25 -24.64
N SER H 38 -7.04 -24.32 -25.30
CA SER H 38 -6.40 -23.19 -26.03
C SER H 38 -6.93 -21.86 -25.51
N ASP H 39 -6.06 -20.83 -25.50
CA ASP H 39 -6.53 -19.45 -25.26
C ASP H 39 -7.16 -18.95 -26.56
N GLN H 40 -6.77 -19.52 -27.71
CA GLN H 40 -7.27 -19.05 -29.03
C GLN H 40 -8.78 -19.22 -29.10
N TYR H 41 -9.34 -20.38 -28.74
CA TYR H 41 -10.79 -20.70 -28.92
C TYR H 41 -11.52 -20.78 -27.56
N LYS H 42 -10.80 -20.71 -26.42
CA LYS H 42 -11.39 -20.78 -25.07
C LYS H 42 -12.26 -22.05 -24.94
N LEU H 43 -11.74 -23.17 -25.43
CA LEU H 43 -12.35 -24.52 -25.42
C LEU H 43 -11.34 -25.56 -24.93
N LEU H 44 -11.85 -26.67 -24.38
CA LEU H 44 -11.12 -27.96 -24.27
C LEU H 44 -11.03 -28.58 -25.67
N HIS H 45 -9.87 -29.15 -26.02
CA HIS H 45 -9.65 -29.86 -27.30
C HIS H 45 -9.40 -31.36 -27.11
N HIS H 46 -8.82 -31.79 -25.99
CA HIS H 46 -8.30 -33.17 -25.88
C HIS H 46 -8.33 -33.59 -24.39
N ILE H 47 -8.62 -34.85 -24.12
CA ILE H 47 -8.65 -35.44 -22.77
C ILE H 47 -7.98 -36.81 -22.85
N GLU H 48 -7.20 -37.18 -21.82
CA GLU H 48 -6.63 -38.54 -21.64
C GLU H 48 -6.99 -39.05 -20.24
N VAL H 49 -7.10 -40.36 -20.09
CA VAL H 49 -7.41 -41.00 -18.79
C VAL H 49 -6.61 -42.29 -18.69
N LYS H 50 -6.05 -42.62 -17.52
CA LYS H 50 -5.46 -43.93 -17.15
C LYS H 50 -6.30 -44.54 -16.05
N PHE H 51 -6.33 -45.87 -15.96
CA PHE H 51 -7.11 -46.55 -14.91
C PHE H 51 -6.16 -47.35 -14.02
N ILE H 52 -6.50 -47.51 -12.74
CA ILE H 52 -5.73 -48.36 -11.79
C ILE H 52 -5.54 -49.72 -12.48
N ASN H 53 -4.32 -50.28 -12.42
CA ASN H 53 -3.95 -51.64 -12.92
C ASN H 53 -4.03 -51.70 -14.44
N ASN H 54 -3.65 -50.63 -15.15
CA ASN H 54 -3.77 -50.60 -16.63
C ASN H 54 -2.93 -49.43 -17.16
N ALA H 55 -1.80 -49.81 -17.75
CA ALA H 55 -0.74 -48.93 -18.29
C ALA H 55 -1.22 -48.17 -19.53
N ASN H 56 -2.36 -48.57 -20.10
CA ASN H 56 -2.92 -47.91 -21.31
C ASN H 56 -3.46 -46.52 -20.96
N ILE H 57 -3.26 -45.60 -21.89
CA ILE H 57 -3.80 -44.21 -21.96
C ILE H 57 -4.96 -44.17 -22.98
N TYR H 58 -6.19 -43.95 -22.50
CA TYR H 58 -7.38 -43.73 -23.34
C TYR H 58 -7.53 -42.23 -23.64
N ALA H 59 -7.43 -41.85 -24.92
CA ALA H 59 -7.40 -40.43 -25.36
C ALA H 59 -8.53 -40.15 -26.37
N THR H 60 -8.94 -38.89 -26.47
CA THR H 60 -9.98 -38.44 -27.41
C THR H 60 -9.78 -36.96 -27.69
N GLY H 61 -10.15 -36.53 -28.90
CA GLY H 61 -9.94 -35.15 -29.37
C GLY H 61 -8.54 -34.91 -29.86
N ASP H 62 -8.34 -33.76 -30.50
CA ASP H 62 -7.08 -33.34 -31.18
C ASP H 62 -6.25 -32.55 -30.17
N PRO H 63 -5.04 -33.00 -29.80
CA PRO H 63 -4.24 -32.33 -28.76
C PRO H 63 -3.57 -31.02 -29.25
N LYS H 64 -4.34 -30.01 -29.63
CA LYS H 64 -3.82 -28.84 -30.38
C LYS H 64 -3.78 -27.58 -29.49
N GLY H 65 -4.05 -27.68 -28.20
CA GLY H 65 -4.06 -26.49 -27.33
C GLY H 65 -2.69 -26.14 -26.80
N ASN H 66 -2.52 -24.89 -26.34
CA ASN H 66 -1.25 -24.33 -25.83
C ASN H 66 -1.07 -24.66 -24.33
N HIS H 67 -2.07 -25.23 -23.63
CA HIS H 67 -2.03 -25.59 -22.17
C HIS H 67 -2.46 -27.05 -21.91
N GLU H 68 -1.93 -27.70 -20.88
CA GLU H 68 -2.22 -29.10 -20.44
C GLU H 68 -2.24 -29.08 -18.90
N VAL H 69 -3.20 -29.71 -18.22
CA VAL H 69 -3.06 -30.01 -16.76
C VAL H 69 -3.35 -31.48 -16.54
N ILE H 70 -2.66 -32.09 -15.60
CA ILE H 70 -2.82 -33.52 -15.23
C ILE H 70 -3.11 -33.57 -13.73
N LEU H 71 -4.10 -34.36 -13.35
CA LEU H 71 -4.40 -34.67 -11.93
C LEU H 71 -4.20 -36.16 -11.71
N GLU H 72 -3.29 -36.54 -10.83
CA GLU H 72 -3.10 -37.95 -10.40
C GLU H 72 -3.99 -38.16 -9.16
N ILE H 73 -4.58 -39.34 -8.99
CA ILE H 73 -5.57 -39.64 -7.93
C ILE H 73 -5.14 -40.88 -7.17
N ASP H 74 -4.79 -40.69 -5.88
CA ASP H 74 -4.42 -41.77 -4.93
C ASP H 74 -5.61 -42.73 -4.93
N ASP H 75 -5.39 -43.99 -4.58
CA ASP H 75 -6.38 -45.08 -4.76
C ASP H 75 -7.59 -44.83 -3.83
N ASP H 76 -7.43 -44.16 -2.68
CA ASP H 76 -8.53 -43.93 -1.70
C ASP H 76 -9.11 -42.51 -1.84
N GLU H 77 -8.79 -41.78 -2.91
CA GLU H 77 -9.03 -40.31 -3.05
C GLU H 77 -10.27 -40.06 -3.92
N THR H 78 -11.20 -39.24 -3.42
CA THR H 78 -12.51 -38.95 -4.08
C THR H 78 -12.51 -37.54 -4.67
N ILE H 79 -13.39 -37.31 -5.63
CA ILE H 79 -13.72 -35.93 -6.10
C ILE H 79 -14.81 -35.39 -5.17
N ILE H 80 -14.52 -34.30 -4.45
CA ILE H 80 -15.51 -33.69 -3.52
C ILE H 80 -16.11 -32.42 -4.14
N GLY H 81 -15.59 -31.96 -5.27
CA GLY H 81 -16.06 -30.74 -5.92
C GLY H 81 -15.71 -30.78 -7.40
N SER H 82 -16.69 -30.58 -8.26
CA SER H 82 -16.45 -30.70 -9.70
C SER H 82 -17.33 -29.69 -10.42
N VAL H 83 -16.72 -28.88 -11.27
CA VAL H 83 -17.43 -27.89 -12.11
C VAL H 83 -16.95 -28.00 -13.56
N ILE H 84 -17.88 -28.13 -14.50
CA ILE H 84 -17.56 -28.11 -15.94
C ILE H 84 -18.24 -26.91 -16.55
N GLY H 85 -17.49 -26.14 -17.31
CA GLY H 85 -18.00 -25.02 -18.10
C GLY H 85 -18.27 -25.48 -19.51
N TYR H 86 -19.29 -24.92 -20.16
CA TYR H 86 -19.70 -25.32 -21.52
C TYR H 86 -20.49 -24.21 -22.20
N LYS H 87 -20.50 -24.22 -23.53
CA LYS H 87 -21.50 -23.50 -24.36
C LYS H 87 -22.67 -24.45 -24.59
N LYS H 88 -23.90 -24.01 -24.28
CA LYS H 88 -25.14 -24.81 -24.42
C LYS H 88 -25.53 -24.72 -25.90
N GLY H 89 -26.44 -25.56 -26.35
CA GLY H 89 -26.92 -25.60 -27.74
C GLY H 89 -26.56 -26.91 -28.41
N ASN H 90 -27.20 -27.19 -29.55
CA ASN H 90 -26.85 -28.35 -30.43
C ASN H 90 -25.41 -28.15 -30.91
N ASP H 91 -25.01 -26.90 -31.20
CA ASP H 91 -23.65 -26.53 -31.70
C ASP H 91 -22.71 -26.27 -30.51
N GLY H 92 -23.03 -26.81 -29.33
CA GLY H 92 -22.31 -26.54 -28.07
C GLY H 92 -20.91 -27.17 -28.05
N ARG H 93 -20.19 -26.93 -26.95
CA ARG H 93 -18.78 -27.33 -26.71
C ARG H 93 -18.52 -27.31 -25.20
N CYS H 94 -17.53 -28.08 -24.76
CA CYS H 94 -17.05 -28.10 -23.38
C CYS H 94 -15.86 -27.12 -23.25
N THR H 95 -15.91 -26.25 -22.26
CA THR H 95 -15.12 -24.99 -22.21
C THR H 95 -14.04 -25.07 -21.13
N GLY H 96 -14.31 -25.77 -20.02
CA GLY H 96 -13.38 -25.82 -18.86
C GLY H 96 -13.78 -26.87 -17.85
N VAL H 97 -12.84 -27.28 -17.00
CA VAL H 97 -13.09 -28.20 -15.85
C VAL H 97 -12.29 -27.71 -14.65
N LYS H 98 -12.92 -27.65 -13.46
CA LYS H 98 -12.29 -27.47 -12.11
C LYS H 98 -12.63 -28.77 -11.36
N LEU H 99 -11.63 -29.48 -10.84
CA LEU H 99 -11.83 -30.60 -9.90
C LEU H 99 -11.08 -30.34 -8.60
N THR H 100 -11.63 -30.80 -7.49
CA THR H 100 -11.04 -30.71 -6.13
C THR H 100 -11.23 -32.05 -5.47
N THR H 101 -10.18 -32.58 -4.84
CA THR H 101 -10.20 -33.95 -4.29
C THR H 101 -10.34 -33.91 -2.78
N SER H 102 -10.52 -35.10 -2.21
CA SER H 102 -10.70 -35.34 -0.75
C SER H 102 -9.38 -35.11 -0.02
N LYS H 103 -8.29 -34.86 -0.74
CA LYS H 103 -6.94 -34.63 -0.12
C LYS H 103 -6.50 -33.20 -0.42
N GLY H 104 -7.39 -32.36 -0.93
CA GLY H 104 -7.11 -30.92 -1.12
C GLY H 104 -6.31 -30.65 -2.37
N LYS H 105 -6.08 -31.65 -3.22
CA LYS H 105 -5.49 -31.43 -4.56
C LYS H 105 -6.55 -30.75 -5.40
N SER H 106 -6.15 -29.93 -6.36
CA SER H 106 -7.14 -29.39 -7.32
C SER H 106 -6.47 -28.99 -8.64
N ILE H 107 -7.26 -28.88 -9.71
CA ILE H 107 -6.79 -28.41 -11.04
C ILE H 107 -7.89 -27.56 -11.64
N MET H 108 -7.53 -26.70 -12.58
CA MET H 108 -8.44 -25.71 -13.19
C MET H 108 -7.99 -25.60 -14.65
N ALA H 109 -8.88 -25.84 -15.61
CA ALA H 109 -8.50 -26.01 -17.03
C ALA H 109 -9.51 -25.23 -17.86
N GLY H 110 -9.02 -24.38 -18.74
CA GLY H 110 -9.87 -23.64 -19.70
C GLY H 110 -10.73 -22.59 -19.03
N TYR H 111 -11.92 -22.32 -19.57
CA TYR H 111 -12.69 -21.07 -19.38
C TYR H 111 -14.08 -21.40 -18.85
N PHE H 112 -14.75 -20.43 -18.24
CA PHE H 112 -16.05 -20.63 -17.56
C PHE H 112 -16.96 -19.44 -17.84
N GLU H 113 -17.01 -18.94 -19.07
CA GLU H 113 -17.70 -17.65 -19.38
C GLU H 113 -19.20 -17.86 -19.65
N GLU H 114 -19.69 -19.03 -20.05
CA GLU H 114 -21.12 -19.15 -20.46
C GLU H 114 -21.94 -19.95 -19.43
N SER H 115 -21.83 -21.29 -19.41
CA SER H 115 -22.69 -22.16 -18.58
C SER H 115 -21.83 -23.08 -17.72
N LEU H 116 -22.36 -23.52 -16.58
CA LEU H 116 -21.64 -24.30 -15.54
C LEU H 116 -22.53 -25.46 -15.10
N ILE H 117 -21.92 -26.58 -14.76
CA ILE H 117 -22.65 -27.65 -14.00
C ILE H 117 -21.73 -27.97 -12.82
N THR H 118 -22.31 -28.05 -11.63
CA THR H 118 -21.67 -28.63 -10.45
C THR H 118 -22.20 -30.04 -10.43
N THR H 119 -21.31 -31.02 -10.61
CA THR H 119 -21.72 -32.42 -10.76
C THR H 119 -21.82 -33.08 -9.39
N TYR H 120 -22.37 -34.28 -9.45
CA TYR H 120 -22.25 -35.36 -8.44
C TYR H 120 -20.79 -35.51 -8.06
N THR H 121 -20.58 -36.01 -6.85
CA THR H 121 -19.24 -36.25 -6.29
C THR H 121 -19.11 -37.76 -6.05
N GLY H 122 -17.89 -38.23 -5.81
CA GLY H 122 -17.67 -39.65 -5.58
C GLY H 122 -16.35 -40.09 -6.15
N LYS H 123 -16.13 -41.40 -6.26
CA LYS H 123 -14.90 -41.90 -6.92
C LYS H 123 -15.08 -41.82 -8.44
N LEU H 124 -14.33 -40.96 -9.10
CA LEU H 124 -14.38 -40.84 -10.58
C LEU H 124 -14.08 -42.21 -11.17
N ALA H 125 -14.98 -42.74 -12.00
CA ALA H 125 -14.76 -44.12 -12.52
C ALA H 125 -14.62 -44.11 -14.02
N GLY H 126 -15.10 -43.07 -14.68
CA GLY H 126 -14.95 -42.95 -16.16
C GLY H 126 -15.46 -41.64 -16.71
N ILE H 127 -15.37 -41.48 -18.01
CA ILE H 127 -15.89 -40.28 -18.74
C ILE H 127 -16.56 -40.74 -20.04
N LYS H 128 -17.53 -39.98 -20.54
CA LYS H 128 -18.21 -40.27 -21.82
C LYS H 128 -18.58 -38.93 -22.45
N GLY H 129 -18.62 -38.86 -23.77
CA GLY H 129 -19.09 -37.67 -24.48
C GLY H 129 -18.77 -37.76 -25.95
N GLY H 130 -18.52 -36.63 -26.58
CA GLY H 130 -18.07 -36.59 -27.98
C GLY H 130 -16.94 -35.59 -28.18
N ALA H 131 -16.04 -35.88 -29.11
CA ALA H 131 -14.85 -35.07 -29.44
C ALA H 131 -14.55 -35.16 -30.92
N GLY H 132 -13.92 -34.13 -31.47
CA GLY H 132 -13.25 -34.12 -32.78
C GLY H 132 -12.04 -33.22 -32.73
N SER H 133 -12.11 -32.06 -33.36
CA SER H 133 -11.12 -30.97 -33.18
C SER H 133 -11.19 -30.43 -31.74
N ASP H 134 -12.37 -30.49 -31.13
CA ASP H 134 -12.69 -29.91 -29.81
C ASP H 134 -13.33 -31.00 -28.95
N ILE H 135 -13.48 -30.79 -27.65
CA ILE H 135 -14.39 -31.64 -26.84
C ILE H 135 -15.80 -31.05 -27.01
N ASP H 136 -16.67 -31.75 -27.73
CA ASP H 136 -18.03 -31.26 -28.03
C ASP H 136 -18.87 -31.34 -26.75
N ARG H 137 -18.72 -32.44 -26.02
CA ARG H 137 -19.63 -32.77 -24.91
C ARG H 137 -18.87 -33.67 -23.95
N LEU H 138 -19.06 -33.50 -22.64
CA LEU H 138 -18.34 -34.30 -21.61
C LEU H 138 -19.29 -34.55 -20.43
N GLY H 139 -19.28 -35.78 -19.92
CA GLY H 139 -20.01 -36.20 -18.72
C GLY H 139 -19.15 -37.14 -17.89
N LEU H 140 -19.11 -36.90 -16.58
CA LEU H 140 -18.29 -37.70 -15.66
C LEU H 140 -19.13 -38.87 -15.21
N ILE H 141 -18.45 -39.92 -14.73
CA ILE H 141 -19.08 -41.18 -14.23
C ILE H 141 -18.41 -41.57 -12.92
N PHE H 142 -19.20 -41.85 -11.88
CA PHE H 142 -18.76 -42.13 -10.50
C PHE H 142 -19.23 -43.54 -10.08
N LEU H 143 -18.65 -44.11 -9.01
CA LEU H 143 -19.13 -45.35 -8.34
C LEU H 143 -20.31 -45.07 -7.39
N LYS H 144 -20.66 -46.04 -6.52
CA LYS H 144 -21.67 -45.92 -5.42
C LYS H 144 -21.13 -46.48 -4.10
N ASP I 5 -48.71 -33.46 4.30
CA ASP I 5 -48.19 -32.60 5.39
C ASP I 5 -46.83 -33.13 5.81
N ASN I 6 -46.20 -33.96 4.97
CA ASN I 6 -44.86 -34.53 5.27
C ASN I 6 -43.81 -33.67 4.56
N TYR I 7 -44.25 -32.58 3.92
CA TYR I 7 -43.32 -31.67 3.20
C TYR I 7 -43.35 -30.30 3.88
N ILE I 8 -42.31 -29.50 3.68
CA ILE I 8 -42.28 -28.12 4.21
C ILE I 8 -42.32 -27.20 2.99
N TYR I 9 -43.15 -26.18 2.99
CA TYR I 9 -43.26 -25.36 1.76
C TYR I 9 -42.80 -23.92 2.00
N SER I 10 -41.68 -23.53 1.37
CA SER I 10 -41.15 -22.15 1.52
C SER I 10 -41.94 -21.20 0.61
N THR I 11 -42.15 -19.96 1.10
CA THR I 11 -42.85 -18.85 0.39
C THR I 11 -42.51 -18.86 -1.10
N GLU I 12 -43.55 -18.89 -1.92
CA GLU I 12 -43.46 -18.56 -3.35
C GLU I 12 -43.19 -17.07 -3.40
N VAL I 13 -42.10 -16.63 -4.00
CA VAL I 13 -41.79 -15.17 -4.12
C VAL I 13 -41.87 -14.77 -5.59
N GLY I 14 -42.20 -13.51 -5.83
CA GLY I 14 -42.31 -12.89 -7.15
C GLY I 14 -43.71 -12.37 -7.40
N GLY I 15 -44.16 -12.43 -8.65
CA GLY I 15 -45.45 -11.89 -9.09
C GLY I 15 -46.52 -12.94 -9.13
N VAL I 16 -47.70 -12.55 -9.59
CA VAL I 16 -48.93 -13.38 -9.58
C VAL I 16 -49.18 -13.87 -11.01
N GLY I 17 -48.39 -13.39 -11.99
CA GLY I 17 -48.45 -13.77 -13.41
C GLY I 17 -48.14 -15.24 -13.69
N GLY I 18 -48.13 -15.59 -14.99
CA GLY I 18 -47.75 -16.90 -15.55
C GLY I 18 -48.68 -18.06 -15.23
N THR I 19 -48.43 -19.18 -15.89
CA THR I 19 -49.13 -20.47 -15.73
C THR I 19 -48.60 -21.18 -14.50
N PRO I 20 -49.44 -21.59 -13.54
CA PRO I 20 -49.00 -22.43 -12.42
C PRO I 20 -48.21 -23.68 -12.82
N PHE I 21 -47.32 -24.12 -11.94
CA PHE I 21 -46.59 -25.40 -12.02
C PHE I 21 -46.37 -25.91 -10.60
N THR I 22 -46.42 -27.23 -10.42
CA THR I 22 -46.00 -27.92 -9.19
C THR I 22 -45.29 -29.20 -9.60
N PHE I 23 -44.01 -29.32 -9.25
CA PHE I 23 -43.14 -30.48 -9.54
C PHE I 23 -42.80 -31.19 -8.22
N MET I 24 -43.43 -32.34 -8.00
CA MET I 24 -43.32 -33.15 -6.78
C MET I 24 -43.65 -34.59 -7.15
N GLN I 25 -42.76 -35.53 -6.84
CA GLN I 25 -43.06 -36.95 -7.11
C GLN I 25 -42.83 -37.65 -5.77
N GLU I 26 -43.92 -38.03 -5.10
CA GLU I 26 -43.94 -38.63 -3.74
C GLU I 26 -42.79 -39.61 -3.53
N SER I 27 -42.62 -40.57 -4.44
CA SER I 27 -41.55 -41.59 -4.40
C SER I 27 -40.21 -41.01 -3.94
N GLY I 28 -39.60 -40.12 -4.73
CA GLY I 28 -38.24 -39.62 -4.41
C GLY I 28 -38.16 -38.10 -4.20
N THR I 29 -37.00 -37.54 -4.55
CA THR I 29 -36.63 -36.11 -4.36
C THR I 29 -35.90 -35.60 -5.60
N ILE I 30 -35.52 -34.33 -5.60
CA ILE I 30 -34.79 -33.73 -6.75
C ILE I 30 -33.31 -34.15 -6.72
N THR I 31 -32.81 -34.65 -7.87
CA THR I 31 -31.37 -34.99 -8.12
C THR I 31 -30.73 -34.01 -9.09
N SER I 32 -31.50 -33.26 -9.86
CA SER I 32 -30.91 -32.27 -10.80
C SER I 32 -31.86 -31.09 -10.95
N ILE I 33 -31.32 -29.89 -10.98
CA ILE I 33 -32.11 -28.65 -11.24
C ILE I 33 -31.29 -27.73 -12.13
N LYS I 34 -31.91 -27.15 -13.13
CA LYS I 34 -31.23 -26.25 -14.08
C LYS I 34 -31.94 -24.89 -14.08
N PHE I 35 -31.17 -23.80 -14.09
CA PHE I 35 -31.70 -22.42 -14.15
C PHE I 35 -31.16 -21.74 -15.39
N ASN I 36 -32.04 -21.10 -16.15
CA ASN I 36 -31.72 -20.40 -17.41
C ASN I 36 -32.07 -18.93 -17.21
N TRP I 37 -31.14 -18.01 -17.50
CA TRP I 37 -31.37 -16.56 -17.23
C TRP I 37 -30.68 -15.71 -18.28
N SER I 38 -31.03 -14.43 -18.35
CA SER I 38 -30.49 -13.49 -19.37
C SER I 38 -29.81 -12.30 -18.70
N ASP I 39 -28.76 -11.75 -19.32
CA ASP I 39 -28.21 -10.44 -18.93
C ASP I 39 -29.15 -9.37 -19.50
N GLN I 40 -29.88 -9.67 -20.58
CA GLN I 40 -30.77 -8.64 -21.22
C GLN I 40 -31.83 -8.17 -20.22
N TYR I 41 -32.52 -9.06 -19.52
CA TYR I 41 -33.68 -8.72 -18.64
C TYR I 41 -33.34 -8.91 -17.15
N LYS I 42 -32.19 -9.48 -16.81
CA LYS I 42 -31.76 -9.73 -15.39
C LYS I 42 -32.86 -10.50 -14.64
N LEU I 43 -33.41 -11.53 -15.30
CA LEU I 43 -34.47 -12.44 -14.79
C LEU I 43 -34.08 -13.89 -15.04
N LEU I 44 -34.62 -14.81 -14.24
CA LEU I 44 -34.78 -16.23 -14.61
C LEU I 44 -35.90 -16.35 -15.66
N HIS I 45 -35.71 -17.19 -16.67
CA HIS I 45 -36.72 -17.46 -17.73
C HIS I 45 -37.22 -18.91 -17.70
N HIS I 46 -36.41 -19.87 -17.27
CA HIS I 46 -36.75 -21.31 -17.47
C HIS I 46 -36.07 -22.13 -16.38
N ILE I 47 -36.73 -23.22 -15.96
CA ILE I 47 -36.16 -24.08 -14.88
C ILE I 47 -36.53 -25.55 -15.15
N GLU I 48 -35.52 -26.41 -15.29
CA GLU I 48 -35.73 -27.86 -15.53
C GLU I 48 -35.52 -28.61 -14.21
N VAL I 49 -36.00 -29.85 -14.11
CA VAL I 49 -35.84 -30.62 -12.84
C VAL I 49 -36.03 -32.12 -13.12
N LYS I 50 -35.18 -32.95 -12.49
CA LYS I 50 -35.24 -34.43 -12.62
C LYS I 50 -35.34 -34.97 -11.19
N PHE I 51 -35.97 -36.13 -11.03
CA PHE I 51 -36.17 -36.74 -9.69
C PHE I 51 -35.45 -38.07 -9.67
N ILE I 52 -34.96 -38.49 -8.51
CA ILE I 52 -34.32 -39.84 -8.33
C ILE I 52 -35.32 -40.86 -8.88
N ASN I 53 -34.84 -41.85 -9.66
CA ASN I 53 -35.63 -43.00 -10.19
C ASN I 53 -36.68 -42.52 -11.19
N ASN I 54 -36.38 -41.53 -12.03
CA ASN I 54 -37.37 -41.00 -13.00
C ASN I 54 -36.62 -40.17 -14.06
N ALA I 55 -36.47 -40.77 -15.24
CA ALA I 55 -35.70 -40.26 -16.40
C ALA I 55 -36.41 -39.07 -17.04
N ASN I 56 -37.67 -38.78 -16.66
CA ASN I 56 -38.40 -37.60 -17.15
C ASN I 56 -37.81 -36.28 -16.64
N ILE I 57 -37.81 -35.29 -17.53
CA ILE I 57 -37.42 -33.87 -17.32
C ILE I 57 -38.68 -33.00 -17.22
N TYR I 58 -38.98 -32.46 -16.03
CA TYR I 58 -40.09 -31.50 -15.80
C TYR I 58 -39.57 -30.06 -15.98
N ALA I 59 -40.11 -29.34 -16.96
CA ALA I 59 -39.67 -27.99 -17.37
C ALA I 59 -40.83 -26.99 -17.30
N THR I 60 -40.49 -25.71 -17.17
CA THR I 60 -41.46 -24.59 -17.13
C THR I 60 -40.75 -23.32 -17.58
N GLY I 61 -41.48 -22.41 -18.20
CA GLY I 61 -40.90 -21.16 -18.74
C GLY I 61 -40.23 -21.35 -20.09
N ASP I 62 -39.91 -20.25 -20.75
CA ASP I 62 -39.33 -20.17 -22.11
C ASP I 62 -37.82 -20.17 -21.99
N PRO I 63 -37.10 -21.16 -22.55
CA PRO I 63 -35.63 -21.26 -22.37
C PRO I 63 -34.83 -20.25 -23.22
N LYS I 64 -34.98 -18.96 -22.98
CA LYS I 64 -34.53 -17.89 -23.93
C LYS I 64 -33.24 -17.20 -23.45
N GLY I 65 -32.65 -17.61 -22.34
CA GLY I 65 -31.52 -16.85 -21.76
C GLY I 65 -30.17 -17.25 -22.31
N ASN I 66 -29.15 -16.38 -22.16
CA ASN I 66 -27.77 -16.59 -22.65
C ASN I 66 -26.94 -17.43 -21.63
N HIS I 67 -27.45 -17.72 -20.43
CA HIS I 67 -26.74 -18.50 -19.36
C HIS I 67 -27.61 -19.66 -18.82
N GLU I 68 -26.99 -20.77 -18.41
CA GLU I 68 -27.60 -21.99 -17.83
C GLU I 68 -26.67 -22.45 -16.69
N VAL I 69 -27.19 -22.84 -15.51
CA VAL I 69 -26.38 -23.61 -14.53
C VAL I 69 -27.16 -24.84 -14.14
N ILE I 70 -26.45 -25.93 -13.88
CA ILE I 70 -27.04 -27.18 -13.37
C ILE I 70 -26.42 -27.53 -12.05
N LEU I 71 -27.24 -27.92 -11.08
CA LEU I 71 -26.76 -28.51 -9.81
C LEU I 71 -27.26 -29.94 -9.73
N GLU I 72 -26.35 -30.90 -9.66
CA GLU I 72 -26.67 -32.34 -9.42
C GLU I 72 -26.58 -32.53 -7.90
N ILE I 73 -27.45 -33.37 -7.33
CA ILE I 73 -27.57 -33.53 -5.86
C ILE I 73 -27.46 -35.01 -5.50
N ASP I 74 -26.37 -35.36 -4.80
CA ASP I 74 -26.11 -36.74 -4.30
C ASP I 74 -27.34 -37.10 -3.44
N ASP I 75 -27.62 -38.37 -3.27
CA ASP I 75 -28.89 -38.87 -2.67
C ASP I 75 -28.96 -38.46 -1.18
N ASP I 76 -27.82 -38.30 -0.48
CA ASP I 76 -27.79 -37.97 0.97
C ASP I 76 -27.51 -36.47 1.18
N GLU I 77 -27.59 -35.63 0.15
CA GLU I 77 -27.09 -34.24 0.13
C GLU I 77 -28.24 -33.24 0.35
N THR I 78 -28.10 -32.33 1.32
CA THR I 78 -29.16 -31.37 1.72
C THR I 78 -28.80 -29.96 1.26
N ILE I 79 -29.81 -29.08 1.17
CA ILE I 79 -29.61 -27.63 0.99
C ILE I 79 -29.44 -27.02 2.39
N ILE I 80 -28.28 -26.43 2.68
CA ILE I 80 -27.99 -25.82 4.00
C ILE I 80 -28.07 -24.29 3.89
N GLY I 81 -28.19 -23.75 2.69
CA GLY I 81 -28.28 -22.29 2.48
C GLY I 81 -28.95 -22.00 1.17
N SER I 82 -29.96 -21.16 1.15
CA SER I 82 -30.75 -20.92 -0.07
C SER I 82 -31.24 -19.49 -0.08
N VAL I 83 -30.97 -18.78 -1.16
CA VAL I 83 -31.40 -17.38 -1.35
C VAL I 83 -32.03 -17.23 -2.74
N ILE I 84 -33.24 -16.69 -2.78
CA ILE I 84 -33.92 -16.36 -4.07
C ILE I 84 -34.10 -14.86 -4.13
N GLY I 85 -33.66 -14.29 -5.24
CA GLY I 85 -33.87 -12.87 -5.52
C GLY I 85 -35.11 -12.71 -6.36
N TYR I 86 -35.85 -11.62 -6.17
CA TYR I 86 -37.11 -11.37 -6.89
C TYR I 86 -37.44 -9.87 -6.88
N LYS I 87 -38.24 -9.45 -7.86
CA LYS I 87 -39.00 -8.18 -7.85
C LYS I 87 -40.34 -8.42 -7.17
N LYS I 88 -40.66 -7.63 -6.14
CA LYS I 88 -41.92 -7.76 -5.35
C LYS I 88 -43.02 -7.10 -6.17
N GLY I 89 -44.28 -7.36 -5.82
CA GLY I 89 -45.44 -6.74 -6.49
C GLY I 89 -46.31 -7.80 -7.14
N ASN I 90 -47.55 -7.46 -7.49
CA ASN I 90 -48.43 -8.35 -8.32
C ASN I 90 -47.72 -8.56 -9.68
N ASP I 91 -47.03 -7.55 -10.22
CA ASP I 91 -46.30 -7.59 -11.51
C ASP I 91 -44.86 -8.13 -11.29
N GLY I 92 -44.62 -8.84 -10.20
CA GLY I 92 -43.28 -9.31 -9.82
C GLY I 92 -42.72 -10.41 -10.72
N ARG I 93 -41.49 -10.84 -10.41
CA ARG I 93 -40.66 -11.81 -11.17
C ARG I 93 -39.59 -12.38 -10.25
N CYS I 94 -39.11 -13.56 -10.58
CA CYS I 94 -37.99 -14.24 -9.90
C CYS I 94 -36.69 -13.92 -10.66
N THR I 95 -35.68 -13.47 -9.94
CA THR I 95 -34.52 -12.71 -10.51
C THR I 95 -33.25 -13.57 -10.44
N GLY I 96 -33.13 -14.42 -9.41
CA GLY I 96 -31.90 -15.19 -9.18
C GLY I 96 -32.09 -16.25 -8.10
N VAL I 97 -31.21 -17.25 -8.09
CA VAL I 97 -31.16 -18.31 -7.05
C VAL I 97 -29.69 -18.59 -6.73
N LYS I 98 -29.35 -18.65 -5.43
CA LYS I 98 -28.05 -19.08 -4.85
C LYS I 98 -28.44 -20.28 -3.97
N LEU I 99 -27.84 -21.45 -4.18
CA LEU I 99 -27.98 -22.63 -3.30
C LEU I 99 -26.59 -23.07 -2.86
N THR I 100 -26.50 -23.58 -1.64
CA THR I 100 -25.29 -24.18 -1.05
C THR I 100 -25.71 -25.50 -0.40
N THR I 101 -24.96 -26.57 -0.63
CA THR I 101 -25.33 -27.92 -0.18
C THR I 101 -24.49 -28.31 1.04
N SER I 102 -24.87 -29.44 1.63
CA SER I 102 -24.22 -30.05 2.82
C SER I 102 -22.84 -30.61 2.43
N LYS I 103 -22.47 -30.60 1.15
CA LYS I 103 -21.15 -31.12 0.68
C LYS I 103 -20.33 -29.98 0.12
N GLY I 104 -20.78 -28.73 0.31
CA GLY I 104 -19.99 -27.54 -0.08
C GLY I 104 -20.10 -27.25 -1.56
N LYS I 105 -20.99 -27.92 -2.30
CA LYS I 105 -21.32 -27.52 -3.69
C LYS I 105 -22.12 -26.23 -3.58
N SER I 106 -22.03 -25.39 -4.59
CA SER I 106 -22.94 -24.22 -4.66
C SER I 106 -23.16 -23.76 -6.10
N ILE I 107 -24.23 -23.03 -6.35
CA ILE I 107 -24.53 -22.40 -7.66
C ILE I 107 -25.12 -21.03 -7.40
N MET I 108 -24.99 -20.16 -8.39
CA MET I 108 -25.44 -18.76 -8.35
C MET I 108 -25.97 -18.47 -9.75
N ALA I 109 -27.24 -18.10 -9.86
CA ALA I 109 -27.92 -17.94 -11.16
C ALA I 109 -28.65 -16.61 -11.13
N GLY I 110 -28.43 -15.78 -12.16
CA GLY I 110 -29.12 -14.50 -12.31
C GLY I 110 -28.68 -13.47 -11.29
N TYR I 111 -29.60 -12.57 -10.89
CA TYR I 111 -29.30 -11.26 -10.29
C TYR I 111 -30.01 -11.14 -8.95
N PHE I 112 -29.57 -10.23 -8.09
CA PHE I 112 -30.05 -10.10 -6.70
C PHE I 112 -30.15 -8.60 -6.35
N GLU I 113 -30.69 -7.78 -7.25
CA GLU I 113 -30.63 -6.30 -7.08
C GLU I 113 -31.83 -5.78 -6.25
N GLU I 114 -32.96 -6.48 -6.13
CA GLU I 114 -34.15 -5.86 -5.48
C GLU I 114 -34.46 -6.52 -4.12
N SER I 115 -35.07 -7.70 -4.10
CA SER I 115 -35.56 -8.36 -2.87
C SER I 115 -35.00 -9.77 -2.75
N LEU I 116 -34.87 -10.29 -1.52
CA LEU I 116 -34.23 -11.58 -1.21
C LEU I 116 -35.10 -12.36 -0.23
N ILE I 117 -35.12 -13.67 -0.33
CA ILE I 117 -35.62 -14.54 0.78
C ILE I 117 -34.52 -15.54 1.06
N THR I 118 -34.19 -15.74 2.33
CA THR I 118 -33.39 -16.89 2.80
C THR I 118 -34.39 -17.91 3.25
N THR I 119 -34.44 -19.03 2.58
CA THR I 119 -35.47 -20.07 2.82
C THR I 119 -35.04 -21.02 3.94
N TYR I 120 -35.97 -21.95 4.12
CA TYR I 120 -35.87 -23.12 4.99
C TYR I 120 -34.83 -24.03 4.35
N THR I 121 -34.23 -24.82 5.19
CA THR I 121 -33.19 -25.76 4.77
C THR I 121 -33.72 -27.18 4.90
N GLY I 122 -33.01 -28.14 4.33
CA GLY I 122 -33.36 -29.57 4.36
C GLY I 122 -33.26 -30.19 2.97
N LYS I 123 -33.79 -31.40 2.82
CA LYS I 123 -33.69 -32.21 1.59
C LYS I 123 -34.66 -31.63 0.55
N LEU I 124 -34.15 -31.08 -0.55
CA LEU I 124 -35.00 -30.48 -1.59
C LEU I 124 -35.75 -31.57 -2.35
N ALA I 125 -37.09 -31.43 -2.34
CA ALA I 125 -38.12 -32.43 -2.75
C ALA I 125 -38.94 -31.96 -3.95
N GLY I 126 -39.14 -30.65 -4.10
CA GLY I 126 -39.84 -30.12 -5.27
C GLY I 126 -39.80 -28.62 -5.37
N ILE I 127 -40.44 -28.08 -6.40
CA ILE I 127 -40.61 -26.61 -6.60
C ILE I 127 -42.05 -26.33 -7.07
N LYS I 128 -42.57 -25.14 -6.81
CA LYS I 128 -43.91 -24.71 -7.28
C LYS I 128 -43.82 -23.22 -7.56
N GLY I 129 -44.62 -22.72 -8.49
CA GLY I 129 -44.74 -21.28 -8.74
C GLY I 129 -45.49 -21.02 -10.03
N GLY I 130 -45.16 -19.95 -10.74
CA GLY I 130 -45.71 -19.65 -12.05
C GLY I 130 -44.65 -19.17 -13.03
N ALA I 131 -44.83 -19.49 -14.31
CA ALA I 131 -43.88 -19.14 -15.39
C ALA I 131 -44.66 -18.88 -16.69
N GLY I 132 -44.07 -18.05 -17.55
CA GLY I 132 -44.47 -17.84 -18.95
C GLY I 132 -43.25 -17.59 -19.80
N SER I 133 -43.06 -16.36 -20.27
CA SER I 133 -41.79 -15.89 -20.89
C SER I 133 -40.67 -15.88 -19.84
N ASP I 134 -41.04 -15.65 -18.56
CA ASP I 134 -40.11 -15.46 -17.43
C ASP I 134 -40.56 -16.40 -16.31
N ILE I 135 -39.75 -16.61 -15.28
CA ILE I 135 -40.25 -17.23 -14.03
C ILE I 135 -40.93 -16.12 -13.21
N ASP I 136 -42.25 -16.13 -13.10
CA ASP I 136 -43.01 -15.06 -12.40
C ASP I 136 -42.79 -15.21 -10.90
N ARG I 137 -42.79 -16.44 -10.41
CA ARG I 137 -42.87 -16.71 -8.96
C ARG I 137 -42.26 -18.09 -8.73
N LEU I 138 -41.52 -18.29 -7.64
CA LEU I 138 -40.86 -19.58 -7.34
C LEU I 138 -40.85 -19.80 -5.82
N GLY I 139 -41.15 -21.01 -5.40
CA GLY I 139 -41.07 -21.45 -4.00
C GLY I 139 -40.51 -22.87 -3.92
N LEU I 140 -39.60 -23.10 -2.99
CA LEU I 140 -38.95 -24.43 -2.85
C LEU I 140 -39.81 -25.27 -1.91
N ILE I 141 -39.63 -26.58 -1.96
CA ILE I 141 -40.36 -27.59 -1.13
C ILE I 141 -39.37 -28.62 -0.61
N PHE I 142 -39.39 -28.88 0.70
CA PHE I 142 -38.41 -29.72 1.43
C PHE I 142 -39.15 -30.87 2.12
N LEU I 143 -38.44 -31.92 2.56
CA LEU I 143 -38.98 -33.04 3.41
C LEU I 143 -39.03 -32.64 4.90
N LYS I 144 -39.24 -33.60 5.81
CA LYS I 144 -39.30 -33.40 7.29
C LYS I 144 -38.62 -34.62 7.95
N ASP J 5 17.71 -18.76 41.11
CA ASP J 5 16.49 -18.36 41.86
C ASP J 5 15.32 -19.27 41.38
N ASN J 6 14.07 -18.87 41.63
CA ASN J 6 12.80 -19.41 41.03
C ASN J 6 12.36 -18.50 39.85
N TYR J 7 13.24 -17.60 39.39
CA TYR J 7 12.91 -16.56 38.39
C TYR J 7 13.72 -16.75 37.09
N ILE J 8 13.12 -16.40 35.95
CA ILE J 8 13.76 -16.35 34.61
C ILE J 8 13.91 -14.88 34.22
N TYR J 9 15.14 -14.43 33.98
CA TYR J 9 15.32 -13.02 33.60
C TYR J 9 15.46 -12.91 32.09
N SER J 10 14.56 -12.15 31.46
CA SER J 10 14.64 -11.89 30.01
C SER J 10 15.72 -10.84 29.78
N THR J 11 16.37 -10.78 28.62
CA THR J 11 17.45 -9.77 28.54
C THR J 11 16.94 -8.35 28.67
N GLU J 12 17.75 -7.49 29.28
CA GLU J 12 17.43 -6.07 29.44
C GLU J 12 17.83 -5.40 28.13
N VAL J 13 16.87 -4.83 27.41
CA VAL J 13 17.17 -4.21 26.10
C VAL J 13 17.12 -2.69 26.21
N GLY J 14 17.88 -2.02 25.37
CA GLY J 14 18.00 -0.57 25.32
C GLY J 14 19.42 -0.12 25.64
N GLY J 15 19.53 1.05 26.26
CA GLY J 15 20.82 1.70 26.56
C GLY J 15 21.26 1.43 27.97
N VAL J 16 22.42 2.04 28.30
CA VAL J 16 23.16 1.88 29.59
C VAL J 16 23.00 3.11 30.49
N GLY J 17 22.10 4.02 30.10
CA GLY J 17 21.72 5.21 30.89
C GLY J 17 20.74 4.89 32.05
N GLY J 18 20.30 5.96 32.73
CA GLY J 18 19.26 5.98 33.78
C GLY J 18 19.61 5.31 35.08
N THR J 19 18.76 5.57 36.06
CA THR J 19 18.80 5.06 37.45
C THR J 19 18.29 3.64 37.48
N PRO J 20 19.05 2.67 38.04
CA PRO J 20 18.56 1.29 38.16
C PRO J 20 17.19 1.16 38.85
N PHE J 21 16.48 0.10 38.52
CA PHE J 21 15.27 -0.36 39.24
C PHE J 21 15.18 -1.90 39.15
N THR J 22 14.69 -2.54 40.20
CA THR J 22 14.32 -3.97 40.22
C THR J 22 13.07 -4.18 41.08
N PHE J 23 11.97 -4.60 40.47
CA PHE J 23 10.64 -4.76 41.09
C PHE J 23 10.26 -6.25 41.01
N MET J 24 10.35 -6.99 42.11
CA MET J 24 9.75 -8.36 42.32
C MET J 24 9.28 -8.47 43.77
N GLN J 25 8.46 -9.48 44.08
CA GLN J 25 7.95 -9.82 45.44
C GLN J 25 7.91 -11.32 45.62
N GLU J 26 8.65 -11.89 46.57
CA GLU J 26 8.70 -13.38 46.76
C GLU J 26 7.26 -13.86 46.89
N SER J 27 6.98 -14.98 46.22
CA SER J 27 5.68 -15.73 46.18
C SER J 27 4.52 -14.81 45.77
N GLY J 28 4.79 -13.77 44.96
CA GLY J 28 3.79 -12.82 44.43
C GLY J 28 4.02 -12.58 42.92
N THR J 29 3.00 -12.12 42.19
CA THR J 29 3.09 -11.90 40.72
C THR J 29 2.44 -10.54 40.37
N ILE J 30 2.76 -10.01 39.19
CA ILE J 30 2.17 -8.75 38.64
C ILE J 30 0.72 -9.02 38.21
N THR J 31 -0.20 -8.17 38.70
CA THR J 31 -1.65 -8.15 38.35
C THR J 31 -1.99 -6.93 37.52
N SER J 32 -1.15 -5.90 37.52
CA SER J 32 -1.41 -4.72 36.67
C SER J 32 -0.06 -4.12 36.24
N ILE J 33 0.02 -3.74 34.97
CA ILE J 33 1.26 -3.09 34.43
C ILE J 33 0.85 -1.94 33.51
N LYS J 34 1.50 -0.80 33.64
CA LYS J 34 1.10 0.41 32.90
C LYS J 34 2.31 0.95 32.14
N PHE J 35 2.15 1.32 30.86
CA PHE J 35 3.23 1.91 30.04
C PHE J 35 2.80 3.27 29.57
N ASN J 36 3.67 4.27 29.75
CA ASN J 36 3.44 5.69 29.42
C ASN J 36 4.44 6.07 28.32
N TRP J 37 3.98 6.65 27.22
CA TRP J 37 4.87 6.97 26.07
C TRP J 37 4.43 8.25 25.39
N SER J 38 5.28 8.80 24.52
CA SER J 38 5.03 10.09 23.83
C SER J 38 5.09 9.91 22.32
N ASP J 39 4.26 10.64 21.57
CA ASP J 39 4.41 10.76 20.11
C ASP J 39 5.56 11.76 19.88
N GLN J 40 5.83 12.66 20.81
CA GLN J 40 6.91 13.69 20.65
C GLN J 40 8.26 13.01 20.43
N TYR J 41 8.66 12.06 21.25
CA TYR J 41 10.02 11.45 21.25
C TYR J 41 9.97 9.98 20.75
N LYS J 42 8.78 9.40 20.52
CA LYS J 42 8.60 7.99 20.08
C LYS J 42 9.37 7.02 21.02
N LEU J 43 9.26 7.24 22.33
CA LEU J 43 9.88 6.47 23.43
C LEU J 43 8.84 6.12 24.52
N LEU J 44 9.09 5.05 25.27
CA LEU J 44 8.55 4.83 26.63
C LEU J 44 9.24 5.78 27.61
N HIS J 45 8.48 6.38 28.52
CA HIS J 45 8.99 7.30 29.58
C HIS J 45 8.80 6.75 30.98
N HIS J 46 7.76 5.94 31.23
CA HIS J 46 7.36 5.61 32.62
C HIS J 46 6.66 4.26 32.63
N ILE J 47 6.86 3.47 33.68
CA ILE J 47 6.21 2.14 33.86
C ILE J 47 5.80 2.05 35.33
N GLU J 48 4.61 1.51 35.60
CA GLU J 48 4.11 1.16 36.95
C GLU J 48 3.70 -0.32 36.99
N VAL J 49 3.86 -0.95 38.14
CA VAL J 49 3.49 -2.37 38.34
C VAL J 49 2.89 -2.52 39.73
N LYS J 50 1.77 -3.24 39.85
CA LYS J 50 1.12 -3.61 41.15
C LYS J 50 1.20 -5.14 41.23
N PHE J 51 1.28 -5.66 42.44
CA PHE J 51 1.44 -7.10 42.69
C PHE J 51 0.22 -7.63 43.45
N ILE J 52 -0.13 -8.89 43.23
CA ILE J 52 -1.28 -9.56 43.89
C ILE J 52 -1.26 -9.27 45.40
N ASN J 53 -2.41 -8.89 45.95
CA ASN J 53 -2.67 -8.63 47.40
C ASN J 53 -1.91 -7.40 47.88
N ASN J 54 -1.75 -6.35 47.08
CA ASN J 54 -0.92 -5.17 47.49
C ASN J 54 -1.18 -3.99 46.57
N ALA J 55 -1.94 -3.03 47.07
CA ALA J 55 -2.42 -1.80 46.39
C ALA J 55 -1.28 -0.82 46.14
N ASN J 56 -0.10 -1.05 46.72
CA ASN J 56 1.10 -0.22 46.46
C ASN J 56 1.65 -0.43 45.03
N ILE J 57 2.01 0.71 44.44
CA ILE J 57 2.37 0.92 43.02
C ILE J 57 3.88 1.19 42.97
N TYR J 58 4.62 0.30 42.31
CA TYR J 58 6.07 0.44 42.05
C TYR J 58 6.21 1.13 40.69
N ALA J 59 6.80 2.32 40.67
CA ALA J 59 6.90 3.17 39.48
C ALA J 59 8.35 3.56 39.23
N THR J 60 8.67 3.85 37.98
CA THR J 60 10.02 4.30 37.56
C THR J 60 9.89 5.16 36.31
N GLY J 61 10.80 6.12 36.13
CA GLY J 61 10.74 7.03 34.98
C GLY J 61 9.79 8.18 35.21
N ASP J 62 9.85 9.17 34.34
CA ASP J 62 9.12 10.44 34.42
C ASP J 62 7.82 10.28 33.64
N PRO J 63 6.62 10.41 34.28
CA PRO J 63 5.35 10.15 33.60
C PRO J 63 4.92 11.29 32.67
N LYS J 64 5.67 11.62 31.64
CA LYS J 64 5.52 12.88 30.86
C LYS J 64 4.90 12.62 29.50
N GLY J 65 4.49 11.39 29.17
CA GLY J 65 3.98 11.07 27.83
C GLY J 65 2.51 11.39 27.68
N ASN J 66 2.05 11.53 26.43
CA ASN J 66 0.65 11.90 26.10
C ASN J 66 -0.25 10.67 26.08
N HIS J 67 0.28 9.43 26.17
CA HIS J 67 -0.48 8.14 26.15
C HIS J 67 -0.10 7.23 27.35
N GLU J 68 -1.02 6.42 27.84
CA GLU J 68 -0.87 5.41 28.95
C GLU J 68 -1.69 4.17 28.52
N VAL J 69 -1.19 2.94 28.65
CA VAL J 69 -2.05 1.73 28.57
C VAL J 69 -1.83 0.87 29.81
N ILE J 70 -2.88 0.22 30.26
CA ILE J 70 -2.86 -0.67 31.43
C ILE J 70 -3.33 -2.04 30.99
N LEU J 71 -2.63 -3.09 31.41
CA LEU J 71 -3.08 -4.48 31.27
C LEU J 71 -3.31 -5.06 32.67
N GLU J 72 -4.54 -5.47 32.98
CA GLU J 72 -4.84 -6.21 34.22
C GLU J 72 -4.70 -7.71 33.94
N ILE J 73 -4.20 -8.50 34.89
CA ILE J 73 -3.86 -9.92 34.67
C ILE J 73 -4.53 -10.78 35.73
N ASP J 74 -5.47 -11.62 35.30
CA ASP J 74 -6.21 -12.60 36.15
C ASP J 74 -5.10 -13.45 36.81
N ASP J 75 -5.41 -14.05 37.96
CA ASP J 75 -4.40 -14.74 38.82
C ASP J 75 -3.86 -15.99 38.08
N ASP J 76 -4.62 -16.62 37.19
CA ASP J 76 -4.19 -17.86 36.47
C ASP J 76 -3.72 -17.55 35.04
N GLU J 77 -3.48 -16.28 34.70
CA GLU J 77 -3.30 -15.79 33.30
C GLU J 77 -1.81 -15.59 33.01
N THR J 78 -1.33 -16.17 31.90
CA THR J 78 0.10 -16.10 31.48
C THR J 78 0.29 -15.14 30.31
N ILE J 79 1.50 -14.66 30.12
CA ILE J 79 1.92 -13.95 28.89
C ILE J 79 2.40 -15.02 27.90
N ILE J 80 1.72 -15.12 26.77
CA ILE J 80 2.10 -16.12 25.73
C ILE J 80 2.84 -15.41 24.60
N GLY J 81 2.91 -14.09 24.63
CA GLY J 81 3.64 -13.37 23.58
C GLY J 81 4.10 -12.03 24.08
N SER J 82 5.36 -11.69 23.91
CA SER J 82 5.79 -10.35 24.39
C SER J 82 6.88 -9.81 23.49
N VAL J 83 6.64 -8.66 22.89
CA VAL J 83 7.63 -8.02 21.97
C VAL J 83 7.98 -6.66 22.54
N ILE J 84 9.28 -6.36 22.66
CA ILE J 84 9.70 -5.02 23.15
C ILE J 84 10.56 -4.39 22.07
N GLY J 85 10.21 -3.18 21.66
CA GLY J 85 10.98 -2.41 20.68
C GLY J 85 11.94 -1.51 21.41
N TYR J 86 13.11 -1.28 20.83
CA TYR J 86 14.19 -0.49 21.44
C TYR J 86 15.12 0.06 20.38
N LYS J 87 15.82 1.13 20.72
CA LYS J 87 17.04 1.61 20.03
C LYS J 87 18.24 0.91 20.68
N LYS J 88 19.07 0.25 19.87
CA LYS J 88 20.26 -0.51 20.32
C LYS J 88 21.36 0.51 20.58
N GLY J 89 22.39 0.10 21.32
CA GLY J 89 23.57 0.98 21.58
C GLY J 89 23.69 1.32 23.05
N ASN J 90 24.86 1.82 23.47
CA ASN J 90 25.08 2.38 24.83
C ASN J 90 24.11 3.55 25.04
N ASP J 91 23.83 4.35 24.01
CA ASP J 91 22.91 5.52 24.08
C ASP J 91 21.46 5.09 23.80
N GLY J 92 21.16 3.79 23.94
CA GLY J 92 19.86 3.21 23.59
C GLY J 92 18.72 3.63 24.52
N ARG J 93 17.52 3.17 24.19
CA ARG J 93 16.22 3.49 24.84
C ARG J 93 15.23 2.38 24.50
N CYS J 94 14.23 2.22 25.36
CA CYS J 94 13.05 1.36 25.10
C CYS J 94 11.93 2.16 24.41
N THR J 95 11.40 1.62 23.32
CA THR J 95 10.62 2.37 22.30
C THR J 95 9.16 1.94 22.37
N GLY J 96 8.85 0.66 22.67
CA GLY J 96 7.46 0.14 22.65
C GLY J 96 7.35 -1.23 23.26
N VAL J 97 6.14 -1.65 23.63
CA VAL J 97 5.81 -3.00 24.17
C VAL J 97 4.49 -3.45 23.56
N LYS J 98 4.39 -4.69 23.08
CA LYS J 98 3.17 -5.48 22.76
C LYS J 98 3.17 -6.68 23.74
N LEU J 99 2.09 -6.90 24.48
CA LEU J 99 1.89 -8.15 25.27
C LEU J 99 0.57 -8.81 24.88
N THR J 100 0.53 -10.13 24.85
CA THR J 100 -0.66 -10.95 24.56
C THR J 100 -0.73 -12.06 25.61
N THR J 101 -1.92 -12.28 26.20
CA THR J 101 -2.08 -13.21 27.34
C THR J 101 -2.70 -14.51 26.89
N SER J 102 -2.76 -15.47 27.81
CA SER J 102 -3.33 -16.82 27.63
C SER J 102 -4.86 -16.72 27.52
N LYS J 103 -5.46 -15.54 27.70
CA LYS J 103 -6.93 -15.34 27.62
C LYS J 103 -7.25 -14.43 26.42
N GLY J 104 -6.26 -14.13 25.60
CA GLY J 104 -6.47 -13.36 24.35
C GLY J 104 -6.52 -11.87 24.58
N LYS J 105 -6.26 -11.42 25.81
CA LYS J 105 -6.15 -9.98 26.10
C LYS J 105 -4.85 -9.50 25.50
N SER J 106 -4.79 -8.24 25.08
CA SER J 106 -3.51 -7.71 24.57
C SER J 106 -3.43 -6.17 24.69
N ILE J 107 -2.23 -5.62 24.65
CA ILE J 107 -1.98 -4.16 24.71
C ILE J 107 -0.79 -3.87 23.79
N MET J 108 -0.68 -2.63 23.36
CA MET J 108 0.30 -2.16 22.38
C MET J 108 0.65 -0.73 22.84
N ALA J 109 1.91 -0.43 23.08
CA ALA J 109 2.39 0.84 23.60
C ALA J 109 3.58 1.31 22.76
N GLY J 110 3.55 2.55 22.32
CA GLY J 110 4.73 3.20 21.68
C GLY J 110 5.05 2.63 20.31
N TYR J 111 6.32 2.60 19.92
CA TYR J 111 6.80 2.53 18.52
C TYR J 111 7.75 1.35 18.38
N PHE J 112 7.94 0.87 17.14
CA PHE J 112 8.72 -0.34 16.83
C PHE J 112 9.55 -0.07 15.56
N GLU J 113 10.24 1.06 15.50
CA GLU J 113 10.92 1.52 14.27
C GLU J 113 12.36 0.93 14.17
N GLU J 114 13.02 0.53 15.24
CA GLU J 114 14.47 0.10 15.10
C GLU J 114 14.60 -1.40 15.36
N SER J 115 14.61 -1.83 16.63
CA SER J 115 14.95 -3.22 17.03
C SER J 115 13.84 -3.83 17.88
N LEU J 116 13.71 -5.15 17.88
CA LEU J 116 12.62 -5.94 18.53
C LEU J 116 13.26 -7.09 19.30
N ILE J 117 12.69 -7.47 20.42
CA ILE J 117 12.98 -8.78 21.09
C ILE J 117 11.64 -9.43 21.32
N THR J 118 11.51 -10.70 20.95
CA THR J 118 10.41 -11.58 21.39
C THR J 118 10.96 -12.31 22.58
N THR J 119 10.41 -12.07 23.75
CA THR J 119 10.97 -12.63 24.99
C THR J 119 10.40 -14.00 25.29
N TYR J 120 10.84 -14.53 26.42
CA TYR J 120 10.40 -15.78 27.05
C TYR J 120 8.99 -15.51 27.54
N THR J 121 8.22 -16.58 27.61
CA THR J 121 6.80 -16.51 28.01
C THR J 121 6.67 -17.07 29.43
N GLY J 122 5.51 -16.90 30.04
CA GLY J 122 5.18 -17.47 31.34
C GLY J 122 4.45 -16.46 32.20
N LYS J 123 4.40 -16.74 33.49
CA LYS J 123 3.73 -15.90 34.50
C LYS J 123 4.59 -14.69 34.77
N LEU J 124 4.12 -13.49 34.40
CA LEU J 124 4.96 -12.25 34.59
C LEU J 124 4.98 -11.89 36.09
N ALA J 125 6.20 -11.80 36.62
CA ALA J 125 6.58 -11.76 38.07
C ALA J 125 7.26 -10.45 38.44
N GLY J 126 7.99 -9.83 37.52
CA GLY J 126 8.63 -8.52 37.80
C GLY J 126 9.28 -7.89 36.59
N ILE J 127 9.92 -6.76 36.76
CA ILE J 127 10.69 -6.04 35.71
C ILE J 127 11.97 -5.46 36.32
N LYS J 128 13.02 -5.27 35.54
CA LYS J 128 14.29 -4.65 36.00
C LYS J 128 14.86 -3.87 34.79
N GLY J 129 15.58 -2.79 35.06
CA GLY J 129 16.24 -2.02 33.99
C GLY J 129 16.73 -0.70 34.52
N GLY J 130 16.74 0.32 33.66
CA GLY J 130 17.07 1.69 34.08
C GLY J 130 16.13 2.71 33.43
N ALA J 131 15.83 3.76 34.16
CA ALA J 131 14.95 4.85 33.68
C ALA J 131 15.40 6.17 34.29
N GLY J 132 15.09 7.25 33.60
CA GLY J 132 15.39 8.62 34.04
C GLY J 132 14.24 9.47 33.57
N SER J 133 14.42 10.22 32.49
CA SER J 133 13.28 10.97 31.93
C SER J 133 12.57 10.09 30.90
N ASP J 134 13.21 8.99 30.52
CA ASP J 134 12.74 7.95 29.57
C ASP J 134 13.09 6.57 30.15
N ILE J 135 12.52 5.50 29.59
CA ILE J 135 12.94 4.13 29.98
C ILE J 135 14.18 3.82 29.14
N ASP J 136 15.35 3.77 29.77
CA ASP J 136 16.63 3.56 29.05
C ASP J 136 16.68 2.09 28.61
N ARG J 137 16.29 1.20 29.50
CA ARG J 137 16.54 -0.24 29.32
C ARG J 137 15.47 -1.00 30.14
N LEU J 138 14.95 -2.11 29.61
CA LEU J 138 13.90 -2.88 30.29
C LEU J 138 14.10 -4.37 30.00
N GLY J 139 13.94 -5.19 31.04
CA GLY J 139 13.91 -6.64 30.93
C GLY J 139 12.76 -7.20 31.77
N LEU J 140 12.02 -8.15 31.23
CA LEU J 140 10.89 -8.75 31.97
C LEU J 140 11.42 -9.93 32.77
N ILE J 141 10.66 -10.35 33.80
CA ILE J 141 11.02 -11.45 34.72
C ILE J 141 9.80 -12.35 34.92
N PHE J 142 10.00 -13.65 34.75
CA PHE J 142 8.93 -14.66 34.78
C PHE J 142 9.20 -15.68 35.89
N LEU J 143 8.15 -16.44 36.29
CA LEU J 143 8.24 -17.55 37.26
C LEU J 143 8.69 -18.83 36.55
N LYS J 144 8.59 -19.99 37.26
CA LYS J 144 8.82 -21.36 36.76
C LYS J 144 7.75 -22.28 37.39
N ASP K 5 25.91 -38.27 15.01
CA ASP K 5 26.01 -37.86 16.45
C ASP K 5 24.61 -38.03 17.07
N ASN K 6 24.21 -37.25 18.11
CA ASN K 6 22.80 -37.01 18.55
C ASN K 6 22.26 -35.70 17.92
N TYR K 7 22.96 -35.13 16.95
CA TYR K 7 22.70 -33.79 16.34
C TYR K 7 22.37 -33.94 14.83
N ILE K 8 21.49 -33.08 14.30
CA ILE K 8 21.14 -32.98 12.86
C ILE K 8 21.70 -31.68 12.31
N TYR K 9 22.49 -31.71 11.25
CA TYR K 9 23.16 -30.52 10.68
C TYR K 9 22.40 -30.06 9.43
N SER K 10 21.63 -28.96 9.46
CA SER K 10 21.11 -28.28 8.24
C SER K 10 22.31 -27.83 7.39
N THR K 11 22.13 -27.78 6.09
CA THR K 11 23.08 -27.15 5.11
C THR K 11 23.54 -25.77 5.57
N GLU K 12 24.85 -25.58 5.67
CA GLU K 12 25.44 -24.22 5.73
C GLU K 12 25.20 -23.59 4.38
N VAL K 13 24.51 -22.46 4.30
CA VAL K 13 24.24 -21.78 3.01
C VAL K 13 25.00 -20.44 2.98
N GLY K 14 25.36 -20.02 1.80
CA GLY K 14 26.10 -18.79 1.52
C GLY K 14 27.45 -19.06 0.86
N GLY K 15 28.42 -18.22 1.15
CA GLY K 15 29.75 -18.25 0.53
C GLY K 15 30.74 -19.01 1.38
N VAL K 16 31.98 -19.03 0.93
CA VAL K 16 33.10 -19.87 1.47
C VAL K 16 34.02 -18.95 2.28
N GLY K 17 33.81 -17.63 2.18
CA GLY K 17 34.55 -16.57 2.90
C GLY K 17 34.42 -16.65 4.41
N GLY K 18 35.03 -15.65 5.06
CA GLY K 18 35.00 -15.40 6.53
C GLY K 18 35.70 -16.43 7.38
N THR K 19 35.82 -16.11 8.66
CA THR K 19 36.40 -16.97 9.72
C THR K 19 35.36 -17.96 10.19
N PRO K 20 35.61 -19.28 10.15
CA PRO K 20 34.72 -20.27 10.76
C PRO K 20 34.30 -19.96 12.20
N PHE K 21 33.10 -20.42 12.57
CA PHE K 21 32.54 -20.40 13.93
C PHE K 21 31.70 -21.64 14.11
N THR K 22 31.71 -22.19 15.32
CA THR K 22 30.75 -23.25 15.75
C THR K 22 30.34 -22.93 17.17
N PHE K 23 29.03 -22.69 17.39
CA PHE K 23 28.42 -22.41 18.70
C PHE K 23 27.54 -23.60 19.08
N MET K 24 28.02 -24.49 19.96
CA MET K 24 27.27 -25.57 20.65
C MET K 24 27.85 -25.80 22.04
N GLN K 25 27.11 -26.51 22.92
CA GLN K 25 27.51 -26.95 24.29
C GLN K 25 26.93 -28.34 24.54
N GLU K 26 27.75 -29.33 24.91
CA GLU K 26 27.27 -30.67 25.38
C GLU K 26 26.15 -30.45 26.40
N SER K 27 25.08 -31.24 26.24
CA SER K 27 23.86 -31.34 27.08
C SER K 27 23.22 -29.95 27.26
N GLY K 28 23.35 -29.04 26.29
CA GLY K 28 22.77 -27.69 26.30
C GLY K 28 22.12 -27.32 24.95
N THR K 29 21.23 -26.32 24.95
CA THR K 29 20.51 -25.83 23.76
C THR K 29 20.48 -24.30 23.78
N ILE K 30 20.17 -23.66 22.65
CA ILE K 30 20.10 -22.17 22.51
C ILE K 30 18.82 -21.65 23.21
N THR K 31 18.97 -20.63 24.06
CA THR K 31 17.86 -19.87 24.72
C THR K 31 17.75 -18.46 24.15
N SER K 32 18.77 -17.93 23.51
CA SER K 32 18.68 -16.59 22.91
C SER K 32 19.53 -16.51 21.63
N ILE K 33 19.02 -15.90 20.59
CA ILE K 33 19.78 -15.68 19.33
C ILE K 33 19.43 -14.28 18.80
N LYS K 34 20.45 -13.53 18.37
CA LYS K 34 20.28 -12.15 17.87
C LYS K 34 20.83 -12.05 16.46
N PHE K 35 20.12 -11.38 15.56
CA PHE K 35 20.55 -11.13 14.18
C PHE K 35 20.63 -9.62 13.96
N ASN K 36 21.75 -9.16 13.42
CA ASN K 36 22.04 -7.74 13.10
C ASN K 36 22.18 -7.62 11.58
N TRP K 37 21.46 -6.70 10.94
CA TRP K 37 21.47 -6.57 9.47
C TRP K 37 21.35 -5.11 9.04
N SER K 38 21.62 -4.82 7.77
CA SER K 38 21.60 -3.43 7.23
C SER K 38 20.61 -3.33 6.06
N ASP K 39 19.95 -2.18 5.92
CA ASP K 39 19.19 -1.87 4.68
C ASP K 39 20.20 -1.47 3.61
N GLN K 40 21.39 -0.97 4.01
CA GLN K 40 22.41 -0.49 3.04
C GLN K 40 22.85 -1.65 2.14
N TYR K 41 23.18 -2.81 2.68
CA TYR K 41 23.79 -3.95 1.92
C TYR K 41 22.82 -5.13 1.80
N LYS K 42 21.67 -5.09 2.47
CA LYS K 42 20.65 -6.18 2.42
C LYS K 42 21.28 -7.54 2.76
N LEU K 43 22.11 -7.56 3.81
CA LEU K 43 22.86 -8.72 4.35
C LEU K 43 22.71 -8.76 5.87
N LEU K 44 22.83 -9.96 6.45
CA LEU K 44 23.19 -10.17 7.87
C LEU K 44 24.67 -9.82 8.06
N HIS K 45 25.02 -9.13 9.15
CA HIS K 45 26.42 -8.78 9.49
C HIS K 45 26.90 -9.46 10.77
N HIS K 46 26.02 -9.76 11.73
CA HIS K 46 26.49 -10.17 13.09
C HIS K 46 25.43 -11.05 13.74
N ILE K 47 25.84 -12.03 14.52
CA ILE K 47 24.96 -12.99 15.25
C ILE K 47 25.53 -13.13 16.66
N GLU K 48 24.66 -13.19 17.68
CA GLU K 48 25.03 -13.58 19.07
C GLU K 48 24.11 -14.70 19.55
N VAL K 49 24.59 -15.56 20.43
CA VAL K 49 23.87 -16.78 20.91
C VAL K 49 24.20 -16.98 22.38
N LYS K 50 23.23 -17.31 23.23
CA LYS K 50 23.38 -17.69 24.65
C LYS K 50 22.80 -19.11 24.76
N PHE K 51 23.32 -19.89 25.71
CA PHE K 51 22.85 -21.28 25.89
C PHE K 51 22.26 -21.41 27.28
N ILE K 52 21.29 -22.32 27.46
CA ILE K 52 20.70 -22.63 28.80
C ILE K 52 21.88 -22.87 29.76
N ASN K 53 21.80 -22.30 30.98
CA ASN K 53 22.75 -22.46 32.10
C ASN K 53 24.14 -21.89 31.77
N ASN K 54 24.23 -20.77 31.05
CA ASN K 54 25.55 -20.22 30.63
C ASN K 54 25.37 -18.76 30.21
N ALA K 55 25.82 -17.88 31.10
CA ALA K 55 25.71 -16.41 31.05
C ALA K 55 26.62 -15.83 29.98
N ASN K 56 27.51 -16.64 29.39
CA ASN K 56 28.38 -16.18 28.27
C ASN K 56 27.57 -15.93 27.00
N ILE K 57 27.97 -14.88 26.28
CA ILE K 57 27.46 -14.45 24.96
C ILE K 57 28.51 -14.81 23.89
N TYR K 58 28.19 -15.78 23.03
CA TYR K 58 29.01 -16.14 21.84
C TYR K 58 28.59 -15.30 20.63
N ALA K 59 29.52 -14.53 20.09
CA ALA K 59 29.30 -13.57 18.97
C ALA K 59 30.21 -13.84 17.79
N THR K 60 29.84 -13.37 16.60
CA THR K 60 30.62 -13.52 15.35
C THR K 60 30.14 -12.44 14.38
N GLY K 61 31.03 -11.97 13.51
CA GLY K 61 30.69 -10.90 12.53
C GLY K 61 30.78 -9.52 13.16
N ASP K 62 30.76 -8.50 12.32
CA ASP K 62 30.91 -7.07 12.67
C ASP K 62 29.53 -6.48 12.92
N PRO K 63 29.21 -5.98 14.13
CA PRO K 63 27.85 -5.51 14.45
C PRO K 63 27.49 -4.14 13.85
N LYS K 64 27.50 -3.98 12.53
CA LYS K 64 27.50 -2.65 11.87
C LYS K 64 26.14 -2.33 11.25
N GLY K 65 25.12 -3.14 11.44
CA GLY K 65 23.80 -2.90 10.81
C GLY K 65 22.92 -1.95 11.60
N ASN K 66 21.92 -1.39 10.94
CA ASN K 66 20.94 -0.42 11.53
C ASN K 66 19.79 -1.16 12.22
N HIS K 67 19.66 -2.48 12.11
CA HIS K 67 18.56 -3.31 12.73
C HIS K 67 19.11 -4.51 13.55
N GLU K 68 18.43 -4.88 14.63
CA GLU K 68 18.75 -6.07 15.50
C GLU K 68 17.40 -6.75 15.82
N VAL K 69 17.29 -8.07 15.77
CA VAL K 69 16.14 -8.79 16.41
C VAL K 69 16.70 -9.87 17.32
N ILE K 70 16.04 -10.09 18.43
CA ILE K 70 16.41 -11.13 19.42
C ILE K 70 15.21 -12.05 19.57
N LEU K 71 15.45 -13.34 19.51
CA LEU K 71 14.44 -14.38 19.84
C LEU K 71 14.92 -15.11 21.11
N GLU K 72 14.12 -15.05 22.17
CA GLU K 72 14.31 -15.84 23.41
C GLU K 72 13.52 -17.13 23.23
N ILE K 73 14.02 -18.26 23.73
CA ILE K 73 13.42 -19.60 23.49
C ILE K 73 13.24 -20.31 24.83
N ASP K 74 11.97 -20.52 25.19
CA ASP K 74 11.55 -21.25 26.42
C ASP K 74 12.23 -22.63 26.31
N ASP K 75 12.44 -23.30 27.43
CA ASP K 75 13.26 -24.54 27.49
C ASP K 75 12.54 -25.67 26.72
N ASP K 76 11.20 -25.66 26.63
CA ASP K 76 10.44 -26.76 25.94
C ASP K 76 10.05 -26.35 24.52
N GLU K 77 10.52 -25.18 24.08
CA GLU K 77 10.17 -24.53 22.78
C GLU K 77 11.01 -25.10 21.63
N THR K 78 10.39 -25.34 20.48
CA THR K 78 11.14 -25.85 19.31
C THR K 78 10.90 -24.94 18.11
N ILE K 79 11.64 -25.16 17.04
CA ILE K 79 11.53 -24.41 15.75
C ILE K 79 10.69 -25.27 14.82
N ILE K 80 9.48 -24.85 14.50
CA ILE K 80 8.56 -25.63 13.61
C ILE K 80 8.64 -25.10 12.17
N GLY K 81 9.32 -23.99 11.93
CA GLY K 81 9.59 -23.53 10.56
C GLY K 81 10.72 -22.55 10.50
N SER K 82 11.65 -22.80 9.58
CA SER K 82 12.83 -21.91 9.46
C SER K 82 13.18 -21.73 8.00
N VAL K 83 13.46 -20.49 7.63
CA VAL K 83 13.89 -20.10 6.26
C VAL K 83 15.12 -19.20 6.36
N ILE K 84 16.17 -19.53 5.61
CA ILE K 84 17.36 -18.64 5.48
C ILE K 84 17.46 -18.22 4.02
N GLY K 85 17.62 -16.94 3.80
CA GLY K 85 17.90 -16.36 2.49
C GLY K 85 19.40 -16.18 2.34
N TYR K 86 19.92 -16.32 1.13
CA TYR K 86 21.36 -16.24 0.84
C TYR K 86 21.61 -15.93 -0.64
N LYS K 87 22.77 -15.37 -0.93
CA LYS K 87 23.40 -15.33 -2.27
C LYS K 87 24.24 -16.58 -2.43
N LYS K 88 24.01 -17.34 -3.52
CA LYS K 88 24.73 -18.59 -3.86
C LYS K 88 26.11 -18.17 -4.40
N GLY K 89 27.07 -19.10 -4.42
CA GLY K 89 28.40 -18.87 -5.02
C GLY K 89 29.49 -19.01 -3.99
N ASN K 90 30.74 -19.15 -4.42
CA ASN K 90 31.94 -19.07 -3.54
C ASN K 90 31.95 -17.70 -2.85
N ASP K 91 31.56 -16.62 -3.54
CA ASP K 91 31.57 -15.24 -2.99
C ASP K 91 30.21 -14.94 -2.35
N GLY K 92 29.48 -15.98 -1.93
CA GLY K 92 28.12 -15.87 -1.37
C GLY K 92 28.09 -15.22 0.01
N ARG K 93 26.87 -15.07 0.53
CA ARG K 93 26.53 -14.35 1.79
C ARG K 93 25.17 -14.83 2.28
N CYS K 94 24.94 -14.70 3.57
CA CYS K 94 23.64 -14.96 4.22
C CYS K 94 22.88 -13.63 4.32
N THR K 95 21.62 -13.64 3.86
CA THR K 95 20.86 -12.41 3.50
C THR K 95 19.76 -12.17 4.52
N GLY K 96 19.16 -13.23 5.08
CA GLY K 96 18.01 -13.11 6.00
C GLY K 96 17.69 -14.42 6.68
N VAL K 97 16.96 -14.35 7.79
CA VAL K 97 16.44 -15.55 8.51
C VAL K 97 15.02 -15.22 8.99
N LYS K 98 14.07 -16.14 8.79
CA LYS K 98 12.69 -16.18 9.34
C LYS K 98 12.64 -17.45 10.19
N LEU K 99 12.31 -17.37 11.47
CA LEU K 99 12.07 -18.54 12.36
C LEU K 99 10.68 -18.42 12.98
N THR K 100 10.01 -19.55 13.16
CA THR K 100 8.69 -19.66 13.82
C THR K 100 8.77 -20.81 14.82
N THR K 101 8.30 -20.59 16.04
CA THR K 101 8.45 -21.56 17.13
C THR K 101 7.15 -22.30 17.37
N SER K 102 7.23 -23.32 18.22
CA SER K 102 6.12 -24.20 18.63
C SER K 102 5.14 -23.43 19.53
N LYS K 103 5.45 -22.19 19.92
CA LYS K 103 4.59 -21.36 20.79
C LYS K 103 4.09 -20.15 19.99
N GLY K 104 4.30 -20.13 18.67
CA GLY K 104 3.77 -19.09 17.78
C GLY K 104 4.59 -17.82 17.82
N LYS K 105 5.75 -17.82 18.50
CA LYS K 105 6.69 -16.69 18.43
C LYS K 105 7.31 -16.74 17.04
N SER K 106 7.72 -15.61 16.51
CA SER K 106 8.45 -15.61 15.24
C SER K 106 9.32 -14.35 15.11
N ILE K 107 10.32 -14.41 14.25
CA ILE K 107 11.17 -13.24 13.90
C ILE K 107 11.46 -13.29 12.42
N MET K 108 11.77 -12.14 11.87
CA MET K 108 12.13 -11.98 10.43
C MET K 108 13.27 -10.96 10.41
N ALA K 109 14.41 -11.33 9.86
CA ALA K 109 15.62 -10.52 9.87
C ALA K 109 16.18 -10.46 8.45
N GLY K 110 16.40 -9.23 7.97
CA GLY K 110 17.06 -9.01 6.67
C GLY K 110 16.16 -9.38 5.48
N TYR K 111 16.74 -9.84 4.38
CA TYR K 111 16.14 -9.80 3.02
C TYR K 111 16.13 -11.22 2.44
N PHE K 112 15.32 -11.46 1.42
CA PHE K 112 15.07 -12.80 0.83
C PHE K 112 15.00 -12.70 -0.69
N GLU K 113 15.88 -11.92 -1.31
CA GLU K 113 15.76 -11.55 -2.74
C GLU K 113 16.36 -12.62 -3.69
N GLU K 114 17.32 -13.46 -3.27
CA GLU K 114 17.99 -14.38 -4.22
C GLU K 114 17.59 -15.84 -3.99
N SER K 115 18.15 -16.52 -2.99
CA SER K 115 18.00 -17.99 -2.76
C SER K 115 17.48 -18.26 -1.36
N LEU K 116 16.79 -19.39 -1.15
CA LEU K 116 16.09 -19.74 0.11
C LEU K 116 16.39 -21.18 0.46
N ILE K 117 16.46 -21.50 1.75
CA ILE K 117 16.42 -22.91 2.21
C ILE K 117 15.35 -22.94 3.29
N THR K 118 14.50 -23.97 3.23
CA THR K 118 13.54 -24.30 4.29
C THR K 118 14.25 -25.45 4.99
N THR K 119 14.83 -25.18 6.16
CA THR K 119 15.68 -26.19 6.84
C THR K 119 14.84 -27.20 7.62
N TYR K 120 15.56 -28.05 8.36
CA TYR K 120 14.98 -29.10 9.21
C TYR K 120 14.39 -28.43 10.45
N THR K 121 13.47 -29.11 11.11
CA THR K 121 12.83 -28.54 12.31
C THR K 121 13.25 -29.34 13.53
N GLY K 122 12.95 -28.87 14.73
CA GLY K 122 13.24 -29.53 16.00
C GLY K 122 13.78 -28.54 17.02
N LYS K 123 14.37 -29.03 18.11
CA LYS K 123 14.94 -28.21 19.20
C LYS K 123 16.27 -27.62 18.72
N LEU K 124 16.35 -26.30 18.57
CA LEU K 124 17.57 -25.65 18.05
C LEU K 124 18.64 -25.67 19.15
N ALA K 125 19.80 -26.26 18.78
CA ALA K 125 20.93 -26.69 19.64
C ALA K 125 22.20 -25.89 19.35
N GLY K 126 22.39 -25.45 18.11
CA GLY K 126 23.56 -24.61 17.78
C GLY K 126 23.49 -24.04 16.37
N ILE K 127 24.50 -23.27 16.02
CA ILE K 127 24.71 -22.73 14.66
C ILE K 127 26.20 -22.89 14.31
N LYS K 128 26.53 -22.96 13.01
CA LYS K 128 27.92 -22.99 12.52
C LYS K 128 27.90 -22.22 11.20
N GLY K 129 29.04 -21.65 10.85
CA GLY K 129 29.23 -21.05 9.53
C GLY K 129 30.49 -20.23 9.48
N GLY K 130 30.49 -19.18 8.70
CA GLY K 130 31.60 -18.22 8.63
C GLY K 130 31.12 -16.80 8.61
N ALA K 131 31.92 -15.90 9.20
CA ALA K 131 31.62 -14.46 9.31
C ALA K 131 32.91 -13.65 9.24
N GLY K 132 32.79 -12.41 8.76
CA GLY K 132 33.82 -11.37 8.76
C GLY K 132 33.16 -10.02 8.97
N SER K 133 33.17 -9.19 7.95
CA SER K 133 32.34 -7.95 7.88
C SER K 133 30.84 -8.32 7.83
N ASP K 134 30.55 -9.49 7.23
CA ASP K 134 29.18 -9.96 6.94
C ASP K 134 29.06 -11.38 7.49
N ILE K 135 27.86 -11.94 7.55
CA ILE K 135 27.71 -13.41 7.75
C ILE K 135 27.87 -14.06 6.37
N ASP K 136 28.98 -14.76 6.13
CA ASP K 136 29.28 -15.37 4.81
C ASP K 136 28.36 -16.56 4.62
N ARG K 137 28.19 -17.36 5.66
CA ARG K 137 27.55 -18.69 5.54
C ARG K 137 26.94 -19.02 6.90
N LEU K 138 25.77 -19.66 6.91
CA LEU K 138 25.05 -20.01 8.17
C LEU K 138 24.33 -21.36 8.01
N GLY K 139 24.45 -22.21 9.02
CA GLY K 139 23.75 -23.52 9.06
C GLY K 139 23.32 -23.87 10.45
N LEU K 140 22.08 -24.29 10.59
CA LEU K 140 21.45 -24.51 11.91
C LEU K 140 21.73 -25.95 12.31
N ILE K 141 21.65 -26.22 13.62
CA ILE K 141 21.91 -27.56 14.23
C ILE K 141 20.81 -27.87 15.24
N PHE K 142 20.18 -29.04 15.12
CA PHE K 142 19.02 -29.47 15.94
C PHE K 142 19.37 -30.73 16.72
N LEU K 143 18.59 -31.08 17.75
CA LEU K 143 18.70 -32.36 18.53
C LEU K 143 17.92 -33.47 17.84
N LYS K 144 17.67 -34.61 18.51
CA LYS K 144 16.80 -35.75 18.12
C LYS K 144 16.12 -36.28 19.41
N ASP L 5 6.71 -52.71 -7.70
CA ASP L 5 7.69 -52.46 -6.61
C ASP L 5 6.90 -52.13 -5.33
N ASN L 6 7.56 -51.58 -4.29
CA ASN L 6 6.95 -50.95 -3.08
C ASN L 6 6.91 -49.40 -3.27
N TYR L 7 7.08 -48.93 -4.50
CA TYR L 7 7.17 -47.51 -4.90
C TYR L 7 6.00 -47.12 -5.82
N ILE L 8 5.55 -45.87 -5.76
CA ILE L 8 4.56 -45.24 -6.68
C ILE L 8 5.29 -44.25 -7.59
N TYR L 9 5.20 -44.47 -8.90
CA TYR L 9 5.90 -43.58 -9.85
C TYR L 9 4.88 -42.62 -10.47
N SER L 10 5.06 -41.32 -10.20
CA SER L 10 4.20 -40.29 -10.81
C SER L 10 4.71 -40.02 -12.22
N THR L 11 3.85 -39.50 -13.08
CA THR L 11 4.16 -39.23 -14.49
C THR L 11 5.37 -38.31 -14.68
N GLU L 12 6.42 -38.79 -15.34
CA GLU L 12 7.53 -37.92 -15.80
C GLU L 12 6.91 -36.90 -16.74
N VAL L 13 7.04 -35.61 -16.47
CA VAL L 13 6.51 -34.55 -17.38
C VAL L 13 7.68 -33.81 -18.03
N GLY L 14 7.44 -33.27 -19.21
CA GLY L 14 8.37 -32.46 -20.01
C GLY L 14 8.65 -33.12 -21.34
N GLY L 15 9.88 -32.97 -21.83
CA GLY L 15 10.28 -33.46 -23.15
C GLY L 15 10.99 -34.80 -23.06
N VAL L 16 11.48 -35.26 -24.21
CA VAL L 16 12.04 -36.62 -24.39
C VAL L 16 13.57 -36.49 -24.48
N GLY L 17 14.09 -35.25 -24.52
CA GLY L 17 15.53 -34.94 -24.55
C GLY L 17 16.32 -35.40 -23.33
N GLY L 18 17.61 -35.04 -23.32
CA GLY L 18 18.59 -35.21 -22.21
C GLY L 18 18.96 -36.65 -21.88
N THR L 19 19.96 -36.79 -21.02
CA THR L 19 20.48 -38.07 -20.49
C THR L 19 19.59 -38.54 -19.36
N PRO L 20 19.04 -39.77 -19.41
CA PRO L 20 18.29 -40.33 -18.27
C PRO L 20 19.02 -40.26 -16.93
N PHE L 21 18.26 -40.20 -15.85
CA PHE L 21 18.74 -40.29 -14.45
C PHE L 21 17.65 -41.00 -13.64
N THR L 22 18.05 -41.80 -12.66
CA THR L 22 17.15 -42.37 -11.64
C THR L 22 17.90 -42.36 -10.31
N PHE L 23 17.36 -41.63 -9.35
CA PHE L 23 17.96 -41.50 -8.00
C PHE L 23 17.06 -42.22 -6.99
N MET L 24 17.51 -43.39 -6.53
CA MET L 24 16.77 -44.20 -5.53
C MET L 24 17.77 -44.81 -4.55
N GLN L 25 17.31 -45.38 -3.45
CA GLN L 25 18.29 -45.98 -2.52
C GLN L 25 17.61 -47.03 -1.64
N GLU L 26 18.13 -48.25 -1.72
CA GLU L 26 17.78 -49.49 -0.98
C GLU L 26 16.49 -49.34 -0.16
N SER L 27 16.57 -48.67 0.99
CA SER L 27 15.37 -48.47 1.83
C SER L 27 15.36 -47.04 2.36
N GLY L 28 16.27 -46.20 1.88
CA GLY L 28 16.35 -44.81 2.35
C GLY L 28 15.43 -43.91 1.55
N THR L 29 15.08 -42.76 2.11
CA THR L 29 14.24 -41.75 1.41
C THR L 29 15.02 -40.45 1.29
N ILE L 30 14.46 -39.48 0.58
CA ILE L 30 15.10 -38.14 0.36
C ILE L 30 14.95 -37.30 1.63
N THR L 31 16.07 -36.73 2.11
CA THR L 31 16.13 -35.72 3.23
C THR L 31 16.45 -34.32 2.72
N SER L 32 17.00 -34.19 1.52
CA SER L 32 17.29 -32.84 0.97
C SER L 32 17.16 -32.87 -0.55
N ILE L 33 16.53 -31.84 -1.13
CA ILE L 33 16.43 -31.66 -2.59
C ILE L 33 16.66 -30.19 -2.91
N LYS L 34 17.45 -29.92 -3.95
CA LYS L 34 17.79 -28.54 -4.36
C LYS L 34 17.38 -28.35 -5.82
N PHE L 35 16.75 -27.21 -6.13
CA PHE L 35 16.34 -26.86 -7.51
C PHE L 35 17.04 -25.57 -7.92
N ASN L 36 17.61 -25.59 -9.11
CA ASN L 36 18.39 -24.46 -9.68
C ASN L 36 17.68 -24.01 -10.95
N TRP L 37 17.36 -22.72 -11.09
CA TRP L 37 16.58 -22.25 -12.26
C TRP L 37 17.02 -20.84 -12.66
N SER L 38 16.61 -20.39 -13.84
CA SER L 38 17.02 -19.08 -14.41
C SER L 38 15.80 -18.23 -14.73
N ASP L 39 15.92 -16.90 -14.59
CA ASP L 39 14.90 -15.96 -15.14
C ASP L 39 15.17 -15.84 -16.64
N GLN L 40 16.40 -16.11 -17.10
CA GLN L 40 16.76 -15.99 -18.55
C GLN L 40 15.86 -16.92 -19.39
N TYR L 41 15.74 -18.21 -19.03
CA TYR L 41 15.04 -19.23 -19.85
C TYR L 41 13.73 -19.68 -19.18
N LYS L 42 13.44 -19.27 -17.95
CA LYS L 42 12.22 -19.67 -17.19
C LYS L 42 12.10 -21.21 -17.17
N LEU L 43 13.21 -21.89 -16.89
CA LEU L 43 13.35 -23.36 -16.81
C LEU L 43 14.12 -23.75 -15.54
N LEU L 44 13.90 -24.97 -15.06
CA LEU L 44 14.84 -25.70 -14.18
C LEU L 44 16.04 -26.16 -15.01
N HIS L 45 17.25 -26.03 -14.46
CA HIS L 45 18.50 -26.47 -15.11
C HIS L 45 19.17 -27.61 -14.35
N HIS L 46 19.02 -27.70 -13.03
CA HIS L 46 19.86 -28.61 -12.22
C HIS L 46 19.08 -29.01 -10.97
N ILE L 47 19.26 -30.26 -10.53
CA ILE L 47 18.65 -30.81 -9.29
C ILE L 47 19.73 -31.59 -8.56
N GLU L 48 19.81 -31.49 -7.23
CA GLU L 48 20.64 -32.36 -6.35
C GLU L 48 19.75 -32.97 -5.28
N VAL L 49 20.09 -34.17 -4.82
CA VAL L 49 19.28 -34.96 -3.85
C VAL L 49 20.25 -35.66 -2.90
N LYS L 50 19.98 -35.66 -1.60
CA LYS L 50 20.70 -36.47 -0.58
C LYS L 50 19.65 -37.40 0.06
N PHE L 51 20.08 -38.56 0.52
CA PHE L 51 19.16 -39.56 1.12
C PHE L 51 19.56 -39.77 2.58
N ILE L 52 18.60 -40.12 3.43
CA ILE L 52 18.86 -40.46 4.86
C ILE L 52 19.99 -41.52 4.85
N ASN L 53 20.99 -41.38 5.74
CA ASN L 53 22.11 -42.32 5.97
C ASN L 53 23.03 -42.42 4.76
N ASN L 54 23.28 -41.32 4.03
CA ASN L 54 24.12 -41.35 2.81
C ASN L 54 24.57 -39.92 2.48
N ALA L 55 25.83 -39.65 2.80
CA ALA L 55 26.50 -38.34 2.69
C ALA L 55 26.74 -37.96 1.22
N ASN L 56 26.55 -38.90 0.29
CA ASN L 56 26.64 -38.61 -1.17
C ASN L 56 25.49 -37.69 -1.64
N ILE L 57 25.88 -36.79 -2.55
CA ILE L 57 25.04 -35.84 -3.31
C ILE L 57 24.86 -36.38 -4.74
N TYR L 58 23.65 -36.80 -5.11
CA TYR L 58 23.26 -37.19 -6.48
C TYR L 58 22.74 -35.96 -7.24
N ALA L 59 23.41 -35.57 -8.31
CA ALA L 59 23.16 -34.35 -9.11
C ALA L 59 22.91 -34.70 -10.59
N THR L 60 22.20 -33.83 -11.29
CA THR L 60 21.90 -33.97 -12.73
C THR L 60 21.62 -32.58 -13.29
N GLY L 61 21.93 -32.36 -14.56
CA GLY L 61 21.78 -31.07 -15.24
C GLY L 61 22.93 -30.12 -14.92
N ASP L 62 22.99 -29.02 -15.66
CA ASP L 62 24.06 -28.00 -15.62
C ASP L 62 23.64 -26.92 -14.63
N PRO L 63 24.38 -26.68 -13.53
CA PRO L 63 23.96 -25.73 -12.49
C PRO L 63 24.15 -24.25 -12.88
N LYS L 64 23.45 -23.76 -13.90
CA LYS L 64 23.79 -22.46 -14.55
C LYS L 64 22.82 -21.32 -14.14
N GLY L 65 21.85 -21.58 -13.28
CA GLY L 65 20.75 -20.62 -13.04
C GLY L 65 21.10 -19.59 -11.96
N ASN L 66 20.40 -18.45 -11.94
CA ASN L 66 20.62 -17.34 -10.99
C ASN L 66 19.90 -17.59 -9.64
N HIS L 67 19.05 -18.61 -9.51
CA HIS L 67 18.28 -18.95 -8.27
C HIS L 67 18.47 -20.43 -7.83
N GLU L 68 18.49 -20.69 -6.51
CA GLU L 68 18.61 -22.04 -5.89
C GLU L 68 17.58 -22.09 -4.74
N VAL L 69 16.81 -23.17 -4.56
CA VAL L 69 16.08 -23.38 -3.28
C VAL L 69 16.39 -24.78 -2.80
N ILE L 70 16.46 -24.94 -1.48
CA ILE L 70 16.69 -26.26 -0.84
C ILE L 70 15.55 -26.53 0.10
N LEU L 71 15.00 -27.74 0.05
CA LEU L 71 14.01 -28.22 1.03
C LEU L 71 14.63 -29.39 1.78
N GLU L 72 14.80 -29.24 3.10
CA GLU L 72 15.20 -30.33 3.99
C GLU L 72 13.91 -30.99 4.51
N ILE L 73 13.93 -32.31 4.69
CA ILE L 73 12.70 -33.08 5.03
C ILE L 73 12.99 -33.93 6.27
N ASP L 74 12.29 -33.59 7.36
CA ASP L 74 12.37 -34.32 8.66
C ASP L 74 12.02 -35.77 8.33
N ASP L 75 12.48 -36.72 9.15
CA ASP L 75 12.38 -38.17 8.82
C ASP L 75 10.90 -38.62 8.76
N ASP L 76 10.00 -37.99 9.51
CA ASP L 76 8.56 -38.40 9.58
C ASP L 76 7.68 -37.49 8.69
N GLU L 77 8.27 -36.70 7.79
CA GLU L 77 7.61 -35.60 7.06
C GLU L 77 7.25 -36.06 5.63
N THR L 78 5.98 -35.88 5.23
CA THR L 78 5.46 -36.32 3.91
C THR L 78 5.21 -35.11 3.01
N ILE L 79 5.12 -35.34 1.70
CA ILE L 79 4.61 -34.34 0.72
C ILE L 79 3.09 -34.50 0.67
N ILE L 80 2.34 -33.47 1.04
CA ILE L 80 0.84 -33.50 1.01
C ILE L 80 0.33 -32.71 -0.20
N GLY L 81 1.19 -32.00 -0.91
CA GLY L 81 0.79 -31.28 -2.13
C GLY L 81 1.98 -31.02 -3.02
N SER L 82 1.83 -31.30 -4.30
CA SER L 82 2.99 -31.24 -5.22
C SER L 82 2.51 -30.85 -6.59
N VAL L 83 3.13 -29.82 -7.17
CA VAL L 83 2.81 -29.31 -8.52
C VAL L 83 4.11 -29.12 -9.30
N ILE L 84 4.17 -29.66 -10.50
CA ILE L 84 5.33 -29.48 -11.42
C ILE L 84 4.81 -28.79 -12.66
N GLY L 85 5.49 -27.71 -13.03
CA GLY L 85 5.21 -26.97 -14.26
C GLY L 85 6.15 -27.46 -15.33
N TYR L 86 5.68 -27.45 -16.59
CA TYR L 86 6.47 -27.95 -17.74
C TYR L 86 5.95 -27.35 -19.04
N LYS L 87 6.80 -27.33 -20.06
CA LYS L 87 6.43 -27.18 -21.49
C LYS L 87 6.17 -28.58 -22.06
N LYS L 88 4.99 -28.79 -22.64
CA LYS L 88 4.56 -30.09 -23.22
C LYS L 88 5.23 -30.23 -24.57
N GLY L 89 5.28 -31.44 -25.12
CA GLY L 89 5.87 -31.72 -26.44
C GLY L 89 7.05 -32.65 -26.32
N ASN L 90 7.49 -33.23 -27.43
CA ASN L 90 8.74 -34.04 -27.53
C ASN L 90 9.90 -33.09 -27.19
N ASP L 91 9.85 -31.80 -27.59
CA ASP L 91 10.91 -30.78 -27.34
C ASP L 91 10.65 -30.09 -25.98
N GLY L 92 9.91 -30.73 -25.09
CA GLY L 92 9.49 -30.15 -23.80
C GLY L 92 10.62 -29.99 -22.80
N ARG L 93 10.28 -29.43 -21.64
CA ARG L 93 11.20 -29.05 -20.55
C ARG L 93 10.40 -28.93 -19.25
N CYS L 94 11.10 -29.09 -18.13
CA CYS L 94 10.54 -28.95 -16.78
C CYS L 94 10.71 -27.47 -16.39
N THR L 95 9.64 -26.83 -15.92
CA THR L 95 9.65 -25.37 -15.76
C THR L 95 9.67 -24.92 -14.30
N GLY L 96 9.15 -25.71 -13.37
CA GLY L 96 9.15 -25.31 -11.96
C GLY L 96 8.52 -26.37 -11.09
N VAL L 97 8.75 -26.31 -9.78
CA VAL L 97 8.23 -27.27 -8.77
C VAL L 97 7.76 -26.48 -7.54
N LYS L 98 6.57 -26.79 -7.03
CA LYS L 98 5.94 -26.28 -5.79
C LYS L 98 5.72 -27.55 -4.96
N LEU L 99 6.26 -27.64 -3.74
CA LEU L 99 5.98 -28.73 -2.79
C LEU L 99 5.48 -28.12 -1.48
N THR L 100 4.57 -28.83 -0.81
CA THR L 100 4.07 -28.50 0.53
C THR L 100 4.11 -29.77 1.37
N THR L 101 4.61 -29.69 2.60
CA THR L 101 4.84 -30.87 3.44
C THR L 101 3.78 -30.98 4.51
N SER L 102 3.81 -32.10 5.22
CA SER L 102 2.88 -32.47 6.32
C SER L 102 3.17 -31.59 7.55
N LYS L 103 4.21 -30.76 7.53
CA LYS L 103 4.57 -29.87 8.67
C LYS L 103 4.39 -28.42 8.25
N GLY L 104 3.80 -28.16 7.08
CA GLY L 104 3.48 -26.79 6.63
C GLY L 104 4.70 -26.09 6.03
N LYS L 105 5.83 -26.79 5.84
CA LYS L 105 6.95 -26.24 5.06
C LYS L 105 6.52 -26.20 3.60
N SER L 106 7.05 -25.28 2.84
CA SER L 106 6.81 -25.29 1.38
C SER L 106 7.95 -24.59 0.63
N ILE L 107 8.09 -24.90 -0.66
CA ILE L 107 9.07 -24.24 -1.57
C ILE L 107 8.41 -24.07 -2.92
N MET L 108 8.93 -23.15 -3.69
CA MET L 108 8.37 -22.74 -5.00
C MET L 108 9.59 -22.38 -5.85
N ALA L 109 9.78 -23.03 -6.98
CA ALA L 109 11.03 -22.94 -7.77
C ALA L 109 10.61 -22.80 -9.22
N GLY L 110 11.13 -21.78 -9.91
CA GLY L 110 10.90 -21.55 -11.33
C GLY L 110 9.48 -21.08 -11.59
N TYR L 111 8.95 -21.47 -12.76
CA TYR L 111 7.80 -20.81 -13.43
C TYR L 111 6.73 -21.86 -13.70
N PHE L 112 5.49 -21.40 -13.91
CA PHE L 112 4.31 -22.29 -14.07
C PHE L 112 3.39 -21.69 -15.14
N GLU L 113 3.96 -21.15 -16.23
CA GLU L 113 3.18 -20.36 -17.22
C GLU L 113 2.57 -21.28 -18.29
N GLU L 114 3.04 -22.51 -18.53
CA GLU L 114 2.43 -23.35 -19.60
C GLU L 114 1.55 -24.48 -19.05
N SER L 115 2.14 -25.58 -18.57
CA SER L 115 1.40 -26.81 -18.19
C SER L 115 1.73 -27.22 -16.76
N LEU L 116 0.80 -27.91 -16.08
CA LEU L 116 0.91 -28.27 -14.65
C LEU L 116 0.52 -29.73 -14.47
N ILE L 117 1.12 -30.40 -13.51
CA ILE L 117 0.57 -31.68 -12.99
C ILE L 117 0.49 -31.51 -11.47
N THR L 118 -0.61 -31.90 -10.85
CA THR L 118 -0.70 -32.14 -9.41
C THR L 118 -0.49 -33.62 -9.24
N THR L 119 0.60 -34.00 -8.59
CA THR L 119 1.03 -35.40 -8.48
C THR L 119 0.36 -36.07 -7.27
N TYR L 120 0.56 -37.38 -7.24
CA TYR L 120 0.41 -38.26 -6.06
C TYR L 120 1.16 -37.64 -4.89
N THR L 121 0.74 -38.01 -3.69
CA THR L 121 1.34 -37.54 -2.41
C THR L 121 1.92 -38.74 -1.69
N GLY L 122 2.66 -38.51 -0.62
CA GLY L 122 3.25 -39.56 0.24
C GLY L 122 4.67 -39.21 0.62
N LYS L 123 5.42 -40.18 1.16
CA LYS L 123 6.82 -40.00 1.60
C LYS L 123 7.70 -39.97 0.33
N LEU L 124 8.34 -38.84 0.04
CA LEU L 124 9.18 -38.72 -1.18
C LEU L 124 10.47 -39.54 -1.01
N ALA L 125 10.66 -40.47 -1.97
CA ALA L 125 11.63 -41.59 -1.97
C ALA L 125 12.67 -41.46 -3.07
N GLY L 126 12.30 -40.84 -4.21
CA GLY L 126 13.29 -40.62 -5.28
C GLY L 126 12.75 -39.75 -6.38
N ILE L 127 13.59 -39.51 -7.40
CA ILE L 127 13.18 -38.77 -8.63
C ILE L 127 13.78 -39.48 -9.84
N LYS L 128 13.16 -39.35 -11.01
CA LYS L 128 13.69 -39.91 -12.27
C LYS L 128 13.30 -38.94 -13.39
N GLY L 129 14.09 -38.89 -14.46
CA GLY L 129 13.74 -38.11 -15.65
C GLY L 129 14.92 -38.01 -16.58
N GLY L 130 15.04 -36.89 -17.30
CA GLY L 130 16.22 -36.61 -18.13
C GLY L 130 16.67 -35.17 -18.02
N ALA L 131 17.97 -34.94 -18.16
CA ALA L 131 18.62 -33.62 -18.02
C ALA L 131 19.81 -33.51 -18.98
N GLY L 132 20.12 -32.28 -19.39
CA GLY L 132 21.38 -31.89 -20.04
C GLY L 132 21.77 -30.49 -19.60
N SER L 133 21.65 -29.51 -20.49
CA SER L 133 21.73 -28.07 -20.13
C SER L 133 20.56 -27.68 -19.22
N ASP L 134 19.42 -28.36 -19.38
CA ASP L 134 18.14 -28.05 -18.71
C ASP L 134 17.63 -29.34 -18.07
N ILE L 135 16.63 -29.29 -17.20
CA ILE L 135 15.88 -30.51 -16.82
C ILE L 135 14.83 -30.74 -17.91
N ASP L 136 15.00 -31.78 -18.74
CA ASP L 136 14.10 -32.04 -19.88
C ASP L 136 12.78 -32.56 -19.34
N ARG L 137 12.84 -33.42 -18.33
CA ARG L 137 11.67 -34.21 -17.89
C ARG L 137 11.91 -34.59 -16.44
N LEU L 138 10.86 -34.60 -15.60
CA LEU L 138 10.99 -34.93 -14.16
C LEU L 138 9.74 -35.66 -13.70
N GLY L 139 9.92 -36.70 -12.89
CA GLY L 139 8.83 -37.47 -12.26
C GLY L 139 9.22 -37.82 -10.84
N LEU L 140 8.30 -37.68 -9.90
CA LEU L 140 8.58 -37.97 -8.47
C LEU L 140 8.27 -39.44 -8.22
N ILE L 141 8.84 -39.97 -7.14
CA ILE L 141 8.65 -41.38 -6.69
C ILE L 141 8.40 -41.39 -5.18
N PHE L 142 7.35 -42.07 -4.74
CA PHE L 142 6.86 -42.10 -3.34
C PHE L 142 6.88 -43.55 -2.82
N LEU L 143 6.81 -43.76 -1.50
CA LEU L 143 6.66 -45.11 -0.83
C LEU L 143 5.18 -45.52 -0.81
N LYS L 144 4.84 -46.57 -0.03
CA LYS L 144 3.47 -47.05 0.28
C LYS L 144 3.39 -47.46 1.76
N ASP M 5 -15.16 -9.31 49.38
CA ASP M 5 -16.44 -9.55 48.68
C ASP M 5 -16.27 -10.82 47.82
N ASN M 6 -17.32 -11.17 47.05
CA ASN M 6 -17.31 -12.21 45.97
C ASN M 6 -17.12 -11.53 44.59
N TYR M 7 -16.68 -10.26 44.58
CA TYR M 7 -16.57 -9.39 43.39
C TYR M 7 -15.10 -9.01 43.11
N ILE M 8 -14.74 -8.81 41.84
CA ILE M 8 -13.40 -8.33 41.37
C ILE M 8 -13.58 -6.91 40.82
N TYR M 9 -12.82 -5.94 41.31
CA TYR M 9 -12.93 -4.52 40.94
C TYR M 9 -11.83 -4.14 39.96
N SER M 10 -12.11 -3.98 38.65
CA SER M 10 -11.16 -3.37 37.68
C SER M 10 -10.85 -1.93 38.11
N THR M 11 -9.66 -1.45 37.82
CA THR M 11 -9.24 -0.03 37.97
C THR M 11 -10.30 0.93 37.40
N GLU M 12 -10.71 1.86 38.23
CA GLU M 12 -11.46 3.06 37.80
C GLU M 12 -10.48 3.90 37.03
N VAL M 13 -10.74 4.20 35.75
CA VAL M 13 -9.84 5.06 34.94
C VAL M 13 -10.53 6.39 34.64
N GLY M 14 -9.75 7.43 34.43
CA GLY M 14 -10.21 8.80 34.11
C GLY M 14 -9.77 9.79 35.17
N GLY M 15 -10.58 10.81 35.40
CA GLY M 15 -10.27 11.91 36.31
C GLY M 15 -10.90 11.71 37.67
N VAL M 16 -10.75 12.71 38.52
CA VAL M 16 -11.09 12.65 39.98
C VAL M 16 -12.41 13.43 40.18
N GLY M 17 -12.88 14.14 39.15
CA GLY M 17 -14.12 14.93 39.13
C GLY M 17 -15.39 14.12 39.33
N GLY M 18 -16.53 14.82 39.26
CA GLY M 18 -17.91 14.30 39.30
C GLY M 18 -18.35 13.68 40.63
N THR M 19 -19.63 13.38 40.70
CA THR M 19 -20.30 12.72 41.84
C THR M 19 -20.06 11.22 41.78
N PRO M 20 -19.53 10.58 42.83
CA PRO M 20 -19.48 9.11 42.89
C PRO M 20 -20.77 8.38 42.55
N PHE M 21 -20.64 7.18 42.00
CA PHE M 21 -21.74 6.21 41.75
C PHE M 21 -21.18 4.81 41.96
N THR M 22 -22.02 3.92 42.50
CA THR M 22 -21.74 2.46 42.56
C THR M 22 -23.05 1.73 42.27
N PHE M 23 -23.10 0.97 41.18
CA PHE M 23 -24.26 0.17 40.73
C PHE M 23 -23.90 -1.33 40.86
N MET M 24 -24.38 -1.98 41.93
CA MET M 24 -24.38 -3.44 42.19
C MET M 24 -25.72 -3.83 42.83
N GLN M 25 -26.05 -5.12 42.80
CA GLN M 25 -27.25 -5.74 43.43
C GLN M 25 -26.80 -7.11 43.95
N GLU M 26 -26.99 -7.37 45.26
CA GLU M 26 -26.78 -8.70 45.88
C GLU M 26 -27.51 -9.73 45.00
N SER M 27 -26.81 -10.86 44.76
CA SER M 27 -27.24 -12.06 44.02
C SER M 27 -27.80 -11.71 42.63
N GLY M 28 -27.33 -10.62 42.00
CA GLY M 28 -27.77 -10.20 40.64
C GLY M 28 -26.60 -9.78 39.76
N THR M 29 -26.81 -9.71 38.43
CA THR M 29 -25.79 -9.30 37.44
C THR M 29 -26.42 -8.35 36.41
N ILE M 30 -25.59 -7.59 35.70
CA ILE M 30 -26.06 -6.59 34.71
C ILE M 30 -26.67 -7.33 33.52
N THR M 31 -27.86 -6.92 33.09
CA THR M 31 -28.56 -7.56 31.94
C THR M 31 -28.53 -6.62 30.73
N SER M 32 -28.42 -5.30 30.98
CA SER M 32 -28.38 -4.34 29.86
C SER M 32 -27.54 -3.13 30.28
N ILE M 33 -26.74 -2.61 29.36
CA ILE M 33 -25.95 -1.38 29.60
C ILE M 33 -26.05 -0.48 28.37
N LYS M 34 -26.20 0.83 28.59
CA LYS M 34 -26.33 1.81 27.48
C LYS M 34 -25.25 2.87 27.65
N PHE M 35 -24.60 3.27 26.55
CA PHE M 35 -23.57 4.33 26.56
C PHE M 35 -23.99 5.44 25.63
N ASN M 36 -23.88 6.67 26.12
CA ASN M 36 -24.28 7.87 25.37
C ASN M 36 -23.03 8.74 25.22
N TRP M 37 -22.69 9.18 24.01
CA TRP M 37 -21.43 9.94 23.79
C TRP M 37 -21.61 10.97 22.66
N SER M 38 -20.67 11.89 22.54
CA SER M 38 -20.75 13.00 21.55
C SER M 38 -19.51 12.99 20.63
N ASP M 39 -19.68 13.41 19.38
CA ASP M 39 -18.55 13.74 18.49
C ASP M 39 -18.00 15.10 18.90
N GLN M 40 -18.83 15.95 19.51
CA GLN M 40 -18.38 17.34 19.87
C GLN M 40 -17.22 17.26 20.88
N TYR M 41 -17.30 16.46 21.93
CA TYR M 41 -16.30 16.41 23.02
C TYR M 41 -15.51 15.09 23.00
N LYS M 42 -15.86 14.13 22.18
CA LYS M 42 -15.15 12.81 22.10
C LYS M 42 -15.06 12.16 23.49
N LEU M 43 -16.15 12.20 24.24
CA LEU M 43 -16.32 11.68 25.62
C LEU M 43 -17.61 10.89 25.73
N LEU M 44 -17.67 9.95 26.69
CA LEU M 44 -18.92 9.42 27.26
C LEU M 44 -19.53 10.50 28.15
N HIS M 45 -20.85 10.67 28.08
CA HIS M 45 -21.59 11.63 28.96
C HIS M 45 -22.54 10.90 29.91
N HIS M 46 -23.06 9.73 29.58
CA HIS M 46 -24.16 9.12 30.32
C HIS M 46 -24.12 7.61 30.17
N ILE M 47 -24.45 6.89 31.22
CA ILE M 47 -24.51 5.40 31.24
C ILE M 47 -25.78 5.02 32.00
N GLU M 48 -26.51 4.01 31.51
CA GLU M 48 -27.64 3.36 32.22
C GLU M 48 -27.39 1.87 32.31
N VAL M 49 -27.89 1.24 33.36
CA VAL M 49 -27.65 -0.21 33.64
C VAL M 49 -28.96 -0.76 34.22
N LYS M 50 -29.37 -1.95 33.77
CA LYS M 50 -30.50 -2.73 34.36
C LYS M 50 -29.89 -4.03 34.88
N PHE M 51 -30.50 -4.62 35.90
CA PHE M 51 -30.00 -5.90 36.48
C PHE M 51 -31.06 -6.96 36.28
N ILE M 52 -30.64 -8.22 36.14
CA ILE M 52 -31.58 -9.38 36.06
C ILE M 52 -32.58 -9.24 37.23
N ASN M 53 -33.88 -9.44 36.96
CA ASN M 53 -35.00 -9.46 37.94
C ASN M 53 -35.21 -8.09 38.60
N ASN M 54 -35.06 -6.99 37.88
CA ASN M 54 -35.17 -5.63 38.48
C ASN M 54 -35.39 -4.61 37.36
N ALA M 55 -36.65 -4.17 37.27
CA ALA M 55 -37.20 -3.26 36.24
C ALA M 55 -36.64 -1.84 36.39
N ASN M 56 -35.95 -1.54 37.50
CA ASN M 56 -35.30 -0.22 37.70
C ASN M 56 -34.11 -0.04 36.74
N ILE M 57 -34.00 1.21 36.27
CA ILE M 57 -32.89 1.78 35.46
C ILE M 57 -32.00 2.65 36.36
N TYR M 58 -30.77 2.21 36.61
CA TYR M 58 -29.73 3.00 37.33
C TYR M 58 -28.90 3.81 36.30
N ALA M 59 -28.95 5.13 36.41
CA ALA M 59 -28.34 6.09 35.46
C ALA M 59 -27.37 7.03 36.17
N THR M 60 -26.42 7.56 35.41
CA THR M 60 -25.42 8.54 35.89
C THR M 60 -24.92 9.38 34.71
N GLY M 61 -24.59 10.63 34.97
CA GLY M 61 -24.19 11.58 33.94
C GLY M 61 -25.36 12.20 33.19
N ASP M 62 -25.08 13.25 32.41
CA ASP M 62 -26.06 14.07 31.66
C ASP M 62 -26.23 13.46 30.25
N PRO M 63 -27.45 13.00 29.88
CA PRO M 63 -27.68 12.31 28.62
C PRO M 63 -27.64 13.15 27.34
N LYS M 64 -26.54 13.83 27.04
CA LYS M 64 -26.56 14.95 26.05
C LYS M 64 -25.96 14.60 24.68
N GLY M 65 -25.56 13.39 24.45
CA GLY M 65 -24.68 13.05 23.26
C GLY M 65 -25.51 12.74 22.01
N ASN M 66 -24.91 12.79 20.81
CA ASN M 66 -25.55 12.49 19.50
C ASN M 66 -25.57 10.99 19.18
N HIS M 67 -24.90 10.12 19.97
CA HIS M 67 -24.83 8.64 19.76
C HIS M 67 -25.22 7.84 21.03
N GLU M 68 -25.87 6.68 20.85
CA GLU M 68 -26.33 5.77 21.94
C GLU M 68 -26.01 4.34 21.47
N VAL M 69 -25.44 3.45 22.30
CA VAL M 69 -25.47 2.00 22.00
C VAL M 69 -26.01 1.28 23.21
N ILE M 70 -26.73 0.18 22.98
CA ILE M 70 -27.19 -0.71 24.06
C ILE M 70 -26.61 -2.10 23.82
N LEU M 71 -26.13 -2.75 24.85
CA LEU M 71 -25.76 -4.17 24.82
C LEU M 71 -26.65 -4.92 25.81
N GLU M 72 -27.44 -5.87 25.33
CA GLU M 72 -28.21 -6.80 26.20
C GLU M 72 -27.33 -8.03 26.44
N ILE M 73 -27.40 -8.63 27.63
CA ILE M 73 -26.50 -9.75 28.02
C ILE M 73 -27.36 -10.91 28.52
N ASP M 74 -27.33 -11.99 27.73
CA ASP M 74 -28.03 -13.26 28.06
C ASP M 74 -27.52 -13.68 29.44
N ASP M 75 -28.30 -14.47 30.18
CA ASP M 75 -28.03 -14.76 31.62
C ASP M 75 -26.74 -15.60 31.72
N ASP M 76 -26.36 -16.40 30.71
CA ASP M 76 -25.16 -17.28 30.77
C ASP M 76 -23.97 -16.65 30.04
N GLU M 77 -24.03 -15.36 29.68
CA GLU M 77 -23.10 -14.68 28.75
C GLU M 77 -22.05 -13.87 29.52
N THR M 78 -20.76 -14.09 29.21
CA THR M 78 -19.61 -13.41 29.90
C THR M 78 -18.98 -12.36 29.00
N ILE M 79 -18.25 -11.43 29.58
CA ILE M 79 -17.33 -10.52 28.85
C ILE M 79 -15.99 -11.24 28.70
N ILE M 80 -15.56 -11.51 27.46
CA ILE M 80 -14.26 -12.17 27.19
C ILE M 80 -13.23 -11.16 26.72
N GLY M 81 -13.61 -9.92 26.44
CA GLY M 81 -12.68 -8.87 25.99
C GLY M 81 -13.23 -7.49 26.31
N SER M 82 -12.45 -6.61 26.92
CA SER M 82 -12.99 -5.35 27.43
C SER M 82 -11.87 -4.32 27.38
N VAL M 83 -12.16 -3.17 26.73
CA VAL M 83 -11.25 -2.03 26.68
C VAL M 83 -12.00 -0.75 27.05
N ILE M 84 -11.44 0.04 27.96
CA ILE M 84 -11.98 1.41 28.24
C ILE M 84 -10.94 2.42 27.85
N GLY M 85 -11.37 3.41 27.08
CA GLY M 85 -10.53 4.54 26.69
C GLY M 85 -10.77 5.68 27.63
N TYR M 86 -9.75 6.48 27.90
CA TYR M 86 -9.82 7.61 28.85
C TYR M 86 -8.72 8.63 28.56
N LYS M 87 -8.95 9.86 28.99
CA LYS M 87 -7.89 10.89 29.22
C LYS M 87 -7.39 10.75 30.64
N LYS M 88 -6.07 10.60 30.81
CA LYS M 88 -5.40 10.44 32.14
C LYS M 88 -5.31 11.83 32.74
N GLY M 89 -5.06 11.93 34.03
CA GLY M 89 -4.89 13.21 34.77
C GLY M 89 -5.93 13.35 35.84
N ASN M 90 -5.73 14.27 36.80
CA ASN M 90 -6.77 14.63 37.81
C ASN M 90 -7.98 15.22 37.03
N ASP M 91 -7.77 15.96 35.93
CA ASP M 91 -8.89 16.55 35.12
C ASP M 91 -9.26 15.57 34.00
N GLY M 92 -9.05 14.27 34.22
CA GLY M 92 -9.33 13.21 33.23
C GLY M 92 -10.82 12.97 33.02
N ARG M 93 -11.12 12.06 32.10
CA ARG M 93 -12.48 11.72 31.60
C ARG M 93 -12.44 10.34 30.97
N CYS M 94 -13.58 9.66 30.93
CA CYS M 94 -13.77 8.36 30.27
C CYS M 94 -14.29 8.61 28.84
N THR M 95 -13.65 8.00 27.86
CA THR M 95 -13.68 8.44 26.45
C THR M 95 -14.45 7.39 25.61
N GLY M 96 -14.39 6.12 25.97
CA GLY M 96 -14.99 5.06 25.18
C GLY M 96 -14.98 3.73 25.91
N VAL M 97 -15.81 2.78 25.45
CA VAL M 97 -15.84 1.38 25.94
C VAL M 97 -16.08 0.48 24.73
N LYS M 98 -15.27 -0.61 24.64
CA LYS M 98 -15.38 -1.73 23.66
C LYS M 98 -15.59 -2.95 24.57
N LEU M 99 -16.67 -3.70 24.38
CA LEU M 99 -16.90 -5.02 25.04
C LEU M 99 -17.14 -6.05 23.95
N THR M 100 -16.68 -7.27 24.20
CA THR M 100 -16.91 -8.47 23.37
C THR M 100 -17.35 -9.58 24.31
N THR M 101 -18.40 -10.31 23.96
CA THR M 101 -19.01 -11.32 24.86
C THR M 101 -18.63 -12.72 24.41
N SER M 102 -18.97 -13.69 25.23
CA SER M 102 -18.73 -15.14 25.03
C SER M 102 -19.63 -15.67 23.90
N LYS M 103 -20.55 -14.86 23.38
CA LYS M 103 -21.47 -15.28 22.28
C LYS M 103 -21.16 -14.47 21.03
N GLY M 104 -20.06 -13.72 21.01
CA GLY M 104 -19.61 -12.99 19.81
C GLY M 104 -20.36 -11.70 19.60
N LYS M 105 -21.16 -11.27 20.56
CA LYS M 105 -21.76 -9.90 20.53
C LYS M 105 -20.63 -8.93 20.81
N SER M 106 -20.73 -7.73 20.23
CA SER M 106 -19.77 -6.69 20.64
C SER M 106 -20.36 -5.29 20.44
N ILE M 107 -19.82 -4.32 21.16
CA ILE M 107 -20.18 -2.88 21.02
C ILE M 107 -18.90 -2.08 21.13
N MET M 108 -18.95 -0.89 20.56
CA MET M 108 -17.84 0.07 20.54
C MET M 108 -18.52 1.43 20.70
N ALA M 109 -18.17 2.18 21.73
CA ALA M 109 -18.85 3.42 22.10
C ALA M 109 -17.78 4.47 22.37
N GLY M 110 -17.88 5.63 21.77
CA GLY M 110 -16.96 6.75 21.91
C GLY M 110 -15.64 6.48 21.25
N TYR M 111 -14.59 7.04 21.84
CA TYR M 111 -13.27 7.29 21.18
C TYR M 111 -12.20 6.63 22.04
N PHE M 112 -11.06 6.38 21.42
CA PHE M 112 -9.91 5.64 22.02
C PHE M 112 -8.60 6.31 21.58
N GLU M 113 -8.55 7.64 21.56
CA GLU M 113 -7.46 8.44 20.98
C GLU M 113 -6.31 8.64 21.99
N GLU M 114 -6.52 8.57 23.30
CA GLU M 114 -5.45 8.88 24.28
C GLU M 114 -4.98 7.60 24.99
N SER M 115 -5.71 7.10 26.00
CA SER M 115 -5.24 6.00 26.88
C SER M 115 -6.27 4.86 26.90
N LEU M 116 -5.81 3.65 27.20
CA LEU M 116 -6.61 2.40 27.16
C LEU M 116 -6.30 1.57 28.39
N ILE M 117 -7.27 0.84 28.89
CA ILE M 117 -7.01 -0.27 29.83
C ILE M 117 -7.74 -1.47 29.23
N THR M 118 -7.03 -2.61 29.18
CA THR M 118 -7.63 -3.92 28.90
C THR M 118 -7.89 -4.52 30.26
N THR M 119 -9.16 -4.71 30.60
CA THR M 119 -9.57 -5.09 31.95
C THR M 119 -9.59 -6.60 32.08
N TYR M 120 -10.00 -6.97 33.29
CA TYR M 120 -10.31 -8.33 33.74
C TYR M 120 -11.59 -8.73 33.02
N THR M 121 -11.72 -10.02 32.81
CA THR M 121 -12.89 -10.57 32.10
C THR M 121 -13.72 -11.35 33.11
N GLY M 122 -14.91 -11.80 32.73
CA GLY M 122 -15.80 -12.60 33.58
C GLY M 122 -17.24 -12.13 33.43
N LYS M 123 -18.12 -12.58 34.34
CA LYS M 123 -19.54 -12.20 34.36
C LYS M 123 -19.68 -10.76 34.87
N LEU M 124 -20.11 -9.82 34.02
CA LEU M 124 -20.19 -8.39 34.43
C LEU M 124 -21.37 -8.22 35.39
N ALA M 125 -21.05 -7.67 36.58
CA ALA M 125 -21.85 -7.61 37.82
C ALA M 125 -22.20 -6.18 38.21
N GLY M 126 -21.34 -5.22 37.90
CA GLY M 126 -21.64 -3.81 38.20
C GLY M 126 -20.63 -2.85 37.62
N ILE M 127 -20.86 -1.55 37.86
CA ILE M 127 -19.91 -0.47 37.47
C ILE M 127 -19.79 0.52 38.62
N LYS M 128 -18.68 1.22 38.75
CA LYS M 128 -18.48 2.28 39.76
C LYS M 128 -17.59 3.36 39.12
N GLY M 129 -17.74 4.60 39.55
CA GLY M 129 -16.84 5.70 39.13
C GLY M 129 -17.42 7.04 39.53
N GLY M 130 -17.20 8.07 38.74
CA GLY M 130 -17.80 9.40 38.94
C GLY M 130 -18.29 10.02 37.66
N ALA M 131 -19.36 10.80 37.74
CA ALA M 131 -20.03 11.45 36.59
C ALA M 131 -20.61 12.79 37.00
N GLY M 132 -20.71 13.71 36.03
CA GLY M 132 -21.43 14.99 36.13
C GLY M 132 -22.03 15.32 34.78
N SER M 133 -21.48 16.32 34.10
CA SER M 133 -21.80 16.59 32.67
C SER M 133 -21.28 15.45 31.79
N ASP M 134 -20.20 14.80 32.22
CA ASP M 134 -19.45 13.79 31.45
C ASP M 134 -19.28 12.58 32.39
N ILE M 135 -18.84 11.43 31.86
CA ILE M 135 -18.36 10.34 32.76
C ILE M 135 -16.90 10.66 33.11
N ASP M 136 -16.60 11.03 34.34
CA ASP M 136 -15.24 11.47 34.76
C ASP M 136 -14.35 10.25 34.84
N ARG M 137 -14.89 9.14 35.36
CA ARG M 137 -14.05 7.98 35.74
C ARG M 137 -14.96 6.75 35.72
N LEU M 138 -14.47 5.60 35.27
CA LEU M 138 -15.30 4.37 35.15
C LEU M 138 -14.44 3.13 35.43
N GLY M 139 -14.97 2.20 36.21
CA GLY M 139 -14.35 0.91 36.53
C GLY M 139 -15.41 -0.19 36.47
N LEU M 140 -15.08 -1.32 35.85
CA LEU M 140 -16.02 -2.45 35.76
C LEU M 140 -15.86 -3.32 37.02
N ILE M 141 -16.88 -4.14 37.29
CA ILE M 141 -16.93 -5.08 38.44
C ILE M 141 -17.46 -6.43 37.95
N PHE M 142 -16.75 -7.51 38.24
CA PHE M 142 -17.05 -8.88 37.76
C PHE M 142 -17.28 -9.82 38.96
N LEU M 143 -17.89 -11.00 38.76
CA LEU M 143 -18.00 -12.10 39.77
C LEU M 143 -16.66 -12.90 39.91
N LYS M 144 -16.56 -13.82 40.87
CA LYS M 144 -15.43 -14.80 40.98
C LYS M 144 -16.03 -16.23 40.94
N ASP N 5 -42.10 -13.98 33.23
CA ASP N 5 -42.92 -14.84 32.33
C ASP N 5 -42.02 -16.00 31.84
N ASN N 6 -42.42 -16.71 30.76
CA ASN N 6 -41.54 -17.63 29.96
C ASN N 6 -40.99 -16.90 28.72
N TYR N 7 -41.17 -15.58 28.63
CA TYR N 7 -40.67 -14.74 27.51
C TYR N 7 -39.61 -13.73 28.01
N ILE N 8 -38.62 -13.42 27.17
CA ILE N 8 -37.59 -12.35 27.41
C ILE N 8 -37.89 -11.19 26.45
N TYR N 9 -38.05 -9.98 26.97
CA TYR N 9 -38.41 -8.81 26.12
C TYR N 9 -37.17 -7.95 25.88
N SER N 10 -36.58 -7.94 24.68
CA SER N 10 -35.51 -6.95 24.31
C SER N 10 -36.15 -5.56 24.36
N THR N 11 -35.35 -4.55 24.66
CA THR N 11 -35.72 -3.11 24.54
C THR N 11 -36.40 -2.80 23.20
N GLU N 12 -37.59 -2.22 23.27
CA GLU N 12 -38.22 -1.54 22.13
C GLU N 12 -37.38 -0.31 21.87
N VAL N 13 -36.81 -0.16 20.68
CA VAL N 13 -35.96 1.02 20.36
C VAL N 13 -36.66 1.83 19.28
N GLY N 14 -36.40 3.13 19.30
CA GLY N 14 -36.99 4.10 18.37
C GLY N 14 -37.79 5.16 19.07
N GLY N 15 -38.81 5.65 18.39
CA GLY N 15 -39.66 6.75 18.88
C GLY N 15 -40.90 6.23 19.57
N VAL N 16 -41.76 7.17 19.95
CA VAL N 16 -42.96 6.92 20.79
C VAL N 16 -44.20 6.98 19.88
N GLY N 17 -44.02 7.37 18.61
CA GLY N 17 -45.08 7.53 17.59
C GLY N 17 -45.76 6.21 17.23
N GLY N 18 -46.67 6.30 16.25
CA GLY N 18 -47.38 5.16 15.62
C GLY N 18 -48.39 4.44 16.54
N THR N 19 -49.10 3.51 15.92
CA THR N 19 -50.07 2.61 16.57
C THR N 19 -49.33 1.43 17.16
N PRO N 20 -49.48 1.11 18.46
CA PRO N 20 -48.93 -0.14 19.02
C PRO N 20 -49.29 -1.41 18.22
N PHE N 21 -48.42 -2.41 18.30
CA PHE N 21 -48.61 -3.79 17.79
C PHE N 21 -47.88 -4.74 18.74
N THR N 22 -48.46 -5.92 18.93
CA THR N 22 -47.81 -7.07 19.60
C THR N 22 -48.20 -8.31 18.83
N PHE N 23 -47.20 -9.02 18.30
CA PHE N 23 -47.34 -10.29 17.54
C PHE N 23 -46.72 -11.40 18.39
N MET N 24 -47.54 -12.20 19.11
CA MET N 24 -47.15 -13.42 19.84
C MET N 24 -48.24 -14.49 19.75
N GLN N 25 -47.91 -15.68 20.20
CA GLN N 25 -48.95 -16.72 20.22
C GLN N 25 -48.50 -17.71 21.28
N GLU N 26 -49.46 -18.19 22.07
CA GLU N 26 -49.27 -19.24 23.13
C GLU N 26 -48.75 -20.49 22.41
N SER N 27 -47.73 -21.14 23.02
CA SER N 27 -47.07 -22.39 22.61
C SER N 27 -46.61 -22.34 21.13
N GLY N 28 -46.25 -21.16 20.62
CA GLY N 28 -45.85 -20.96 19.20
C GLY N 28 -44.64 -20.03 19.08
N THR N 29 -43.94 -20.09 17.94
CA THR N 29 -42.76 -19.23 17.62
C THR N 29 -42.87 -18.74 16.18
N ILE N 30 -42.09 -17.72 15.81
CA ILE N 30 -42.05 -17.15 14.42
C ILE N 30 -41.29 -18.11 13.50
N THR N 31 -41.90 -18.41 12.34
CA THR N 31 -41.28 -19.19 11.21
C THR N 31 -40.94 -18.29 10.01
N SER N 32 -41.53 -17.11 9.91
CA SER N 32 -41.19 -16.20 8.79
C SER N 32 -41.33 -14.74 9.24
N ILE N 33 -40.39 -13.89 8.85
CA ILE N 33 -40.44 -12.43 9.15
C ILE N 33 -39.96 -11.68 7.89
N LYS N 34 -40.65 -10.61 7.53
CA LYS N 34 -40.32 -9.81 6.34
C LYS N 34 -40.12 -8.36 6.76
N PHE N 35 -39.08 -7.70 6.25
CA PHE N 35 -38.80 -6.26 6.49
C PHE N 35 -38.83 -5.53 5.16
N ASN N 36 -39.54 -4.42 5.13
CA ASN N 36 -39.73 -3.57 3.93
C ASN N 36 -39.13 -2.20 4.26
N TRP N 37 -38.24 -1.67 3.41
CA TRP N 37 -37.55 -0.40 3.71
C TRP N 37 -37.30 0.40 2.44
N SER N 38 -36.93 1.66 2.58
CA SER N 38 -36.71 2.57 1.43
C SER N 38 -35.29 3.14 1.46
N ASP N 39 -34.71 3.38 0.29
CA ASP N 39 -33.46 4.19 0.19
C ASP N 39 -33.88 5.66 0.34
N GLN N 40 -35.13 6.01 0.01
CA GLN N 40 -35.61 7.42 0.06
C GLN N 40 -35.50 7.97 1.49
N TYR N 41 -35.97 7.27 2.51
CA TYR N 41 -36.03 7.76 3.91
C TYR N 41 -35.04 7.03 4.82
N LYS N 42 -34.37 5.97 4.34
CA LYS N 42 -33.40 5.17 5.13
C LYS N 42 -34.04 4.70 6.45
N LEU N 43 -35.27 4.22 6.35
CA LEU N 43 -36.12 3.69 7.47
C LEU N 43 -36.72 2.35 7.05
N LEU N 44 -37.05 1.52 8.05
CA LEU N 44 -38.06 0.44 7.91
C LEU N 44 -39.46 1.06 7.85
N HIS N 45 -40.33 0.56 6.98
CA HIS N 45 -41.74 1.04 6.84
C HIS N 45 -42.76 -0.03 7.23
N HIS N 46 -42.45 -1.32 7.06
CA HIS N 46 -43.48 -2.38 7.15
C HIS N 46 -42.81 -3.69 7.57
N ILE N 47 -43.51 -4.48 8.38
CA ILE N 47 -43.04 -5.81 8.88
C ILE N 47 -44.23 -6.76 8.75
N GLU N 48 -44.00 -8.00 8.32
CA GLU N 48 -44.98 -9.12 8.34
C GLU N 48 -44.35 -10.31 9.07
N VAL N 49 -45.16 -11.12 9.73
CA VAL N 49 -44.72 -12.26 10.60
C VAL N 49 -45.73 -13.39 10.43
N LYS N 50 -45.29 -14.64 10.29
CA LYS N 50 -46.12 -15.88 10.32
C LYS N 50 -45.62 -16.71 11.50
N PHE N 51 -46.47 -17.53 12.10
CA PHE N 51 -46.08 -18.37 13.27
C PHE N 51 -46.26 -19.83 12.90
N ILE N 52 -45.47 -20.72 13.49
CA ILE N 52 -45.61 -22.19 13.29
C ILE N 52 -47.09 -22.54 13.53
N ASN N 53 -47.68 -23.38 12.65
CA ASN N 53 -49.06 -23.92 12.77
C ASN N 53 -50.12 -22.81 12.62
N ASN N 54 -49.91 -21.82 11.75
CA ASN N 54 -50.86 -20.68 11.62
C ASN N 54 -50.59 -19.93 10.32
N ALA N 55 -51.49 -20.17 9.35
CA ALA N 55 -51.44 -19.69 7.97
C ALA N 55 -51.67 -18.17 7.89
N ASN N 56 -52.13 -17.54 9.00
CA ASN N 56 -52.33 -16.07 9.05
C ASN N 56 -51.00 -15.30 8.97
N ILE N 57 -51.05 -14.19 8.25
CA ILE N 57 -49.97 -13.17 8.08
C ILE N 57 -50.31 -11.94 8.95
N TYR N 58 -49.55 -11.69 10.01
CA TYR N 58 -49.66 -10.48 10.87
C TYR N 58 -48.74 -9.38 10.34
N ALA N 59 -49.31 -8.25 9.97
CA ALA N 59 -48.61 -7.09 9.33
C ALA N 59 -48.79 -5.81 10.13
N THR N 60 -47.89 -4.86 9.96
CA THR N 60 -47.94 -3.51 10.58
C THR N 60 -47.12 -2.55 9.73
N GLY N 61 -47.52 -1.28 9.72
CA GLY N 61 -46.85 -0.25 8.91
C GLY N 61 -47.29 -0.27 7.46
N ASP N 62 -46.93 0.77 6.72
CA ASP N 62 -47.31 1.03 5.30
C ASP N 62 -46.25 0.39 4.40
N PRO N 63 -46.60 -0.60 3.55
CA PRO N 63 -45.60 -1.31 2.73
C PRO N 63 -45.09 -0.51 1.52
N LYS N 64 -44.43 0.63 1.74
CA LYS N 64 -44.17 1.63 0.68
C LYS N 64 -42.71 1.63 0.23
N GLY N 65 -41.86 0.73 0.72
CA GLY N 65 -40.42 0.77 0.40
C GLY N 65 -40.06 0.06 -0.89
N ASN N 66 -38.89 0.37 -1.45
CA ASN N 66 -38.37 -0.21 -2.72
C ASN N 66 -37.66 -1.57 -2.47
N HIS N 67 -37.42 -1.99 -1.22
CA HIS N 67 -36.72 -3.26 -0.85
C HIS N 67 -37.53 -4.10 0.16
N GLU N 68 -37.39 -5.44 0.09
CA GLU N 68 -38.08 -6.42 0.99
C GLU N 68 -37.05 -7.52 1.26
N VAL N 69 -36.87 -7.99 2.51
CA VAL N 69 -36.15 -9.27 2.74
C VAL N 69 -37.02 -10.15 3.61
N ILE N 70 -36.95 -11.44 3.37
CA ILE N 70 -37.71 -12.45 4.15
C ILE N 70 -36.70 -13.43 4.74
N LEU N 71 -36.85 -13.73 6.01
CA LEU N 71 -36.10 -14.82 6.67
C LEU N 71 -37.08 -15.89 7.12
N GLU N 72 -36.95 -17.09 6.61
CA GLU N 72 -37.71 -18.30 7.05
C GLU N 72 -36.86 -18.97 8.14
N ILE N 73 -37.49 -19.53 9.16
CA ILE N 73 -36.77 -20.08 10.35
C ILE N 73 -37.22 -21.50 10.60
N ASP N 74 -36.28 -22.44 10.42
CA ASP N 74 -36.49 -23.90 10.67
C ASP N 74 -36.94 -23.99 12.12
N ASP N 75 -37.66 -25.05 12.49
CA ASP N 75 -38.33 -25.17 13.81
C ASP N 75 -37.27 -25.26 14.93
N ASP N 76 -36.06 -25.76 14.66
CA ASP N 76 -35.00 -25.93 15.71
C ASP N 76 -33.95 -24.79 15.61
N GLU N 77 -34.23 -23.72 14.89
CA GLU N 77 -33.26 -22.66 14.51
C GLU N 77 -33.39 -21.43 15.42
N THR N 78 -32.29 -20.98 16.02
CA THR N 78 -32.26 -19.83 16.96
C THR N 78 -31.62 -18.61 16.32
N ILE N 79 -31.87 -17.42 16.87
CA ILE N 79 -31.13 -16.18 16.54
C ILE N 79 -29.90 -16.13 17.46
N ILE N 80 -28.70 -16.16 16.90
CA ILE N 80 -27.44 -16.11 17.71
C ILE N 80 -26.82 -14.73 17.64
N GLY N 81 -27.33 -13.84 16.79
CA GLY N 81 -26.78 -12.48 16.63
C GLY N 81 -27.85 -11.55 16.12
N SER N 82 -28.05 -10.40 16.76
CA SER N 82 -29.16 -9.52 16.36
C SER N 82 -28.76 -8.08 16.64
N VAL N 83 -28.88 -7.23 15.63
CA VAL N 83 -28.61 -5.78 15.74
C VAL N 83 -29.78 -4.99 15.13
N ILE N 84 -30.30 -4.02 15.86
CA ILE N 84 -31.33 -3.11 15.32
C ILE N 84 -30.75 -1.70 15.35
N GLY N 85 -30.87 -1.03 14.23
CA GLY N 85 -30.49 0.38 14.09
C GLY N 85 -31.73 1.23 14.28
N TYR N 86 -31.57 2.42 14.87
CA TYR N 86 -32.68 3.32 15.16
C TYR N 86 -32.18 4.75 15.33
N LYS N 87 -33.08 5.72 15.12
CA LYS N 87 -32.94 7.13 15.58
C LYS N 87 -33.53 7.22 16.98
N LYS N 88 -32.77 7.73 17.94
CA LYS N 88 -33.19 7.87 19.37
C LYS N 88 -34.06 9.10 19.46
N GLY N 89 -34.82 9.28 20.54
CA GLY N 89 -35.70 10.45 20.76
C GLY N 89 -37.16 10.07 20.80
N ASN N 90 -38.02 10.95 21.30
CA ASN N 90 -39.51 10.79 21.23
C ASN N 90 -39.91 10.73 19.74
N ASP N 91 -39.23 11.52 18.86
CA ASP N 91 -39.55 11.55 17.40
C ASP N 91 -38.72 10.47 16.67
N GLY N 92 -38.28 9.44 17.38
CA GLY N 92 -37.41 8.38 16.83
C GLY N 92 -38.09 7.46 15.82
N ARG N 93 -37.31 6.56 15.24
CA ARG N 93 -37.75 5.55 14.26
C ARG N 93 -36.81 4.34 14.32
N CYS N 94 -37.20 3.24 13.72
CA CYS N 94 -36.40 2.04 13.53
C CYS N 94 -35.85 2.05 12.09
N THR N 95 -34.52 1.97 11.94
CA THR N 95 -33.96 2.15 10.58
C THR N 95 -33.48 0.85 9.93
N GLY N 96 -33.03 -0.12 10.72
CA GLY N 96 -32.50 -1.36 10.13
C GLY N 96 -32.49 -2.51 11.10
N VAL N 97 -32.41 -3.73 10.57
CA VAL N 97 -32.26 -4.99 11.36
C VAL N 97 -31.26 -5.89 10.64
N LYS N 98 -30.31 -6.46 11.37
CA LYS N 98 -29.35 -7.51 10.94
C LYS N 98 -29.66 -8.68 11.90
N LEU N 99 -29.99 -9.86 11.37
CA LEU N 99 -30.14 -11.10 12.14
C LEU N 99 -29.21 -12.16 11.56
N THR N 100 -28.69 -13.04 12.43
CA THR N 100 -27.88 -14.21 12.09
C THR N 100 -28.41 -15.38 12.88
N THR N 101 -28.61 -16.54 12.24
CA THR N 101 -29.24 -17.71 12.90
C THR N 101 -28.17 -18.75 13.26
N SER N 102 -28.59 -19.76 14.00
CA SER N 102 -27.79 -20.90 14.48
C SER N 102 -27.44 -21.82 13.30
N LYS N 103 -27.95 -21.57 12.10
CA LYS N 103 -27.65 -22.38 10.89
C LYS N 103 -26.88 -21.56 9.89
N GLY N 104 -26.45 -20.35 10.25
CA GLY N 104 -25.62 -19.49 9.39
C GLY N 104 -26.43 -18.77 8.35
N LYS N 105 -27.75 -18.79 8.43
CA LYS N 105 -28.61 -17.90 7.59
C LYS N 105 -28.43 -16.49 8.13
N SER N 106 -28.53 -15.48 7.29
CA SER N 106 -28.51 -14.09 7.83
C SER N 106 -29.21 -13.13 6.85
N ILE N 107 -29.69 -12.00 7.37
CA ILE N 107 -30.38 -10.95 6.57
C ILE N 107 -29.96 -9.61 7.13
N MET N 108 -30.03 -8.60 6.29
CA MET N 108 -29.61 -7.22 6.61
C MET N 108 -30.65 -6.34 5.90
N ALA N 109 -31.33 -5.49 6.64
CA ALA N 109 -32.46 -4.70 6.12
C ALA N 109 -32.28 -3.27 6.58
N GLY N 110 -32.31 -2.34 5.61
CA GLY N 110 -32.25 -0.90 5.90
C GLY N 110 -30.84 -0.48 6.36
N TYR N 111 -30.76 0.54 7.22
CA TYR N 111 -29.59 1.41 7.43
C TYR N 111 -29.22 1.39 8.91
N PHE N 112 -27.96 1.77 9.20
CA PHE N 112 -27.38 1.70 10.56
C PHE N 112 -26.54 2.96 10.80
N GLU N 113 -27.06 4.12 10.43
CA GLU N 113 -26.33 5.41 10.43
C GLU N 113 -26.41 6.09 11.80
N GLU N 114 -27.38 5.84 12.68
CA GLU N 114 -27.43 6.61 13.98
C GLU N 114 -27.05 5.75 15.19
N SER N 115 -27.98 4.94 15.70
CA SER N 115 -27.86 4.21 17.00
C SER N 115 -28.10 2.71 16.78
N LEU N 116 -27.51 1.86 17.65
CA LEU N 116 -27.51 0.39 17.48
C LEU N 116 -27.86 -0.24 18.83
N ILE N 117 -28.56 -1.36 18.82
CA ILE N 117 -28.66 -2.23 20.01
C ILE N 117 -28.29 -3.62 19.52
N THR N 118 -27.44 -4.31 20.27
CA THR N 118 -27.18 -5.75 20.10
C THR N 118 -28.06 -6.39 21.16
N THR N 119 -29.04 -7.16 20.71
CA THR N 119 -30.07 -7.70 21.62
C THR N 119 -29.61 -9.03 22.21
N TYR N 120 -30.40 -9.47 23.17
CA TYR N 120 -30.51 -10.86 23.67
C TYR N 120 -30.68 -11.79 22.47
N THR N 121 -30.27 -13.03 22.65
CA THR N 121 -30.36 -14.10 21.63
C THR N 121 -31.33 -15.17 22.14
N GLY N 122 -31.67 -16.13 21.30
CA GLY N 122 -32.53 -17.27 21.66
C GLY N 122 -33.53 -17.55 20.55
N LYS N 123 -34.54 -18.38 20.84
CA LYS N 123 -35.61 -18.74 19.89
C LYS N 123 -36.56 -17.55 19.71
N LEU N 124 -36.61 -16.95 18.53
CA LEU N 124 -37.46 -15.75 18.30
C LEU N 124 -38.94 -16.18 18.27
N ALA N 125 -39.72 -15.55 19.17
CA ALA N 125 -41.09 -15.90 19.59
C ALA N 125 -42.10 -14.81 19.19
N GLY N 126 -41.66 -13.56 19.15
CA GLY N 126 -42.55 -12.47 18.71
C GLY N 126 -41.83 -11.16 18.56
N ILE N 127 -42.59 -10.14 18.16
CA ILE N 127 -42.10 -8.74 18.06
C ILE N 127 -43.18 -7.81 18.61
N LYS N 128 -42.78 -6.64 19.10
CA LYS N 128 -43.74 -5.62 19.59
C LYS N 128 -43.13 -4.27 19.27
N GLY N 129 -43.96 -3.26 19.08
CA GLY N 129 -43.49 -1.88 18.91
C GLY N 129 -44.60 -0.99 18.45
N GLY N 130 -44.27 0.02 17.66
CA GLY N 130 -45.28 0.88 17.01
C GLY N 130 -44.93 1.18 15.58
N ALA N 131 -45.95 1.31 14.75
CA ALA N 131 -45.74 1.58 13.33
C ALA N 131 -46.87 2.46 12.83
N GLY N 132 -46.62 3.19 11.76
CA GLY N 132 -47.60 4.07 11.11
C GLY N 132 -47.22 4.13 9.65
N SER N 133 -46.69 5.26 9.22
CA SER N 133 -46.20 5.37 7.83
C SER N 133 -44.82 4.70 7.76
N ASP N 134 -44.13 4.68 8.89
CA ASP N 134 -42.81 4.06 9.10
C ASP N 134 -42.88 3.16 10.34
N ILE N 135 -41.82 2.40 10.62
CA ILE N 135 -41.76 1.60 11.87
C ILE N 135 -41.18 2.57 12.90
N ASP N 136 -41.96 2.97 13.89
CA ASP N 136 -41.55 3.99 14.88
C ASP N 136 -40.60 3.35 15.88
N ARG N 137 -40.89 2.12 16.28
CA ARG N 137 -40.20 1.48 17.41
C ARG N 137 -40.32 -0.03 17.22
N LEU N 138 -39.29 -0.80 17.57
CA LEU N 138 -39.28 -2.27 17.43
C LEU N 138 -38.51 -2.91 18.58
N GLY N 139 -39.06 -3.98 19.15
CA GLY N 139 -38.44 -4.82 20.20
C GLY N 139 -38.67 -6.28 19.91
N LEU N 140 -37.64 -7.11 20.01
CA LEU N 140 -37.78 -8.56 19.74
C LEU N 140 -38.17 -9.23 21.06
N ILE N 141 -38.73 -10.44 20.94
CA ILE N 141 -39.19 -11.28 22.09
C ILE N 141 -38.74 -12.71 21.86
N PHE N 142 -38.09 -13.30 22.87
CA PHE N 142 -37.45 -14.63 22.80
C PHE N 142 -38.08 -15.57 23.86
N LEU N 143 -37.87 -16.89 23.74
CA LEU N 143 -38.23 -17.90 24.76
C LEU N 143 -37.18 -17.98 25.89
N LYS N 144 -37.28 -18.98 26.76
CA LYS N 144 -36.37 -19.28 27.91
C LYS N 144 -36.30 -20.79 28.06
#